data_3JVB
# 
_entry.id   3JVB 
# 
_audit_conform.dict_name       mmcif_pdbx.dic 
_audit_conform.dict_version    5.398 
_audit_conform.dict_location   http://mmcif.pdb.org/dictionaries/ascii/mmcif_pdbx.dic 
# 
loop_
_database_2.database_id 
_database_2.database_code 
_database_2.pdbx_database_accession 
_database_2.pdbx_DOI 
PDB   3JVB         pdb_00003jvb 10.2210/pdb3jvb/pdb 
RCSB  RCSB055204   ?            ?                   
WWPDB D_1000055204 ?            ?                   
# 
loop_
_pdbx_audit_revision_history.ordinal 
_pdbx_audit_revision_history.data_content_type 
_pdbx_audit_revision_history.major_revision 
_pdbx_audit_revision_history.minor_revision 
_pdbx_audit_revision_history.revision_date 
1 'Structure model' 1 0 2009-12-08 
2 'Structure model' 1 1 2011-07-13 
3 'Structure model' 1 2 2023-11-01 
4 'Structure model' 1 3 2024-11-13 
# 
_pdbx_audit_revision_details.ordinal             1 
_pdbx_audit_revision_details.revision_ordinal    1 
_pdbx_audit_revision_details.data_content_type   'Structure model' 
_pdbx_audit_revision_details.provider            repository 
_pdbx_audit_revision_details.type                'Initial release' 
_pdbx_audit_revision_details.description         ? 
_pdbx_audit_revision_details.details             ? 
# 
loop_
_pdbx_audit_revision_group.ordinal 
_pdbx_audit_revision_group.revision_ordinal 
_pdbx_audit_revision_group.data_content_type 
_pdbx_audit_revision_group.group 
1 2 'Structure model' 'Version format compliance' 
2 3 'Structure model' 'Data collection'           
3 3 'Structure model' 'Database references'       
4 3 'Structure model' 'Derived calculations'      
5 3 'Structure model' 'Refinement description'    
6 4 'Structure model' 'Structure summary'         
# 
loop_
_pdbx_audit_revision_category.ordinal 
_pdbx_audit_revision_category.revision_ordinal 
_pdbx_audit_revision_category.data_content_type 
_pdbx_audit_revision_category.category 
1 3 'Structure model' chem_comp_atom                
2 3 'Structure model' chem_comp_bond                
3 3 'Structure model' database_2                    
4 3 'Structure model' pdbx_initial_refinement_model 
5 3 'Structure model' struct_site                   
6 4 'Structure model' pdbx_entry_details            
7 4 'Structure model' pdbx_modification_feature     
# 
loop_
_pdbx_audit_revision_item.ordinal 
_pdbx_audit_revision_item.revision_ordinal 
_pdbx_audit_revision_item.data_content_type 
_pdbx_audit_revision_item.item 
1 3 'Structure model' '_database_2.pdbx_DOI'                
2 3 'Structure model' '_database_2.pdbx_database_accession' 
3 3 'Structure model' '_struct_site.pdbx_auth_asym_id'      
4 3 'Structure model' '_struct_site.pdbx_auth_comp_id'      
5 3 'Structure model' '_struct_site.pdbx_auth_seq_id'       
# 
_pdbx_database_status.status_code                     REL 
_pdbx_database_status.entry_id                        3JVB 
_pdbx_database_status.recvd_initial_deposition_date   2009-09-16 
_pdbx_database_status.deposit_site                    RCSB 
_pdbx_database_status.process_site                    PDBJ 
_pdbx_database_status.status_code_sf                  REL 
_pdbx_database_status.status_code_mr                  ? 
_pdbx_database_status.SG_entry                        ? 
_pdbx_database_status.pdb_format_compatible           Y 
_pdbx_database_status.status_code_cs                  ? 
_pdbx_database_status.status_code_nmr_data            ? 
_pdbx_database_status.methods_development_category    ? 
# 
_pdbx_database_related.db_name        PDB 
_pdbx_database_related.db_id          3JW6 
_pdbx_database_related.details        'AcMNPV polyhedrin (G25D mutant)' 
_pdbx_database_related.content_type   unspecified 
# 
loop_
_audit_author.name 
_audit_author.pdbx_ordinal 
'Coulibaly, F.' 1 
'Chiu, E.'      2 
'Metcalf, P.'   3 
# 
_citation.id                        primary 
_citation.title                     
'The atomic structure of baculovirus polyhedra reveals the independent emergence of infectious crystals in DNA and RNA viruses' 
_citation.journal_abbrev            Proc.Natl.Acad.Sci.USA 
_citation.journal_volume            106 
_citation.page_first                22205 
_citation.page_last                 22210 
_citation.year                      2009 
_citation.journal_id_ASTM           PNASA6 
_citation.country                   US 
_citation.journal_id_ISSN           0027-8424 
_citation.journal_id_CSD            0040 
_citation.book_publisher            ? 
_citation.pdbx_database_id_PubMed   20007786 
_citation.pdbx_database_id_DOI      10.1073/pnas.0910686106 
# 
loop_
_citation_author.citation_id 
_citation_author.name 
_citation_author.ordinal 
_citation_author.identifier_ORCID 
primary 'Coulibaly, F.'      1  ? 
primary 'Chiu, E.'           2  ? 
primary 'Gutmann, S.'        3  ? 
primary 'Rajendran, C.'      4  ? 
primary 'Haebel, P.W.'       5  ? 
primary 'Ikeda, K.'          6  ? 
primary 'Mori, H.'           7  ? 
primary 'Ward, V.K.'         8  ? 
primary 'Schulze-Briese, C.' 9  ? 
primary 'Metcalf, P.'        10 ? 
# 
loop_
_entity.id 
_entity.type 
_entity.src_method 
_entity.pdbx_description 
_entity.formula_weight 
_entity.pdbx_number_of_molecules 
_entity.pdbx_ec 
_entity.pdbx_mutation 
_entity.pdbx_fragment 
_entity.details 
1 polymer     nat Polyhedrin    28705.818 1  ? ? ? ? 
2 non-polymer syn 'SULFATE ION' 96.063    1  ? ? ? ? 
3 water       nat water         18.015    86 ? ? ? ? 
# 
_entity_poly.entity_id                      1 
_entity_poly.type                           'polypeptide(L)' 
_entity_poly.nstd_linkage                   no 
_entity_poly.nstd_monomer                   no 
_entity_poly.pdbx_seq_one_letter_code       
;MYTAYPYPKGKTYVYDNRYWKNLGGVIKNAKRRKHEEEQEKVEREFDSLDKYLVAEDPFCGPGKNQKLTLFKEIRNIKPD
TMKLIVNWSGKEFLRETWTRFMEDSFPIVNDQEVMDVFLVINMRSTKPNRCFRFLAQHALRCDPDYVPHEIIRIVEPSYV
GNNEYRISLAKRGGGCPIMNLHLEYTNSFEHFINKVIWENFYKPIVYIGTDSAEDEEVLFEVSLVFKIKEFAPDAPLFSG
PAY
;
_entity_poly.pdbx_seq_one_letter_code_can   
;MYTAYPYPKGKTYVYDNRYWKNLGGVIKNAKRRKHEEEQEKVEREFDSLDKYLVAEDPFCGPGKNQKLTLFKEIRNIKPD
TMKLIVNWSGKEFLRETWTRFMEDSFPIVNDQEVMDVFLVINMRSTKPNRCFRFLAQHALRCDPDYVPHEIIRIVEPSYV
GNNEYRISLAKRGGGCPIMNLHLEYTNSFEHFINKVIWENFYKPIVYIGTDSAEDEEVLFEVSLVFKIKEFAPDAPLFSG
PAY
;
_entity_poly.pdbx_strand_id                 A 
_entity_poly.pdbx_target_identifier         ? 
# 
loop_
_pdbx_entity_nonpoly.entity_id 
_pdbx_entity_nonpoly.name 
_pdbx_entity_nonpoly.comp_id 
2 'SULFATE ION' SO4 
3 water         HOH 
# 
loop_
_entity_poly_seq.entity_id 
_entity_poly_seq.num 
_entity_poly_seq.mon_id 
_entity_poly_seq.hetero 
1 1   MET n 
1 2   TYR n 
1 3   THR n 
1 4   ALA n 
1 5   TYR n 
1 6   PRO n 
1 7   TYR n 
1 8   PRO n 
1 9   LYS n 
1 10  GLY n 
1 11  LYS n 
1 12  THR n 
1 13  TYR n 
1 14  VAL n 
1 15  TYR n 
1 16  ASP n 
1 17  ASN n 
1 18  ARG n 
1 19  TYR n 
1 20  TRP n 
1 21  LYS n 
1 22  ASN n 
1 23  LEU n 
1 24  GLY n 
1 25  GLY n 
1 26  VAL n 
1 27  ILE n 
1 28  LYS n 
1 29  ASN n 
1 30  ALA n 
1 31  LYS n 
1 32  ARG n 
1 33  ARG n 
1 34  LYS n 
1 35  HIS n 
1 36  GLU n 
1 37  GLU n 
1 38  GLU n 
1 39  GLN n 
1 40  GLU n 
1 41  LYS n 
1 42  VAL n 
1 43  GLU n 
1 44  ARG n 
1 45  GLU n 
1 46  PHE n 
1 47  ASP n 
1 48  SER n 
1 49  LEU n 
1 50  ASP n 
1 51  LYS n 
1 52  TYR n 
1 53  LEU n 
1 54  VAL n 
1 55  ALA n 
1 56  GLU n 
1 57  ASP n 
1 58  PRO n 
1 59  PHE n 
1 60  CYS n 
1 61  GLY n 
1 62  PRO n 
1 63  GLY n 
1 64  LYS n 
1 65  ASN n 
1 66  GLN n 
1 67  LYS n 
1 68  LEU n 
1 69  THR n 
1 70  LEU n 
1 71  PHE n 
1 72  LYS n 
1 73  GLU n 
1 74  ILE n 
1 75  ARG n 
1 76  ASN n 
1 77  ILE n 
1 78  LYS n 
1 79  PRO n 
1 80  ASP n 
1 81  THR n 
1 82  MET n 
1 83  LYS n 
1 84  LEU n 
1 85  ILE n 
1 86  VAL n 
1 87  ASN n 
1 88  TRP n 
1 89  SER n 
1 90  GLY n 
1 91  LYS n 
1 92  GLU n 
1 93  PHE n 
1 94  LEU n 
1 95  ARG n 
1 96  GLU n 
1 97  THR n 
1 98  TRP n 
1 99  THR n 
1 100 ARG n 
1 101 PHE n 
1 102 MET n 
1 103 GLU n 
1 104 ASP n 
1 105 SER n 
1 106 PHE n 
1 107 PRO n 
1 108 ILE n 
1 109 VAL n 
1 110 ASN n 
1 111 ASP n 
1 112 GLN n 
1 113 GLU n 
1 114 VAL n 
1 115 MET n 
1 116 ASP n 
1 117 VAL n 
1 118 PHE n 
1 119 LEU n 
1 120 VAL n 
1 121 ILE n 
1 122 ASN n 
1 123 MET n 
1 124 ARG n 
1 125 SER n 
1 126 THR n 
1 127 LYS n 
1 128 PRO n 
1 129 ASN n 
1 130 ARG n 
1 131 CYS n 
1 132 PHE n 
1 133 ARG n 
1 134 PHE n 
1 135 LEU n 
1 136 ALA n 
1 137 GLN n 
1 138 HIS n 
1 139 ALA n 
1 140 LEU n 
1 141 ARG n 
1 142 CYS n 
1 143 ASP n 
1 144 PRO n 
1 145 ASP n 
1 146 TYR n 
1 147 VAL n 
1 148 PRO n 
1 149 HIS n 
1 150 GLU n 
1 151 ILE n 
1 152 ILE n 
1 153 ARG n 
1 154 ILE n 
1 155 VAL n 
1 156 GLU n 
1 157 PRO n 
1 158 SER n 
1 159 TYR n 
1 160 VAL n 
1 161 GLY n 
1 162 ASN n 
1 163 ASN n 
1 164 GLU n 
1 165 TYR n 
1 166 ARG n 
1 167 ILE n 
1 168 SER n 
1 169 LEU n 
1 170 ALA n 
1 171 LYS n 
1 172 ARG n 
1 173 GLY n 
1 174 GLY n 
1 175 GLY n 
1 176 CYS n 
1 177 PRO n 
1 178 ILE n 
1 179 MET n 
1 180 ASN n 
1 181 LEU n 
1 182 HIS n 
1 183 LEU n 
1 184 GLU n 
1 185 TYR n 
1 186 THR n 
1 187 ASN n 
1 188 SER n 
1 189 PHE n 
1 190 GLU n 
1 191 HIS n 
1 192 PHE n 
1 193 ILE n 
1 194 ASN n 
1 195 LYS n 
1 196 VAL n 
1 197 ILE n 
1 198 TRP n 
1 199 GLU n 
1 200 ASN n 
1 201 PHE n 
1 202 TYR n 
1 203 LYS n 
1 204 PRO n 
1 205 ILE n 
1 206 VAL n 
1 207 TYR n 
1 208 ILE n 
1 209 GLY n 
1 210 THR n 
1 211 ASP n 
1 212 SER n 
1 213 ALA n 
1 214 GLU n 
1 215 ASP n 
1 216 GLU n 
1 217 GLU n 
1 218 VAL n 
1 219 LEU n 
1 220 PHE n 
1 221 GLU n 
1 222 VAL n 
1 223 SER n 
1 224 LEU n 
1 225 VAL n 
1 226 PHE n 
1 227 LYS n 
1 228 ILE n 
1 229 LYS n 
1 230 GLU n 
1 231 PHE n 
1 232 ALA n 
1 233 PRO n 
1 234 ASP n 
1 235 ALA n 
1 236 PRO n 
1 237 LEU n 
1 238 PHE n 
1 239 SER n 
1 240 GLY n 
1 241 PRO n 
1 242 ALA n 
1 243 TYR n 
# 
_entity_src_nat.entity_id                  1 
_entity_src_nat.pdbx_src_id                1 
_entity_src_nat.pdbx_alt_source_flag       sample 
_entity_src_nat.pdbx_beg_seq_num           ? 
_entity_src_nat.pdbx_end_seq_num           ? 
_entity_src_nat.common_name                ? 
_entity_src_nat.pdbx_organism_scientific   'Wiseana signata NPV' 
_entity_src_nat.pdbx_ncbi_taxonomy_id      65124 
_entity_src_nat.genus                      ? 
_entity_src_nat.species                    ? 
_entity_src_nat.strain                     ? 
_entity_src_nat.tissue                     ? 
_entity_src_nat.tissue_fraction            ? 
_entity_src_nat.pdbx_secretion             ? 
_entity_src_nat.pdbx_fragment              ? 
_entity_src_nat.pdbx_variant               ? 
_entity_src_nat.pdbx_cell_line             ? 
_entity_src_nat.pdbx_atcc                  ? 
_entity_src_nat.pdbx_cellular_location     ? 
_entity_src_nat.pdbx_organ                 ? 
_entity_src_nat.pdbx_organelle             ? 
_entity_src_nat.pdbx_cell                  ? 
_entity_src_nat.pdbx_plasmid_name          ? 
_entity_src_nat.pdbx_plasmid_details       ? 
_entity_src_nat.details                    
;Crystals were directly purified from insects (larvae of porina moths) naturally infected by a baculovirus (Wiseana spp. nucleopolyhedrosis virus)
;
# 
loop_
_chem_comp.id 
_chem_comp.type 
_chem_comp.mon_nstd_flag 
_chem_comp.name 
_chem_comp.pdbx_synonyms 
_chem_comp.formula 
_chem_comp.formula_weight 
ALA 'L-peptide linking' y ALANINE         ? 'C3 H7 N O2'     89.093  
ARG 'L-peptide linking' y ARGININE        ? 'C6 H15 N4 O2 1' 175.209 
ASN 'L-peptide linking' y ASPARAGINE      ? 'C4 H8 N2 O3'    132.118 
ASP 'L-peptide linking' y 'ASPARTIC ACID' ? 'C4 H7 N O4'     133.103 
CYS 'L-peptide linking' y CYSTEINE        ? 'C3 H7 N O2 S'   121.158 
GLN 'L-peptide linking' y GLUTAMINE       ? 'C5 H10 N2 O3'   146.144 
GLU 'L-peptide linking' y 'GLUTAMIC ACID' ? 'C5 H9 N O4'     147.129 
GLY 'peptide linking'   y GLYCINE         ? 'C2 H5 N O2'     75.067  
HIS 'L-peptide linking' y HISTIDINE       ? 'C6 H10 N3 O2 1' 156.162 
HOH non-polymer         . WATER           ? 'H2 O'           18.015  
ILE 'L-peptide linking' y ISOLEUCINE      ? 'C6 H13 N O2'    131.173 
LEU 'L-peptide linking' y LEUCINE         ? 'C6 H13 N O2'    131.173 
LYS 'L-peptide linking' y LYSINE          ? 'C6 H15 N2 O2 1' 147.195 
MET 'L-peptide linking' y METHIONINE      ? 'C5 H11 N O2 S'  149.211 
PHE 'L-peptide linking' y PHENYLALANINE   ? 'C9 H11 N O2'    165.189 
PRO 'L-peptide linking' y PROLINE         ? 'C5 H9 N O2'     115.130 
SER 'L-peptide linking' y SERINE          ? 'C3 H7 N O3'     105.093 
SO4 non-polymer         . 'SULFATE ION'   ? 'O4 S -2'        96.063  
THR 'L-peptide linking' y THREONINE       ? 'C4 H9 N O3'     119.119 
TRP 'L-peptide linking' y TRYPTOPHAN      ? 'C11 H12 N2 O2'  204.225 
TYR 'L-peptide linking' y TYROSINE        ? 'C9 H11 N O3'    181.189 
VAL 'L-peptide linking' y VALINE          ? 'C5 H11 N O2'    117.146 
# 
loop_
_pdbx_poly_seq_scheme.asym_id 
_pdbx_poly_seq_scheme.entity_id 
_pdbx_poly_seq_scheme.seq_id 
_pdbx_poly_seq_scheme.mon_id 
_pdbx_poly_seq_scheme.ndb_seq_num 
_pdbx_poly_seq_scheme.pdb_seq_num 
_pdbx_poly_seq_scheme.auth_seq_num 
_pdbx_poly_seq_scheme.pdb_mon_id 
_pdbx_poly_seq_scheme.auth_mon_id 
_pdbx_poly_seq_scheme.pdb_strand_id 
_pdbx_poly_seq_scheme.pdb_ins_code 
_pdbx_poly_seq_scheme.hetero 
A 1 1   MET 1   1   ?   ?   ?   A . n 
A 1 2   TYR 2   2   ?   ?   ?   A . n 
A 1 3   THR 3   3   ?   ?   ?   A . n 
A 1 4   ALA 4   4   ?   ?   ?   A . n 
A 1 5   TYR 5   5   ?   ?   ?   A . n 
A 1 6   PRO 6   6   ?   ?   ?   A . n 
A 1 7   TYR 7   7   ?   ?   ?   A . n 
A 1 8   PRO 8   8   ?   ?   ?   A . n 
A 1 9   LYS 9   9   ?   ?   ?   A . n 
A 1 10  GLY 10  10  10  GLY GLY A . n 
A 1 11  LYS 11  11  11  LYS LYS A . n 
A 1 12  THR 12  12  12  THR THR A . n 
A 1 13  TYR 13  13  13  TYR TYR A . n 
A 1 14  VAL 14  14  14  VAL VAL A . n 
A 1 15  TYR 15  15  15  TYR TYR A . n 
A 1 16  ASP 16  16  16  ASP ASP A . n 
A 1 17  ASN 17  17  17  ASN ASN A . n 
A 1 18  ARG 18  18  18  ARG ARG A . n 
A 1 19  TYR 19  19  19  TYR TYR A . n 
A 1 20  TRP 20  20  20  TRP TRP A . n 
A 1 21  LYS 21  21  21  LYS LYS A . n 
A 1 22  ASN 22  22  22  ASN ASN A . n 
A 1 23  LEU 23  23  23  LEU LEU A . n 
A 1 24  GLY 24  24  24  GLY GLY A . n 
A 1 25  GLY 25  25  25  GLY GLY A . n 
A 1 26  VAL 26  26  26  VAL VAL A . n 
A 1 27  ILE 27  27  27  ILE ILE A . n 
A 1 28  LYS 28  28  28  LYS LYS A . n 
A 1 29  ASN 29  29  29  ASN ASN A . n 
A 1 30  ALA 30  30  30  ALA ALA A . n 
A 1 31  LYS 31  31  31  LYS LYS A . n 
A 1 32  ARG 32  32  32  ARG ARG A . n 
A 1 33  ARG 33  33  33  ARG ARG A . n 
A 1 34  LYS 34  34  34  LYS LYS A . n 
A 1 35  HIS 35  35  35  HIS HIS A . n 
A 1 36  GLU 36  36  36  GLU GLU A . n 
A 1 37  GLU 37  37  ?   ?   ?   A . n 
A 1 38  GLU 38  38  ?   ?   ?   A . n 
A 1 39  GLN 39  39  ?   ?   ?   A . n 
A 1 40  GLU 40  40  40  GLU GLU A . n 
A 1 41  LYS 41  41  41  LYS LYS A . n 
A 1 42  VAL 42  42  42  VAL VAL A . n 
A 1 43  GLU 43  43  43  GLU GLU A . n 
A 1 44  ARG 44  44  44  ARG ARG A . n 
A 1 45  GLU 45  45  45  GLU GLU A . n 
A 1 46  PHE 46  46  46  PHE PHE A . n 
A 1 47  ASP 47  47  47  ASP ASP A . n 
A 1 48  SER 48  48  48  SER SER A . n 
A 1 49  LEU 49  49  49  LEU LEU A . n 
A 1 50  ASP 50  50  50  ASP ASP A . n 
A 1 51  LYS 51  51  51  LYS LYS A . n 
A 1 52  TYR 52  52  52  TYR TYR A . n 
A 1 53  LEU 53  53  53  LEU LEU A . n 
A 1 54  VAL 54  54  54  VAL VAL A . n 
A 1 55  ALA 55  55  55  ALA ALA A . n 
A 1 56  GLU 56  56  56  GLU GLU A . n 
A 1 57  ASP 57  57  57  ASP ASP A . n 
A 1 58  PRO 58  58  58  PRO PRO A . n 
A 1 59  PHE 59  59  59  PHE PHE A . n 
A 1 60  CYS 60  60  60  CYS CYS A . n 
A 1 61  GLY 61  61  61  GLY GLY A . n 
A 1 62  PRO 62  62  62  PRO PRO A . n 
A 1 63  GLY 63  63  63  GLY GLY A . n 
A 1 64  LYS 64  64  64  LYS LYS A . n 
A 1 65  ASN 65  65  65  ASN ASN A . n 
A 1 66  GLN 66  66  66  GLN GLN A . n 
A 1 67  LYS 67  67  67  LYS LYS A . n 
A 1 68  LEU 68  68  68  LEU LEU A . n 
A 1 69  THR 69  69  69  THR THR A . n 
A 1 70  LEU 70  70  70  LEU LEU A . n 
A 1 71  PHE 71  71  71  PHE PHE A . n 
A 1 72  LYS 72  72  72  LYS LYS A . n 
A 1 73  GLU 73  73  73  GLU GLU A . n 
A 1 74  ILE 74  74  74  ILE ILE A . n 
A 1 75  ARG 75  75  75  ARG ARG A . n 
A 1 76  ASN 76  76  76  ASN ASN A . n 
A 1 77  ILE 77  77  77  ILE ILE A . n 
A 1 78  LYS 78  78  78  LYS LYS A . n 
A 1 79  PRO 79  79  79  PRO PRO A . n 
A 1 80  ASP 80  80  80  ASP ASP A . n 
A 1 81  THR 81  81  81  THR THR A . n 
A 1 82  MET 82  82  82  MET MET A . n 
A 1 83  LYS 83  83  83  LYS LYS A . n 
A 1 84  LEU 84  84  84  LEU LEU A . n 
A 1 85  ILE 85  85  85  ILE ILE A . n 
A 1 86  VAL 86  86  86  VAL VAL A . n 
A 1 87  ASN 87  87  87  ASN ASN A . n 
A 1 88  TRP 88  88  88  TRP TRP A . n 
A 1 89  SER 89  89  89  SER SER A . n 
A 1 90  GLY 90  90  90  GLY GLY A . n 
A 1 91  LYS 91  91  91  LYS LYS A . n 
A 1 92  GLU 92  92  92  GLU GLU A . n 
A 1 93  PHE 93  93  93  PHE PHE A . n 
A 1 94  LEU 94  94  94  LEU LEU A . n 
A 1 95  ARG 95  95  95  ARG ARG A . n 
A 1 96  GLU 96  96  96  GLU GLU A . n 
A 1 97  THR 97  97  97  THR THR A . n 
A 1 98  TRP 98  98  98  TRP TRP A . n 
A 1 99  THR 99  99  99  THR THR A . n 
A 1 100 ARG 100 100 100 ARG ARG A . n 
A 1 101 PHE 101 101 101 PHE PHE A . n 
A 1 102 MET 102 102 102 MET MET A . n 
A 1 103 GLU 103 103 103 GLU GLU A . n 
A 1 104 ASP 104 104 104 ASP ASP A . n 
A 1 105 SER 105 105 105 SER SER A . n 
A 1 106 PHE 106 106 106 PHE PHE A . n 
A 1 107 PRO 107 107 107 PRO PRO A . n 
A 1 108 ILE 108 108 108 ILE ILE A . n 
A 1 109 VAL 109 109 109 VAL VAL A . n 
A 1 110 ASN 110 110 110 ASN ASN A . n 
A 1 111 ASP 111 111 111 ASP ASP A . n 
A 1 112 GLN 112 112 112 GLN GLN A . n 
A 1 113 GLU 113 113 113 GLU GLU A . n 
A 1 114 VAL 114 114 114 VAL VAL A . n 
A 1 115 MET 115 115 115 MET MET A . n 
A 1 116 ASP 116 116 116 ASP ASP A . n 
A 1 117 VAL 117 117 117 VAL VAL A . n 
A 1 118 PHE 118 118 118 PHE PHE A . n 
A 1 119 LEU 119 119 119 LEU LEU A . n 
A 1 120 VAL 120 120 120 VAL VAL A . n 
A 1 121 ILE 121 121 121 ILE ILE A . n 
A 1 122 ASN 122 122 122 ASN ASN A . n 
A 1 123 MET 123 123 123 MET MET A . n 
A 1 124 ARG 124 124 124 ARG ARG A . n 
A 1 125 SER 125 125 125 SER SER A . n 
A 1 126 THR 126 126 126 THR THR A . n 
A 1 127 LYS 127 127 127 LYS LYS A . n 
A 1 128 PRO 128 128 128 PRO PRO A . n 
A 1 129 ASN 129 129 129 ASN ASN A . n 
A 1 130 ARG 130 130 130 ARG ARG A . n 
A 1 131 CYS 131 131 131 CYS CYS A . n 
A 1 132 PHE 132 132 132 PHE PHE A . n 
A 1 133 ARG 133 133 133 ARG ARG A . n 
A 1 134 PHE 134 134 134 PHE PHE A . n 
A 1 135 LEU 135 135 135 LEU LEU A . n 
A 1 136 ALA 136 136 136 ALA ALA A . n 
A 1 137 GLN 137 137 137 GLN GLN A . n 
A 1 138 HIS 138 138 138 HIS HIS A . n 
A 1 139 ALA 139 139 139 ALA ALA A . n 
A 1 140 LEU 140 140 140 LEU LEU A . n 
A 1 141 ARG 141 141 141 ARG ARG A . n 
A 1 142 CYS 142 142 ?   ?   ?   A . n 
A 1 143 ASP 143 143 ?   ?   ?   A . n 
A 1 144 PRO 144 144 ?   ?   ?   A . n 
A 1 145 ASP 145 145 ?   ?   ?   A . n 
A 1 146 TYR 146 146 146 TYR TYR A . n 
A 1 147 VAL 147 147 147 VAL VAL A . n 
A 1 148 PRO 148 148 148 PRO PRO A . n 
A 1 149 HIS 149 149 149 HIS HIS A . n 
A 1 150 GLU 150 150 150 GLU GLU A . n 
A 1 151 ILE 151 151 151 ILE ILE A . n 
A 1 152 ILE 152 152 152 ILE ILE A . n 
A 1 153 ARG 153 153 153 ARG ARG A . n 
A 1 154 ILE 154 154 154 ILE ILE A . n 
A 1 155 VAL 155 155 155 VAL VAL A . n 
A 1 156 GLU 156 156 156 GLU GLU A . n 
A 1 157 PRO 157 157 157 PRO PRO A . n 
A 1 158 SER 158 158 158 SER SER A . n 
A 1 159 TYR 159 159 159 TYR TYR A . n 
A 1 160 VAL 160 160 160 VAL VAL A . n 
A 1 161 GLY 161 161 161 GLY GLY A . n 
A 1 162 ASN 162 162 162 ASN ASN A . n 
A 1 163 ASN 163 163 163 ASN ASN A . n 
A 1 164 GLU 164 164 164 GLU GLU A . n 
A 1 165 TYR 165 165 165 TYR TYR A . n 
A 1 166 ARG 166 166 166 ARG ARG A . n 
A 1 167 ILE 167 167 167 ILE ILE A . n 
A 1 168 SER 168 168 168 SER SER A . n 
A 1 169 LEU 169 169 169 LEU LEU A . n 
A 1 170 ALA 170 170 170 ALA ALA A . n 
A 1 171 LYS 171 171 ?   ?   ?   A . n 
A 1 172 ARG 172 172 ?   ?   ?   A . n 
A 1 173 GLY 173 173 ?   ?   ?   A . n 
A 1 174 GLY 174 174 ?   ?   ?   A . n 
A 1 175 GLY 175 175 ?   ?   ?   A . n 
A 1 176 CYS 176 176 ?   ?   ?   A . n 
A 1 177 PRO 177 177 ?   ?   ?   A . n 
A 1 178 ILE 178 178 ?   ?   ?   A . n 
A 1 179 MET 179 179 ?   ?   ?   A . n 
A 1 180 ASN 180 180 ?   ?   ?   A . n 
A 1 181 LEU 181 181 ?   ?   ?   A . n 
A 1 182 HIS 182 182 ?   ?   ?   A . n 
A 1 183 LEU 183 183 ?   ?   ?   A . n 
A 1 184 GLU 184 184 ?   ?   ?   A . n 
A 1 185 TYR 185 185 ?   ?   ?   A . n 
A 1 186 THR 186 186 186 THR THR A . n 
A 1 187 ASN 187 187 187 ASN ASN A . n 
A 1 188 SER 188 188 188 SER SER A . n 
A 1 189 PHE 189 189 189 PHE PHE A . n 
A 1 190 GLU 190 190 190 GLU GLU A . n 
A 1 191 HIS 191 191 191 HIS HIS A . n 
A 1 192 PHE 192 192 192 PHE PHE A . n 
A 1 193 ILE 193 193 193 ILE ILE A . n 
A 1 194 ASN 194 194 194 ASN ASN A . n 
A 1 195 LYS 195 195 ?   ?   ?   A . n 
A 1 196 VAL 196 196 ?   ?   ?   A . n 
A 1 197 ILE 197 197 ?   ?   ?   A . n 
A 1 198 TRP 198 198 ?   ?   ?   A . n 
A 1 199 GLU 199 199 ?   ?   ?   A . n 
A 1 200 ASN 200 200 ?   ?   ?   A . n 
A 1 201 PHE 201 201 ?   ?   ?   A . n 
A 1 202 TYR 202 202 ?   ?   ?   A . n 
A 1 203 LYS 203 203 203 LYS LYS A . n 
A 1 204 PRO 204 204 204 PRO PRO A . n 
A 1 205 ILE 205 205 205 ILE ILE A . n 
A 1 206 VAL 206 206 206 VAL VAL A . n 
A 1 207 TYR 207 207 207 TYR TYR A . n 
A 1 208 ILE 208 208 208 ILE ILE A . n 
A 1 209 GLY 209 209 209 GLY GLY A . n 
A 1 210 THR 210 210 210 THR THR A . n 
A 1 211 ASP 211 211 211 ASP ASP A . n 
A 1 212 SER 212 212 212 SER SER A . n 
A 1 213 ALA 213 213 213 ALA ALA A . n 
A 1 214 GLU 214 214 214 GLU GLU A . n 
A 1 215 ASP 215 215 215 ASP ASP A . n 
A 1 216 GLU 216 216 216 GLU GLU A . n 
A 1 217 GLU 217 217 217 GLU GLU A . n 
A 1 218 VAL 218 218 218 VAL VAL A . n 
A 1 219 LEU 219 219 219 LEU LEU A . n 
A 1 220 PHE 220 220 220 PHE PHE A . n 
A 1 221 GLU 221 221 221 GLU GLU A . n 
A 1 222 VAL 222 222 222 VAL VAL A . n 
A 1 223 SER 223 223 223 SER SER A . n 
A 1 224 LEU 224 224 224 LEU LEU A . n 
A 1 225 VAL 225 225 225 VAL VAL A . n 
A 1 226 PHE 226 226 226 PHE PHE A . n 
A 1 227 LYS 227 227 227 LYS LYS A . n 
A 1 228 ILE 228 228 228 ILE ILE A . n 
A 1 229 LYS 229 229 229 LYS LYS A . n 
A 1 230 GLU 230 230 230 GLU GLU A . n 
A 1 231 PHE 231 231 231 PHE PHE A . n 
A 1 232 ALA 232 232 232 ALA ALA A . n 
A 1 233 PRO 233 233 233 PRO PRO A . n 
A 1 234 ASP 234 234 234 ASP ASP A . n 
A 1 235 ALA 235 235 235 ALA ALA A . n 
A 1 236 PRO 236 236 236 PRO PRO A . n 
A 1 237 LEU 237 237 237 LEU LEU A . n 
A 1 238 PHE 238 238 238 PHE PHE A . n 
A 1 239 SER 239 239 239 SER SER A . n 
A 1 240 GLY 240 240 240 GLY GLY A . n 
A 1 241 PRO 241 241 241 PRO PRO A . n 
A 1 242 ALA 242 242 242 ALA ALA A . n 
A 1 243 TYR 243 243 243 TYR TYR A . n 
# 
loop_
_pdbx_nonpoly_scheme.asym_id 
_pdbx_nonpoly_scheme.entity_id 
_pdbx_nonpoly_scheme.mon_id 
_pdbx_nonpoly_scheme.ndb_seq_num 
_pdbx_nonpoly_scheme.pdb_seq_num 
_pdbx_nonpoly_scheme.auth_seq_num 
_pdbx_nonpoly_scheme.pdb_mon_id 
_pdbx_nonpoly_scheme.auth_mon_id 
_pdbx_nonpoly_scheme.pdb_strand_id 
_pdbx_nonpoly_scheme.pdb_ins_code 
B 2 SO4 1  244 1   SO4 SO4 A . 
C 3 HOH 1  245 1   HOH HOH A . 
C 3 HOH 2  246 2   HOH HOH A . 
C 3 HOH 3  247 3   HOH HOH A . 
C 3 HOH 4  248 4   HOH HOH A . 
C 3 HOH 5  249 5   HOH HOH A . 
C 3 HOH 6  250 6   HOH HOH A . 
C 3 HOH 7  251 7   HOH HOH A . 
C 3 HOH 8  252 8   HOH HOH A . 
C 3 HOH 9  253 9   HOH HOH A . 
C 3 HOH 10 254 10  HOH HOH A . 
C 3 HOH 11 255 11  HOH HOH A . 
C 3 HOH 12 256 12  HOH HOH A . 
C 3 HOH 13 257 13  HOH HOH A . 
C 3 HOH 14 258 14  HOH HOH A . 
C 3 HOH 15 259 15  HOH HOH A . 
C 3 HOH 16 260 16  HOH HOH A . 
C 3 HOH 17 261 17  HOH HOH A . 
C 3 HOH 18 262 18  HOH HOH A . 
C 3 HOH 19 263 19  HOH HOH A . 
C 3 HOH 20 264 20  HOH HOH A . 
C 3 HOH 21 265 21  HOH HOH A . 
C 3 HOH 22 266 22  HOH HOH A . 
C 3 HOH 23 267 23  HOH HOH A . 
C 3 HOH 24 268 24  HOH HOH A . 
C 3 HOH 25 269 25  HOH HOH A . 
C 3 HOH 26 270 26  HOH HOH A . 
C 3 HOH 27 271 27  HOH HOH A . 
C 3 HOH 28 272 28  HOH HOH A . 
C 3 HOH 29 273 30  HOH HOH A . 
C 3 HOH 30 274 31  HOH HOH A . 
C 3 HOH 31 275 32  HOH HOH A . 
C 3 HOH 32 276 33  HOH HOH A . 
C 3 HOH 33 277 34  HOH HOH A . 
C 3 HOH 34 278 35  HOH HOH A . 
C 3 HOH 35 279 36  HOH HOH A . 
C 3 HOH 36 280 37  HOH HOH A . 
C 3 HOH 37 281 38  HOH HOH A . 
C 3 HOH 38 282 39  HOH HOH A . 
C 3 HOH 39 283 40  HOH HOH A . 
C 3 HOH 40 284 41  HOH HOH A . 
C 3 HOH 41 285 42  HOH HOH A . 
C 3 HOH 42 286 44  HOH HOH A . 
C 3 HOH 43 287 45  HOH HOH A . 
C 3 HOH 44 288 47  HOH HOH A . 
C 3 HOH 45 289 48  HOH HOH A . 
C 3 HOH 46 290 49  HOH HOH A . 
C 3 HOH 47 291 50  HOH HOH A . 
C 3 HOH 48 292 51  HOH HOH A . 
C 3 HOH 49 293 52  HOH HOH A . 
C 3 HOH 50 294 53  HOH HOH A . 
C 3 HOH 51 295 54  HOH HOH A . 
C 3 HOH 52 296 55  HOH HOH A . 
C 3 HOH 53 297 56  HOH HOH A . 
C 3 HOH 54 298 57  HOH HOH A . 
C 3 HOH 55 299 58  HOH HOH A . 
C 3 HOH 56 300 59  HOH HOH A . 
C 3 HOH 57 301 60  HOH HOH A . 
C 3 HOH 58 302 62  HOH HOH A . 
C 3 HOH 59 303 63  HOH HOH A . 
C 3 HOH 60 304 64  HOH HOH A . 
C 3 HOH 61 305 65  HOH HOH A . 
C 3 HOH 62 306 67  HOH HOH A . 
C 3 HOH 63 307 70  HOH HOH A . 
C 3 HOH 64 308 72  HOH HOH A . 
C 3 HOH 65 309 73  HOH HOH A . 
C 3 HOH 66 310 74  HOH HOH A . 
C 3 HOH 67 311 76  HOH HOH A . 
C 3 HOH 68 312 77  HOH HOH A . 
C 3 HOH 69 313 78  HOH HOH A . 
C 3 HOH 70 314 79  HOH HOH A . 
C 3 HOH 71 315 80  HOH HOH A . 
C 3 HOH 72 316 81  HOH HOH A . 
C 3 HOH 73 317 86  HOH HOH A . 
C 3 HOH 74 318 89  HOH HOH A . 
C 3 HOH 75 319 102 HOH HOH A . 
C 3 HOH 76 320 103 HOH HOH A . 
C 3 HOH 77 321 106 HOH HOH A . 
C 3 HOH 78 322 107 HOH HOH A . 
C 3 HOH 79 323 108 HOH HOH A . 
C 3 HOH 80 324 109 HOH HOH A . 
C 3 HOH 81 325 110 HOH HOH A . 
C 3 HOH 82 326 114 HOH HOH A . 
C 3 HOH 83 327 115 HOH HOH A . 
C 3 HOH 84 328 116 HOH HOH A . 
C 3 HOH 85 329 117 HOH HOH A . 
C 3 HOH 86 330 119 HOH HOH A . 
# 
loop_
_pdbx_unobs_or_zero_occ_atoms.id 
_pdbx_unobs_or_zero_occ_atoms.PDB_model_num 
_pdbx_unobs_or_zero_occ_atoms.polymer_flag 
_pdbx_unobs_or_zero_occ_atoms.occupancy_flag 
_pdbx_unobs_or_zero_occ_atoms.auth_asym_id 
_pdbx_unobs_or_zero_occ_atoms.auth_comp_id 
_pdbx_unobs_or_zero_occ_atoms.auth_seq_id 
_pdbx_unobs_or_zero_occ_atoms.PDB_ins_code 
_pdbx_unobs_or_zero_occ_atoms.auth_atom_id 
_pdbx_unobs_or_zero_occ_atoms.label_alt_id 
_pdbx_unobs_or_zero_occ_atoms.label_asym_id 
_pdbx_unobs_or_zero_occ_atoms.label_comp_id 
_pdbx_unobs_or_zero_occ_atoms.label_seq_id 
_pdbx_unobs_or_zero_occ_atoms.label_atom_id 
1  1 Y 1 A LYS 11  ? CG  ? A LYS 11  CG  
2  1 Y 1 A LYS 11  ? CD  ? A LYS 11  CD  
3  1 Y 1 A LYS 11  ? CE  ? A LYS 11  CE  
4  1 Y 1 A LYS 11  ? NZ  ? A LYS 11  NZ  
5  1 Y 1 A ASP 16  ? CG  ? A ASP 16  CG  
6  1 Y 1 A ASP 16  ? OD1 ? A ASP 16  OD1 
7  1 Y 1 A ASP 16  ? OD2 ? A ASP 16  OD2 
8  1 Y 1 A LYS 28  ? CG  ? A LYS 28  CG  
9  1 Y 1 A LYS 28  ? CD  ? A LYS 28  CD  
10 1 Y 1 A LYS 28  ? CE  ? A LYS 28  CE  
11 1 Y 1 A LYS 28  ? NZ  ? A LYS 28  NZ  
12 1 Y 1 A ARG 32  ? CG  ? A ARG 32  CG  
13 1 Y 1 A ARG 32  ? CD  ? A ARG 32  CD  
14 1 Y 1 A ARG 32  ? NE  ? A ARG 32  NE  
15 1 Y 1 A ARG 32  ? CZ  ? A ARG 32  CZ  
16 1 Y 1 A ARG 32  ? NH1 ? A ARG 32  NH1 
17 1 Y 1 A ARG 32  ? NH2 ? A ARG 32  NH2 
18 1 Y 1 A ARG 33  ? CG  ? A ARG 33  CG  
19 1 Y 1 A ARG 33  ? CD  ? A ARG 33  CD  
20 1 Y 1 A ARG 33  ? NE  ? A ARG 33  NE  
21 1 Y 1 A ARG 33  ? CZ  ? A ARG 33  CZ  
22 1 Y 1 A ARG 33  ? NH1 ? A ARG 33  NH1 
23 1 Y 1 A ARG 33  ? NH2 ? A ARG 33  NH2 
24 1 Y 1 A LYS 34  ? CG  ? A LYS 34  CG  
25 1 Y 1 A LYS 34  ? CD  ? A LYS 34  CD  
26 1 Y 1 A LYS 34  ? CE  ? A LYS 34  CE  
27 1 Y 1 A LYS 34  ? NZ  ? A LYS 34  NZ  
28 1 Y 1 A HIS 35  ? CG  ? A HIS 35  CG  
29 1 Y 1 A HIS 35  ? ND1 ? A HIS 35  ND1 
30 1 Y 1 A HIS 35  ? CD2 ? A HIS 35  CD2 
31 1 Y 1 A HIS 35  ? CE1 ? A HIS 35  CE1 
32 1 Y 1 A HIS 35  ? NE2 ? A HIS 35  NE2 
33 1 Y 1 A GLU 36  ? CG  ? A GLU 36  CG  
34 1 Y 1 A GLU 36  ? CD  ? A GLU 36  CD  
35 1 Y 1 A GLU 36  ? OE1 ? A GLU 36  OE1 
36 1 Y 1 A GLU 36  ? OE2 ? A GLU 36  OE2 
37 1 Y 1 A GLU 40  ? CG  ? A GLU 40  CG  
38 1 Y 1 A GLU 40  ? CD  ? A GLU 40  CD  
39 1 Y 1 A GLU 40  ? OE1 ? A GLU 40  OE1 
40 1 Y 1 A GLU 40  ? OE2 ? A GLU 40  OE2 
41 1 Y 1 A LYS 41  ? CG  ? A LYS 41  CG  
42 1 Y 1 A LYS 41  ? CD  ? A LYS 41  CD  
43 1 Y 1 A LYS 41  ? CE  ? A LYS 41  CE  
44 1 Y 1 A LYS 41  ? NZ  ? A LYS 41  NZ  
45 1 Y 1 A VAL 42  ? CG1 ? A VAL 42  CG1 
46 1 Y 1 A VAL 42  ? CG2 ? A VAL 42  CG2 
47 1 Y 1 A GLU 43  ? CG  ? A GLU 43  CG  
48 1 Y 1 A GLU 43  ? CD  ? A GLU 43  CD  
49 1 Y 1 A GLU 43  ? OE1 ? A GLU 43  OE1 
50 1 Y 1 A GLU 43  ? OE2 ? A GLU 43  OE2 
51 1 Y 1 A ARG 44  ? CG  ? A ARG 44  CG  
52 1 Y 1 A ARG 44  ? CD  ? A ARG 44  CD  
53 1 Y 1 A ARG 44  ? NE  ? A ARG 44  NE  
54 1 Y 1 A ARG 44  ? CZ  ? A ARG 44  CZ  
55 1 Y 1 A ARG 44  ? NH1 ? A ARG 44  NH1 
56 1 Y 1 A ARG 44  ? NH2 ? A ARG 44  NH2 
57 1 Y 1 A GLU 45  ? CG  ? A GLU 45  CG  
58 1 Y 1 A GLU 45  ? CD  ? A GLU 45  CD  
59 1 Y 1 A GLU 45  ? OE1 ? A GLU 45  OE1 
60 1 Y 1 A GLU 45  ? OE2 ? A GLU 45  OE2 
61 1 Y 1 A ASP 47  ? CG  ? A ASP 47  CG  
62 1 Y 1 A ASP 47  ? OD1 ? A ASP 47  OD1 
63 1 Y 1 A ASP 47  ? OD2 ? A ASP 47  OD2 
64 1 Y 1 A LYS 51  ? CG  ? A LYS 51  CG  
65 1 Y 1 A LYS 51  ? CD  ? A LYS 51  CD  
66 1 Y 1 A LYS 51  ? CE  ? A LYS 51  CE  
67 1 Y 1 A LYS 51  ? NZ  ? A LYS 51  NZ  
68 1 Y 1 A ARG 141 ? CG  ? A ARG 141 CG  
69 1 Y 1 A ARG 141 ? CD  ? A ARG 141 CD  
70 1 Y 1 A ARG 141 ? NE  ? A ARG 141 NE  
71 1 Y 1 A ARG 141 ? CZ  ? A ARG 141 CZ  
72 1 Y 1 A ARG 141 ? NH1 ? A ARG 141 NH1 
73 1 Y 1 A ARG 141 ? NH2 ? A ARG 141 NH2 
74 1 Y 1 A TYR 146 ? CG  ? A TYR 146 CG  
75 1 Y 1 A TYR 146 ? CD1 ? A TYR 146 CD1 
76 1 Y 1 A TYR 146 ? CD2 ? A TYR 146 CD2 
77 1 Y 1 A TYR 146 ? CE1 ? A TYR 146 CE1 
78 1 Y 1 A TYR 146 ? CE2 ? A TYR 146 CE2 
79 1 Y 1 A TYR 146 ? CZ  ? A TYR 146 CZ  
80 1 Y 1 A TYR 146 ? OH  ? A TYR 146 OH  
81 1 Y 1 A ASP 215 ? CG  ? A ASP 215 CG  
82 1 Y 1 A ASP 215 ? OD1 ? A ASP 215 OD1 
83 1 Y 1 A ASP 215 ? OD2 ? A ASP 215 OD2 
# 
loop_
_software.name 
_software.classification 
_software.version 
_software.citation_id 
_software.pdbx_ordinal 
DENZO     'data reduction' .     ? 1 
SHARP     phasing          .     ? 2 
BUSTER    refinement       2.8.0 ? 3 
SCALEPACK 'data scaling'   .     ? 4 
# 
_cell.entry_id           3JVB 
_cell.length_a           102.437 
_cell.length_b           102.437 
_cell.length_c           102.437 
_cell.angle_alpha        90.00 
_cell.angle_beta         90.00 
_cell.angle_gamma        90.00 
_cell.Z_PDB              24 
_cell.pdbx_unique_axis   ? 
_cell.length_a_esd       ? 
_cell.length_b_esd       ? 
_cell.length_c_esd       ? 
_cell.angle_alpha_esd    ? 
_cell.angle_beta_esd     ? 
_cell.angle_gamma_esd    ? 
# 
_symmetry.entry_id                         3JVB 
_symmetry.space_group_name_H-M             'I 2 3' 
_symmetry.pdbx_full_space_group_name_H-M   ? 
_symmetry.cell_setting                     ? 
_symmetry.Int_Tables_number                197 
_symmetry.space_group_name_Hall            ? 
# 
_exptl.entry_id          3JVB 
_exptl.method            'X-RAY DIFFRACTION' 
_exptl.crystals_number   19 
# 
_exptl_crystal.id                    1 
_exptl_crystal.density_meas          ? 
_exptl_crystal.density_Matthews      1.560221 
_exptl_crystal.density_percent_sol   21.164995 
_exptl_crystal.description           ? 
_exptl_crystal.F_000                 ? 
_exptl_crystal.preparation           ? 
# 
_exptl_crystal_grow.crystal_id      1 
_exptl_crystal_grow.method          ? 
_exptl_crystal_grow.temp            300 
_exptl_crystal_grow.temp_details    ? 
_exptl_crystal_grow.pH              7 
_exptl_crystal_grow.pdbx_details    
;Natural intracellular Crystals were directly purified from larvae of porina moths infected by a baculovirus (WNPV), pH 7, temperature 300K
;
_exptl_crystal_grow.pdbx_pH_range   . 
# 
_diffrn.id                     1 
_diffrn.ambient_temp           100 
_diffrn.ambient_temp_details   ? 
_diffrn.crystal_id             1 
# 
_diffrn_detector.diffrn_id              1 
_diffrn_detector.detector               CCD 
_diffrn_detector.type                   'MARMOSAIC 225 mm CCD' 
_diffrn_detector.pdbx_collection_date   2009-04-05 
_diffrn_detector.details                'MD2 DIFFRACTOMETER' 
# 
_diffrn_radiation.diffrn_id                        1 
_diffrn_radiation.wavelength_id                    1 
_diffrn_radiation.pdbx_monochromatic_or_laue_m_l   M 
_diffrn_radiation.monochromator                    
'SAGITALLY HORIZONTAL FOCUSSING SI(111) MERIDIONALLY VERTICAL FOCUSSING RH-COATED MIRROR' 
_diffrn_radiation.pdbx_diffrn_protocol             'SINGLE WAVELENGTH' 
_diffrn_radiation.pdbx_scattering_type             x-ray 
# 
_diffrn_radiation_wavelength.id           1 
_diffrn_radiation_wavelength.wavelength   1.0 
_diffrn_radiation_wavelength.wt           1.0 
# 
_diffrn_source.diffrn_id                   1 
_diffrn_source.source                      SYNCHROTRON 
_diffrn_source.type                        'SLS BEAMLINE X06SA' 
_diffrn_source.pdbx_synchrotron_site       SLS 
_diffrn_source.pdbx_synchrotron_beamline   X06SA 
_diffrn_source.pdbx_wavelength             ? 
_diffrn_source.pdbx_wavelength_list        1.0 
# 
_reflns.entry_id                     3JVB 
_reflns.observed_criterion_sigma_I   -3.0 
_reflns.observed_criterion_sigma_F   -3.0 
_reflns.d_resolution_high            2.170 
_reflns.d_resolution_low             30 
_reflns.number_obs                   9646 
_reflns.number_all                   ? 
_reflns.percent_possible_obs         99.9 
_reflns.pdbx_Rmerge_I_obs            0.34900 
_reflns.pdbx_Rsym_value              ? 
_reflns.pdbx_netI_over_sigmaI        8.0000 
_reflns.B_iso_Wilson_estimate        21.21 
_reflns.pdbx_redundancy              15.000 
_reflns.R_free_details               ? 
_reflns.limit_h_max                  ? 
_reflns.limit_h_min                  ? 
_reflns.limit_k_max                  ? 
_reflns.limit_k_min                  ? 
_reflns.limit_l_max                  ? 
_reflns.limit_l_min                  ? 
_reflns.observed_criterion_F_max     ? 
_reflns.observed_criterion_F_min     ? 
_reflns.pdbx_chi_squared             ? 
_reflns.pdbx_scaling_rejects         ? 
_reflns.pdbx_diffrn_id               1 
_reflns.pdbx_ordinal                 1 
# 
_reflns_shell.d_res_high             2.17 
_reflns_shell.d_res_low              2.29 
_reflns_shell.percent_possible_all   100.0 
_reflns_shell.Rmerge_I_obs           ? 
_reflns_shell.pdbx_Rsym_value        ? 
_reflns_shell.meanI_over_sigI_obs    2.300 
_reflns_shell.pdbx_redundancy        14.50 
_reflns_shell.percent_possible_obs   ? 
_reflns_shell.number_unique_all      ? 
_reflns_shell.number_measured_all    ? 
_reflns_shell.number_measured_obs    ? 
_reflns_shell.number_unique_obs      ? 
_reflns_shell.pdbx_chi_squared       ? 
_reflns_shell.pdbx_diffrn_id         ? 
_reflns_shell.pdbx_ordinal           1 
# 
_refine.entry_id                                 3JVB 
_refine.ls_number_reflns_obs                     9620 
_refine.ls_number_reflns_all                     ? 
_refine.pdbx_ls_sigma_I                          ? 
_refine.pdbx_ls_sigma_F                          0.0 
_refine.pdbx_data_cutoff_high_absF               ? 
_refine.pdbx_data_cutoff_low_absF                ? 
_refine.pdbx_data_cutoff_high_rms_absF           ? 
_refine.ls_d_res_low                             20.91 
_refine.ls_d_res_high                            2.17 
_refine.ls_percent_reflns_obs                    99.7 
_refine.ls_R_factor_obs                          0.164 
_refine.ls_R_factor_all                          ? 
_refine.ls_R_factor_R_work                       0.1612 
_refine.ls_R_factor_R_free                       0.1899 
_refine.ls_R_factor_R_free_error                 ? 
_refine.ls_R_factor_R_free_error_details         ? 
_refine.ls_percent_reflns_R_free                 9.84 
_refine.ls_number_reflns_R_free                  947 
_refine.ls_number_parameters                     ? 
_refine.ls_number_restraints                     ? 
_refine.occupancy_max                            1.00 
_refine.occupancy_min                            0.33 
_refine.correlation_coeff_Fo_to_Fc               0.945 
_refine.correlation_coeff_Fo_to_Fc_free          0.932 
_refine.B_iso_mean                               21.582 
_refine.aniso_B[1][1]                            0.0000 
_refine.aniso_B[2][2]                            0.0000 
_refine.aniso_B[3][3]                            0.0000 
_refine.aniso_B[1][2]                            0.0000 
_refine.aniso_B[1][3]                            0.0000 
_refine.aniso_B[2][3]                            0.0000 
_refine.solvent_model_details                    ? 
_refine.solvent_model_param_ksol                 ? 
_refine.solvent_model_param_bsol                 ? 
_refine.pdbx_solvent_vdw_probe_radii             ? 
_refine.pdbx_solvent_ion_probe_radii             ? 
_refine.pdbx_solvent_shrinkage_radii             ? 
_refine.pdbx_ls_cross_valid_method               THROUGHOUT 
_refine.details                                  
;Residue ACys131 forms a disulfide bond with residue BCys131 of symmetry molecule 4566. By symmetry, this also implies that residue BCys131 forms a disulfide bond with residue ACys131 of symmetry molecule 4566.
;
_refine.pdbx_starting_model                      'PDB ENTRY 3JW6' 
_refine.pdbx_method_to_determine_struct          'MOLECULAR REPLACEMENT' 
_refine.pdbx_isotropic_thermal_model             Isotropic 
_refine.pdbx_stereochemistry_target_values       'Engh & Huber' 
_refine.pdbx_stereochem_target_val_spec_case     ? 
_refine.pdbx_R_Free_selection_details            RANDOM 
_refine.pdbx_overall_ESU_R                       ? 
_refine.pdbx_overall_ESU_R_Free                  ? 
_refine.overall_SU_ML                            ? 
_refine.overall_SU_B                             ? 
_refine.ls_redundancy_reflns_obs                 ? 
_refine.B_iso_max                                114.00 
_refine.B_iso_min                                5.70 
_refine.overall_SU_R_Cruickshank_DPI             ? 
_refine.overall_SU_R_free                        ? 
_refine.ls_wR_factor_R_free                      ? 
_refine.ls_wR_factor_R_work                      ? 
_refine.overall_FOM_free_R_set                   ? 
_refine.overall_FOM_work_R_set                   ? 
_refine.pdbx_refine_id                           'X-RAY DIFFRACTION' 
_refine.pdbx_overall_phase_error                 ? 
_refine.pdbx_diffrn_id                           1 
_refine.pdbx_TLS_residual_ADP_flag               ? 
_refine.pdbx_overall_SU_R_free_Cruickshank_DPI   ? 
_refine.pdbx_overall_SU_R_Blow_DPI               ? 
_refine.pdbx_overall_SU_R_free_Blow_DPI          ? 
# 
_refine_analyze.entry_id                        3JVB 
_refine_analyze.Luzzati_coordinate_error_obs    0.198 
_refine_analyze.Luzzati_sigma_a_obs             ? 
_refine_analyze.Luzzati_d_res_low_obs           ? 
_refine_analyze.Luzzati_coordinate_error_free   ? 
_refine_analyze.Luzzati_sigma_a_free            ? 
_refine_analyze.Luzzati_d_res_low_free          ? 
_refine_analyze.number_disordered_residues      ? 
_refine_analyze.occupancy_sum_hydrogen          ? 
_refine_analyze.occupancy_sum_non_hydrogen      ? 
_refine_analyze.pdbx_Luzzati_d_res_high_obs     ? 
_refine_analyze.pdbx_refine_id                  'X-RAY DIFFRACTION' 
# 
_refine_hist.pdbx_refine_id                   'X-RAY DIFFRACTION' 
_refine_hist.cycle_id                         LAST 
_refine_hist.pdbx_number_atoms_protein        1619 
_refine_hist.pdbx_number_atoms_nucleic_acid   0 
_refine_hist.pdbx_number_atoms_ligand         5 
_refine_hist.number_atoms_solvent             86 
_refine_hist.number_atoms_total               1710 
_refine_hist.d_res_high                       2.17 
_refine_hist.d_res_low                        20.91 
# 
loop_
_refine_ls_restr.type 
_refine_ls_restr.dev_ideal 
_refine_ls_restr.dev_ideal_target 
_refine_ls_restr.weight 
_refine_ls_restr.number 
_refine_ls_restr.pdbx_refine_id 
_refine_ls_restr.pdbx_restraint_function 
o_bond_d           0.008 ? ? ? 'X-RAY DIFFRACTION' ? 
o_dihedral_angle_d 18.26 ? ? ? 'X-RAY DIFFRACTION' ? 
o_angle_deg        1.04  ? ? ? 'X-RAY DIFFRACTION' ? 
# 
_refine_ls_shell.pdbx_total_number_of_bins_used   5 
_refine_ls_shell.d_res_high                       2.170 
_refine_ls_shell.d_res_low                        2.430 
_refine_ls_shell.number_reflns_R_work             2428 
_refine_ls_shell.R_factor_R_work                  0.1905 
_refine_ls_shell.percent_reflns_obs               99.9 
_refine_ls_shell.R_factor_R_free                  0.2244 
_refine_ls_shell.R_factor_R_free_error            ? 
_refine_ls_shell.percent_reflns_R_free            10.14 
_refine_ls_shell.number_reflns_R_free             274 
_refine_ls_shell.number_reflns_all                2702 
_refine_ls_shell.R_factor_all                     0.194 
_refine_ls_shell.number_reflns_obs                ? 
_refine_ls_shell.redundancy_reflns_obs            ? 
_refine_ls_shell.pdbx_refine_id                   'X-RAY DIFFRACTION' 
# 
_struct.entry_id                  3JVB 
_struct.title                     'Crystal structure of infectious baculovirus polyhedra' 
_struct.pdbx_model_details        ? 
_struct.pdbx_CASP_flag            ? 
_struct.pdbx_model_type_details   ? 
# 
_struct_keywords.entry_id        3JVB 
_struct_keywords.pdbx_keywords   'VIRAL PROTEIN' 
_struct_keywords.text            'Jelly-roll, disulfide bond, domain swapping, VIRAL PROTEIN' 
# 
loop_
_struct_asym.id 
_struct_asym.pdbx_blank_PDB_chainid_flag 
_struct_asym.pdbx_modified 
_struct_asym.entity_id 
_struct_asym.details 
A N N 1 ? 
B N N 2 ? 
C N N 3 ? 
# 
_struct_ref.id                         1 
_struct_ref.db_name                    UNP 
_struct_ref.db_code                    O37157_9ABAC 
_struct_ref.pdbx_db_accession          O37157 
_struct_ref.entity_id                  1 
_struct_ref.pdbx_seq_one_letter_code   
;MYTAYPYPKGKTYVYDNRYWKNLGGVIKNAKRRKHEEEQEKVEREFDSLDKYLVAEDPFCGPGKNQKLTLFKEIRNIKPD
TMKLIVNWSGKEFLRETWTRFMEDSFPIVNDQEVMDVFLVINMRSTKPNRCFRFLAQHALRCDPDYVPHEIIRIVEPSYV
GNNEYRISLAKRGGGCPIMNLHLEYTNSFEHFINKVIWENFYKPIVYIGTDSAEDEEVLFEVSLVFKIKEFAPDAPLFSG
PAY
;
_struct_ref.pdbx_align_begin           1 
_struct_ref.pdbx_db_isoform            ? 
# 
_struct_ref_seq.align_id                      1 
_struct_ref_seq.ref_id                        1 
_struct_ref_seq.pdbx_PDB_id_code              3JVB 
_struct_ref_seq.pdbx_strand_id                A 
_struct_ref_seq.seq_align_beg                 1 
_struct_ref_seq.pdbx_seq_align_beg_ins_code   ? 
_struct_ref_seq.seq_align_end                 243 
_struct_ref_seq.pdbx_seq_align_end_ins_code   ? 
_struct_ref_seq.pdbx_db_accession             O37157 
_struct_ref_seq.db_align_beg                  1 
_struct_ref_seq.pdbx_db_align_beg_ins_code    ? 
_struct_ref_seq.db_align_end                  243 
_struct_ref_seq.pdbx_db_align_end_ins_code    ? 
_struct_ref_seq.pdbx_auth_seq_align_beg       1 
_struct_ref_seq.pdbx_auth_seq_align_end       243 
# 
_pdbx_struct_assembly.id                   1 
_pdbx_struct_assembly.details              author_and_software_defined_assembly 
_pdbx_struct_assembly.method_details       PISA 
_pdbx_struct_assembly.oligomeric_details   dodecameric 
_pdbx_struct_assembly.oligomeric_count     12 
# 
loop_
_pdbx_struct_assembly_prop.biol_id 
_pdbx_struct_assembly_prop.type 
_pdbx_struct_assembly_prop.value 
_pdbx_struct_assembly_prop.details 
1 'ABSA (A^2)' 62440  ? 
1 MORE         -443   ? 
1 'SSA (A^2)'  109170 ? 
# 
_pdbx_struct_assembly_gen.assembly_id       1 
_pdbx_struct_assembly_gen.oper_expression   1,2,3,4,5,6,7,8,9,10,11,12 
_pdbx_struct_assembly_gen.asym_id_list      A,B,C 
# 
loop_
_pdbx_struct_oper_list.id 
_pdbx_struct_oper_list.type 
_pdbx_struct_oper_list.name 
_pdbx_struct_oper_list.symmetry_operation 
_pdbx_struct_oper_list.matrix[1][1] 
_pdbx_struct_oper_list.matrix[1][2] 
_pdbx_struct_oper_list.matrix[1][3] 
_pdbx_struct_oper_list.vector[1] 
_pdbx_struct_oper_list.matrix[2][1] 
_pdbx_struct_oper_list.matrix[2][2] 
_pdbx_struct_oper_list.matrix[2][3] 
_pdbx_struct_oper_list.vector[2] 
_pdbx_struct_oper_list.matrix[3][1] 
_pdbx_struct_oper_list.matrix[3][2] 
_pdbx_struct_oper_list.matrix[3][3] 
_pdbx_struct_oper_list.vector[3] 
1  'identity operation'         1_555  x,y,z       1.0000000000  0.0000000000  0.0000000000  0.0000000000  0.0000000000  1.0000000000  0.0000000000  0.0000000000   0.0000000000  0.0000000000  1.0000000000  0.0000000000   
2  'crystal symmetry operation' 2_665  -x+1,-y+1,z -0.3013465175 -0.9144044939 0.2702863257  57.5783170189 -0.9144044939 0.1967815225  -0.3537533800 32.1098863903  0.2702863257  -0.3537533800 -0.8954350050 -40.2013207971 
3  'crystal symmetry operation' 3_656  -x+1,y,-z+1 -0.0048910432 0.8932137090  0.4496057693  13.2411073295 0.8932137090  -0.1982478657 0.4035679048  15.2278666208  0.4496057693  0.4035679048  -0.7968610911 -59.5590305016 
4  'crystal symmetry operation' 4_566  x,-y+1,-z+1 -0.6937624393 0.0211907849  -0.7198920950 23.5657342483 0.0211907849  -0.9985336568 -0.0498145248 44.0679294719  -0.7198920950 -0.0498145248 0.6922960961  11.3219009418  
5  'crystal symmetry operation' 5_555  z,x,y       0.9241961290  0.0906183764  -0.3710118933 -8.4849977660 -0.2818913898 -0.4935778920 -0.8227503321 22.5912764223  -0.2576795675 0.8649677303  -0.4306182370 -45.3158747015 
6  'crystal symmetry operation' 6_566  z,-x+1,-y+1 -0.4616445770 -0.6960103603 0.5499580556  62.5535738517 0.3138986669  0.4516864554  0.8351329073  23.5873646160  -0.8296697605 0.5581656782  0.0099581216  -15.0671930875 
7  'crystal symmetry operation' 7_665  -z+1,-x+1,y -0.0903877948 0.6578112601  0.7477395220  27.2294155922 -0.8094050926 -0.4859741179 0.3296855364  60.3447960924  0.5802529127  -0.5754246284 0.5763619127  -9.9090195682  
8  'crystal symmetry operation' 8_656  -z+1,x,-y+1 -0.3721637572 -0.0524192762 -0.9266856842 13.0871669188 0.7773978155  0.5278655544  -0.3420681117 -15.1177546478 0.5070964153  -0.8477087802 -0.1557017972 -18.1463629998 
9  'crystal symmetry operation' 9_555  y,z,x       0.9241961290  -0.2818913898 -0.2576795675 2.5331134051  0.0906183764  -0.4935778920 0.8649677303  51.1162206008  -0.3710118933 -0.8227503321 -0.4306182370 -4.0748969818  
10 'crystal symmetry operation' 10_656 -y+1,z,-x+1 -0.0903877948 -0.8094050926 0.5802529127  57.0543295627 0.6578112601  -0.4859741179 -0.5754246284 5.7122989648   0.7477395220  0.3296855364  0.5763619127  -34.5441351956 
11 'crystal symmetry operation' 11_566 y,-z+1,-x+1 -0.3721637572 0.7773978155  0.5070964153  25.8250342762 -0.0524192762 0.5278655544  -0.8477087802 -6.7166694879  -0.9266856842 -0.3420681117 -0.1557017972 4.1309671138   
12 'crystal symmetry operation' 12_665 -y+1,-z+1,x -0.4616445770 0.3138986669  -0.8296697605 8.9726813527  -0.6960103603 0.4516864554  0.5581656782  41.2938324053  0.5499580556  0.8351329073  0.0099581216  -53.9503852934   
# 
_struct_biol.id        1 
_struct_biol.details   
;POLYHEDRA ARE VIRUS-CONTAINING CRYSTALS, WHICH REPRESENT THE MAIN INFECTIOUS FORM OF BACULOVIRUS. THE BIOLOGICAL ASSEMBLY IS THE WHOLE CRYSTAL. DODECAMERS OF THE POLYHEDRIN PROTEIN ARE PUTATIVE BUILDING BLOCKS OF THE CRYSTAL. INTERFACES INVOLVED IN GENERATING BIOMOLECULES 2-7 EXIST IN THE CRYSTAL BUT MAY NOT BE RELEVANT IN SOLUTION.
;
# 
loop_
_struct_conf.conf_type_id 
_struct_conf.id 
_struct_conf.pdbx_PDB_helix_id 
_struct_conf.beg_label_comp_id 
_struct_conf.beg_label_asym_id 
_struct_conf.beg_label_seq_id 
_struct_conf.pdbx_beg_PDB_ins_code 
_struct_conf.end_label_comp_id 
_struct_conf.end_label_asym_id 
_struct_conf.end_label_seq_id 
_struct_conf.pdbx_end_PDB_ins_code 
_struct_conf.beg_auth_comp_id 
_struct_conf.beg_auth_asym_id 
_struct_conf.beg_auth_seq_id 
_struct_conf.end_auth_comp_id 
_struct_conf.end_auth_asym_id 
_struct_conf.end_auth_seq_id 
_struct_conf.pdbx_PDB_helix_class 
_struct_conf.details 
_struct_conf.pdbx_PDB_helix_length 
HELX_P HELX_P1 1 ASN A 22  ? GLU A 36  ? ASN A 22  GLU A 36  1 ? 15 
HELX_P HELX_P2 2 GLU A 40  ? ASP A 50  ? GLU A 40  ASP A 50  1 ? 11 
HELX_P HELX_P3 3 SER A 89  ? PHE A 106 ? SER A 89  PHE A 106 1 ? 18 
HELX_P HELX_P4 4 SER A 188 ? ASN A 194 ? SER A 188 ASN A 194 1 ? 7  
# 
_struct_conf_type.id          HELX_P 
_struct_conf_type.criteria    ? 
_struct_conf_type.reference   ? 
# 
_struct_conn.id                            disulf1 
_struct_conn.conn_type_id                  disulf 
_struct_conn.pdbx_leaving_atom_flag        ? 
_struct_conn.pdbx_PDB_id                   ? 
_struct_conn.ptnr1_label_asym_id           A 
_struct_conn.ptnr1_label_comp_id           CYS 
_struct_conn.ptnr1_label_seq_id            131 
_struct_conn.ptnr1_label_atom_id           SG 
_struct_conn.pdbx_ptnr1_label_alt_id       A 
_struct_conn.pdbx_ptnr1_PDB_ins_code       ? 
_struct_conn.pdbx_ptnr1_standard_comp_id   ? 
_struct_conn.ptnr1_symmetry                1_555 
_struct_conn.ptnr2_label_asym_id           A 
_struct_conn.ptnr2_label_comp_id           CYS 
_struct_conn.ptnr2_label_seq_id            131 
_struct_conn.ptnr2_label_atom_id           SG 
_struct_conn.pdbx_ptnr2_label_alt_id       A 
_struct_conn.pdbx_ptnr2_PDB_ins_code       ? 
_struct_conn.ptnr1_auth_asym_id            A 
_struct_conn.ptnr1_auth_comp_id            CYS 
_struct_conn.ptnr1_auth_seq_id             131 
_struct_conn.ptnr2_auth_asym_id            A 
_struct_conn.ptnr2_auth_comp_id            CYS 
_struct_conn.ptnr2_auth_seq_id             131 
_struct_conn.ptnr2_symmetry                4_566 
_struct_conn.pdbx_ptnr3_label_atom_id      ? 
_struct_conn.pdbx_ptnr3_label_seq_id       ? 
_struct_conn.pdbx_ptnr3_label_comp_id      ? 
_struct_conn.pdbx_ptnr3_label_asym_id      ? 
_struct_conn.pdbx_ptnr3_label_alt_id       ? 
_struct_conn.pdbx_ptnr3_PDB_ins_code       ? 
_struct_conn.details                       ? 
_struct_conn.pdbx_dist_value               2.249 
_struct_conn.pdbx_value_order              ? 
_struct_conn.pdbx_role                     ? 
# 
_struct_conn_type.id          disulf 
_struct_conn_type.criteria    ? 
_struct_conn_type.reference   ? 
# 
_pdbx_modification_feature.ordinal                            1 
_pdbx_modification_feature.label_comp_id                      CYS 
_pdbx_modification_feature.label_asym_id                      A 
_pdbx_modification_feature.label_seq_id                       131 
_pdbx_modification_feature.label_alt_id                       A 
_pdbx_modification_feature.modified_residue_label_comp_id     CYS 
_pdbx_modification_feature.modified_residue_label_asym_id     A 
_pdbx_modification_feature.modified_residue_label_seq_id      131 
_pdbx_modification_feature.modified_residue_label_alt_id      A 
_pdbx_modification_feature.auth_comp_id                       CYS 
_pdbx_modification_feature.auth_asym_id                       A 
_pdbx_modification_feature.auth_seq_id                        131 
_pdbx_modification_feature.PDB_ins_code                       ? 
_pdbx_modification_feature.symmetry                           1_555 
_pdbx_modification_feature.modified_residue_auth_comp_id      CYS 
_pdbx_modification_feature.modified_residue_auth_asym_id      A 
_pdbx_modification_feature.modified_residue_auth_seq_id       131 
_pdbx_modification_feature.modified_residue_PDB_ins_code      ? 
_pdbx_modification_feature.modified_residue_symmetry          4_566 
_pdbx_modification_feature.comp_id_linking_atom               SG 
_pdbx_modification_feature.modified_residue_id_linking_atom   SG 
_pdbx_modification_feature.modified_residue_id                . 
_pdbx_modification_feature.ref_pcm_id                         . 
_pdbx_modification_feature.ref_comp_id                        . 
_pdbx_modification_feature.type                               None 
_pdbx_modification_feature.category                           'Disulfide bridge' 
# 
loop_
_struct_mon_prot_cis.pdbx_id 
_struct_mon_prot_cis.label_comp_id 
_struct_mon_prot_cis.label_seq_id 
_struct_mon_prot_cis.label_asym_id 
_struct_mon_prot_cis.label_alt_id 
_struct_mon_prot_cis.pdbx_PDB_ins_code 
_struct_mon_prot_cis.auth_comp_id 
_struct_mon_prot_cis.auth_seq_id 
_struct_mon_prot_cis.auth_asym_id 
_struct_mon_prot_cis.pdbx_label_comp_id_2 
_struct_mon_prot_cis.pdbx_label_seq_id_2 
_struct_mon_prot_cis.pdbx_label_asym_id_2 
_struct_mon_prot_cis.pdbx_PDB_ins_code_2 
_struct_mon_prot_cis.pdbx_auth_comp_id_2 
_struct_mon_prot_cis.pdbx_auth_seq_id_2 
_struct_mon_prot_cis.pdbx_auth_asym_id_2 
_struct_mon_prot_cis.pdbx_PDB_model_num 
_struct_mon_prot_cis.pdbx_omega_angle 
1 PHE 106 A . ? PHE 106 A PRO 107 A ? PRO 107 A 1 0.64  
2 GLY 240 A . ? GLY 240 A PRO 241 A ? PRO 241 A 1 -0.29 
# 
loop_
_struct_sheet.id 
_struct_sheet.type 
_struct_sheet.number_strands 
_struct_sheet.details 
A ? 2 ? 
B ? 4 ? 
C ? 5 ? 
# 
loop_
_struct_sheet_order.sheet_id 
_struct_sheet_order.range_id_1 
_struct_sheet_order.range_id_2 
_struct_sheet_order.offset 
_struct_sheet_order.sense 
A 1 2 ? anti-parallel 
B 1 2 ? anti-parallel 
B 2 3 ? anti-parallel 
B 3 4 ? anti-parallel 
C 1 2 ? anti-parallel 
C 2 3 ? anti-parallel 
C 3 4 ? anti-parallel 
C 4 5 ? anti-parallel 
# 
loop_
_struct_sheet_range.sheet_id 
_struct_sheet_range.id 
_struct_sheet_range.beg_label_comp_id 
_struct_sheet_range.beg_label_asym_id 
_struct_sheet_range.beg_label_seq_id 
_struct_sheet_range.pdbx_beg_PDB_ins_code 
_struct_sheet_range.end_label_comp_id 
_struct_sheet_range.end_label_asym_id 
_struct_sheet_range.end_label_seq_id 
_struct_sheet_range.pdbx_end_PDB_ins_code 
_struct_sheet_range.beg_auth_comp_id 
_struct_sheet_range.beg_auth_asym_id 
_struct_sheet_range.beg_auth_seq_id 
_struct_sheet_range.end_auth_comp_id 
_struct_sheet_range.end_auth_asym_id 
_struct_sheet_range.end_auth_seq_id 
A 1 THR A 12  ? TYR A 15  ? THR A 12  TYR A 15  
A 2 ARG A 18  ? LYS A 21  ? ARG A 18  LYS A 21  
B 1 LYS A 64  ? ILE A 77  ? LYS A 64  ILE A 77  
B 2 GLU A 216 ? PHE A 231 ? GLU A 216 PHE A 231 
B 3 ASP A 111 ? SER A 125 ? ASP A 111 SER A 125 
B 4 GLU A 164 ? SER A 168 ? GLU A 164 SER A 168 
C 1 ILE A 151 ? ARG A 153 ? ILE A 151 ARG A 153 
C 2 THR A 81  ? LEU A 84  ? THR A 81  LEU A 84  
C 3 PRO A 204 ? THR A 210 ? PRO A 204 THR A 210 
C 4 PHE A 134 ? LEU A 140 ? PHE A 134 LEU A 140 
C 5 SER A 158 ? TYR A 159 ? SER A 158 TYR A 159 
# 
loop_
_pdbx_struct_sheet_hbond.sheet_id 
_pdbx_struct_sheet_hbond.range_id_1 
_pdbx_struct_sheet_hbond.range_id_2 
_pdbx_struct_sheet_hbond.range_1_label_atom_id 
_pdbx_struct_sheet_hbond.range_1_label_comp_id 
_pdbx_struct_sheet_hbond.range_1_label_asym_id 
_pdbx_struct_sheet_hbond.range_1_label_seq_id 
_pdbx_struct_sheet_hbond.range_1_PDB_ins_code 
_pdbx_struct_sheet_hbond.range_1_auth_atom_id 
_pdbx_struct_sheet_hbond.range_1_auth_comp_id 
_pdbx_struct_sheet_hbond.range_1_auth_asym_id 
_pdbx_struct_sheet_hbond.range_1_auth_seq_id 
_pdbx_struct_sheet_hbond.range_2_label_atom_id 
_pdbx_struct_sheet_hbond.range_2_label_comp_id 
_pdbx_struct_sheet_hbond.range_2_label_asym_id 
_pdbx_struct_sheet_hbond.range_2_label_seq_id 
_pdbx_struct_sheet_hbond.range_2_PDB_ins_code 
_pdbx_struct_sheet_hbond.range_2_auth_atom_id 
_pdbx_struct_sheet_hbond.range_2_auth_comp_id 
_pdbx_struct_sheet_hbond.range_2_auth_asym_id 
_pdbx_struct_sheet_hbond.range_2_auth_seq_id 
A 1 2 N TYR A 13  ? N TYR A 13  O TRP A 20  ? O TRP A 20  
B 1 2 N GLU A 73  ? N GLU A 73  O PHE A 220 ? O PHE A 220 
B 2 3 O LEU A 219 ? O LEU A 219 N ARG A 124 ? N ARG A 124 
B 3 4 N LEU A 119 ? N LEU A 119 O ILE A 167 ? O ILE A 167 
C 1 2 O ILE A 152 ? O ILE A 152 N MET A 82  ? N MET A 82  
C 2 3 N LYS A 83  ? N LYS A 83  O ILE A 208 ? O ILE A 208 
C 3 4 O TYR A 207 ? O TYR A 207 N GLN A 137 ? N GLN A 137 
C 4 5 N ALA A 136 ? N ALA A 136 O SER A 158 ? O SER A 158 
# 
_struct_site.id                   AC1 
_struct_site.pdbx_evidence_code   Software 
_struct_site.pdbx_auth_asym_id    A 
_struct_site.pdbx_auth_comp_id    SO4 
_struct_site.pdbx_auth_seq_id     244 
_struct_site.pdbx_auth_ins_code   ? 
_struct_site.pdbx_num_residues    3 
_struct_site.details              'BINDING SITE FOR RESIDUE SO4 A 244' 
# 
loop_
_struct_site_gen.id 
_struct_site_gen.site_id 
_struct_site_gen.pdbx_num_res 
_struct_site_gen.label_comp_id 
_struct_site_gen.label_asym_id 
_struct_site_gen.label_seq_id 
_struct_site_gen.pdbx_auth_ins_code 
_struct_site_gen.auth_comp_id 
_struct_site_gen.auth_asym_id 
_struct_site_gen.auth_seq_id 
_struct_site_gen.label_atom_id 
_struct_site_gen.label_alt_id 
_struct_site_gen.symmetry 
_struct_site_gen.details 
1 AC1 3 LYS A 31 ? LYS A 31 . ? 7_665  ? 
2 AC1 3 LYS A 31 ? LYS A 31 . ? 1_555  ? 
3 AC1 3 LYS A 31 ? LYS A 31 . ? 10_656 ? 
# 
_pdbx_entry_details.entry_id                   3JVB 
_pdbx_entry_details.compound_details           ? 
_pdbx_entry_details.source_details             ? 
_pdbx_entry_details.nonpolymer_details         ? 
_pdbx_entry_details.sequence_details           ? 
_pdbx_entry_details.has_ligand_of_interest     ? 
_pdbx_entry_details.has_protein_modification   Y 
# 
loop_
_pdbx_validate_torsion.id 
_pdbx_validate_torsion.PDB_model_num 
_pdbx_validate_torsion.auth_comp_id 
_pdbx_validate_torsion.auth_asym_id 
_pdbx_validate_torsion.auth_seq_id 
_pdbx_validate_torsion.PDB_ins_code 
_pdbx_validate_torsion.label_alt_id 
_pdbx_validate_torsion.phi 
_pdbx_validate_torsion.psi 
1 1 ASP A 16  ? ? 38.43   63.37   
2 1 ASN A 162 ? ? 62.12   -121.42 
3 1 PHE A 231 ? ? -114.14 76.96   
# 
loop_
_pdbx_struct_special_symmetry.id 
_pdbx_struct_special_symmetry.PDB_model_num 
_pdbx_struct_special_symmetry.auth_asym_id 
_pdbx_struct_special_symmetry.auth_comp_id 
_pdbx_struct_special_symmetry.auth_seq_id 
_pdbx_struct_special_symmetry.PDB_ins_code 
_pdbx_struct_special_symmetry.label_asym_id 
_pdbx_struct_special_symmetry.label_comp_id 
_pdbx_struct_special_symmetry.label_seq_id 
1 1 A SO4 244 ? B SO4 . 
2 1 A SO4 244 ? B SO4 . 
# 
loop_
_pdbx_unobs_or_zero_occ_residues.id 
_pdbx_unobs_or_zero_occ_residues.PDB_model_num 
_pdbx_unobs_or_zero_occ_residues.polymer_flag 
_pdbx_unobs_or_zero_occ_residues.occupancy_flag 
_pdbx_unobs_or_zero_occ_residues.auth_asym_id 
_pdbx_unobs_or_zero_occ_residues.auth_comp_id 
_pdbx_unobs_or_zero_occ_residues.auth_seq_id 
_pdbx_unobs_or_zero_occ_residues.PDB_ins_code 
_pdbx_unobs_or_zero_occ_residues.label_asym_id 
_pdbx_unobs_or_zero_occ_residues.label_comp_id 
_pdbx_unobs_or_zero_occ_residues.label_seq_id 
1  1 Y 1 A MET 1   ? A MET 1   
2  1 Y 1 A TYR 2   ? A TYR 2   
3  1 Y 1 A THR 3   ? A THR 3   
4  1 Y 1 A ALA 4   ? A ALA 4   
5  1 Y 1 A TYR 5   ? A TYR 5   
6  1 Y 1 A PRO 6   ? A PRO 6   
7  1 Y 1 A TYR 7   ? A TYR 7   
8  1 Y 1 A PRO 8   ? A PRO 8   
9  1 Y 1 A LYS 9   ? A LYS 9   
10 1 Y 1 A GLU 37  ? A GLU 37  
11 1 Y 1 A GLU 38  ? A GLU 38  
12 1 Y 1 A GLN 39  ? A GLN 39  
13 1 Y 1 A CYS 142 ? A CYS 142 
14 1 Y 1 A ASP 143 ? A ASP 143 
15 1 Y 1 A PRO 144 ? A PRO 144 
16 1 Y 1 A ASP 145 ? A ASP 145 
17 1 Y 1 A LYS 171 ? A LYS 171 
18 1 Y 1 A ARG 172 ? A ARG 172 
19 1 Y 1 A GLY 173 ? A GLY 173 
20 1 Y 1 A GLY 174 ? A GLY 174 
21 1 Y 1 A GLY 175 ? A GLY 175 
22 1 Y 1 A CYS 176 ? A CYS 176 
23 1 Y 1 A PRO 177 ? A PRO 177 
24 1 Y 1 A ILE 178 ? A ILE 178 
25 1 Y 1 A MET 179 ? A MET 179 
26 1 Y 1 A ASN 180 ? A ASN 180 
27 1 Y 1 A LEU 181 ? A LEU 181 
28 1 Y 1 A HIS 182 ? A HIS 182 
29 1 Y 1 A LEU 183 ? A LEU 183 
30 1 Y 1 A GLU 184 ? A GLU 184 
31 1 Y 1 A TYR 185 ? A TYR 185 
32 1 Y 1 A LYS 195 ? A LYS 195 
33 1 Y 1 A VAL 196 ? A VAL 196 
34 1 Y 1 A ILE 197 ? A ILE 197 
35 1 Y 1 A TRP 198 ? A TRP 198 
36 1 Y 1 A GLU 199 ? A GLU 199 
37 1 Y 1 A ASN 200 ? A ASN 200 
38 1 Y 1 A PHE 201 ? A PHE 201 
39 1 Y 1 A TYR 202 ? A TYR 202 
# 
loop_
_chem_comp_atom.comp_id 
_chem_comp_atom.atom_id 
_chem_comp_atom.type_symbol 
_chem_comp_atom.pdbx_aromatic_flag 
_chem_comp_atom.pdbx_stereo_config 
_chem_comp_atom.pdbx_ordinal 
ALA N    N N N 1   
ALA CA   C N S 2   
ALA C    C N N 3   
ALA O    O N N 4   
ALA CB   C N N 5   
ALA OXT  O N N 6   
ALA H    H N N 7   
ALA H2   H N N 8   
ALA HA   H N N 9   
ALA HB1  H N N 10  
ALA HB2  H N N 11  
ALA HB3  H N N 12  
ALA HXT  H N N 13  
ARG N    N N N 14  
ARG CA   C N S 15  
ARG C    C N N 16  
ARG O    O N N 17  
ARG CB   C N N 18  
ARG CG   C N N 19  
ARG CD   C N N 20  
ARG NE   N N N 21  
ARG CZ   C N N 22  
ARG NH1  N N N 23  
ARG NH2  N N N 24  
ARG OXT  O N N 25  
ARG H    H N N 26  
ARG H2   H N N 27  
ARG HA   H N N 28  
ARG HB2  H N N 29  
ARG HB3  H N N 30  
ARG HG2  H N N 31  
ARG HG3  H N N 32  
ARG HD2  H N N 33  
ARG HD3  H N N 34  
ARG HE   H N N 35  
ARG HH11 H N N 36  
ARG HH12 H N N 37  
ARG HH21 H N N 38  
ARG HH22 H N N 39  
ARG HXT  H N N 40  
ASN N    N N N 41  
ASN CA   C N S 42  
ASN C    C N N 43  
ASN O    O N N 44  
ASN CB   C N N 45  
ASN CG   C N N 46  
ASN OD1  O N N 47  
ASN ND2  N N N 48  
ASN OXT  O N N 49  
ASN H    H N N 50  
ASN H2   H N N 51  
ASN HA   H N N 52  
ASN HB2  H N N 53  
ASN HB3  H N N 54  
ASN HD21 H N N 55  
ASN HD22 H N N 56  
ASN HXT  H N N 57  
ASP N    N N N 58  
ASP CA   C N S 59  
ASP C    C N N 60  
ASP O    O N N 61  
ASP CB   C N N 62  
ASP CG   C N N 63  
ASP OD1  O N N 64  
ASP OD2  O N N 65  
ASP OXT  O N N 66  
ASP H    H N N 67  
ASP H2   H N N 68  
ASP HA   H N N 69  
ASP HB2  H N N 70  
ASP HB3  H N N 71  
ASP HD2  H N N 72  
ASP HXT  H N N 73  
CYS N    N N N 74  
CYS CA   C N R 75  
CYS C    C N N 76  
CYS O    O N N 77  
CYS CB   C N N 78  
CYS SG   S N N 79  
CYS OXT  O N N 80  
CYS H    H N N 81  
CYS H2   H N N 82  
CYS HA   H N N 83  
CYS HB2  H N N 84  
CYS HB3  H N N 85  
CYS HG   H N N 86  
CYS HXT  H N N 87  
GLN N    N N N 88  
GLN CA   C N S 89  
GLN C    C N N 90  
GLN O    O N N 91  
GLN CB   C N N 92  
GLN CG   C N N 93  
GLN CD   C N N 94  
GLN OE1  O N N 95  
GLN NE2  N N N 96  
GLN OXT  O N N 97  
GLN H    H N N 98  
GLN H2   H N N 99  
GLN HA   H N N 100 
GLN HB2  H N N 101 
GLN HB3  H N N 102 
GLN HG2  H N N 103 
GLN HG3  H N N 104 
GLN HE21 H N N 105 
GLN HE22 H N N 106 
GLN HXT  H N N 107 
GLU N    N N N 108 
GLU CA   C N S 109 
GLU C    C N N 110 
GLU O    O N N 111 
GLU CB   C N N 112 
GLU CG   C N N 113 
GLU CD   C N N 114 
GLU OE1  O N N 115 
GLU OE2  O N N 116 
GLU OXT  O N N 117 
GLU H    H N N 118 
GLU H2   H N N 119 
GLU HA   H N N 120 
GLU HB2  H N N 121 
GLU HB3  H N N 122 
GLU HG2  H N N 123 
GLU HG3  H N N 124 
GLU HE2  H N N 125 
GLU HXT  H N N 126 
GLY N    N N N 127 
GLY CA   C N N 128 
GLY C    C N N 129 
GLY O    O N N 130 
GLY OXT  O N N 131 
GLY H    H N N 132 
GLY H2   H N N 133 
GLY HA2  H N N 134 
GLY HA3  H N N 135 
GLY HXT  H N N 136 
HIS N    N N N 137 
HIS CA   C N S 138 
HIS C    C N N 139 
HIS O    O N N 140 
HIS CB   C N N 141 
HIS CG   C Y N 142 
HIS ND1  N Y N 143 
HIS CD2  C Y N 144 
HIS CE1  C Y N 145 
HIS NE2  N Y N 146 
HIS OXT  O N N 147 
HIS H    H N N 148 
HIS H2   H N N 149 
HIS HA   H N N 150 
HIS HB2  H N N 151 
HIS HB3  H N N 152 
HIS HD1  H N N 153 
HIS HD2  H N N 154 
HIS HE1  H N N 155 
HIS HE2  H N N 156 
HIS HXT  H N N 157 
HOH O    O N N 158 
HOH H1   H N N 159 
HOH H2   H N N 160 
ILE N    N N N 161 
ILE CA   C N S 162 
ILE C    C N N 163 
ILE O    O N N 164 
ILE CB   C N S 165 
ILE CG1  C N N 166 
ILE CG2  C N N 167 
ILE CD1  C N N 168 
ILE OXT  O N N 169 
ILE H    H N N 170 
ILE H2   H N N 171 
ILE HA   H N N 172 
ILE HB   H N N 173 
ILE HG12 H N N 174 
ILE HG13 H N N 175 
ILE HG21 H N N 176 
ILE HG22 H N N 177 
ILE HG23 H N N 178 
ILE HD11 H N N 179 
ILE HD12 H N N 180 
ILE HD13 H N N 181 
ILE HXT  H N N 182 
LEU N    N N N 183 
LEU CA   C N S 184 
LEU C    C N N 185 
LEU O    O N N 186 
LEU CB   C N N 187 
LEU CG   C N N 188 
LEU CD1  C N N 189 
LEU CD2  C N N 190 
LEU OXT  O N N 191 
LEU H    H N N 192 
LEU H2   H N N 193 
LEU HA   H N N 194 
LEU HB2  H N N 195 
LEU HB3  H N N 196 
LEU HG   H N N 197 
LEU HD11 H N N 198 
LEU HD12 H N N 199 
LEU HD13 H N N 200 
LEU HD21 H N N 201 
LEU HD22 H N N 202 
LEU HD23 H N N 203 
LEU HXT  H N N 204 
LYS N    N N N 205 
LYS CA   C N S 206 
LYS C    C N N 207 
LYS O    O N N 208 
LYS CB   C N N 209 
LYS CG   C N N 210 
LYS CD   C N N 211 
LYS CE   C N N 212 
LYS NZ   N N N 213 
LYS OXT  O N N 214 
LYS H    H N N 215 
LYS H2   H N N 216 
LYS HA   H N N 217 
LYS HB2  H N N 218 
LYS HB3  H N N 219 
LYS HG2  H N N 220 
LYS HG3  H N N 221 
LYS HD2  H N N 222 
LYS HD3  H N N 223 
LYS HE2  H N N 224 
LYS HE3  H N N 225 
LYS HZ1  H N N 226 
LYS HZ2  H N N 227 
LYS HZ3  H N N 228 
LYS HXT  H N N 229 
MET N    N N N 230 
MET CA   C N S 231 
MET C    C N N 232 
MET O    O N N 233 
MET CB   C N N 234 
MET CG   C N N 235 
MET SD   S N N 236 
MET CE   C N N 237 
MET OXT  O N N 238 
MET H    H N N 239 
MET H2   H N N 240 
MET HA   H N N 241 
MET HB2  H N N 242 
MET HB3  H N N 243 
MET HG2  H N N 244 
MET HG3  H N N 245 
MET HE1  H N N 246 
MET HE2  H N N 247 
MET HE3  H N N 248 
MET HXT  H N N 249 
PHE N    N N N 250 
PHE CA   C N S 251 
PHE C    C N N 252 
PHE O    O N N 253 
PHE CB   C N N 254 
PHE CG   C Y N 255 
PHE CD1  C Y N 256 
PHE CD2  C Y N 257 
PHE CE1  C Y N 258 
PHE CE2  C Y N 259 
PHE CZ   C Y N 260 
PHE OXT  O N N 261 
PHE H    H N N 262 
PHE H2   H N N 263 
PHE HA   H N N 264 
PHE HB2  H N N 265 
PHE HB3  H N N 266 
PHE HD1  H N N 267 
PHE HD2  H N N 268 
PHE HE1  H N N 269 
PHE HE2  H N N 270 
PHE HZ   H N N 271 
PHE HXT  H N N 272 
PRO N    N N N 273 
PRO CA   C N S 274 
PRO C    C N N 275 
PRO O    O N N 276 
PRO CB   C N N 277 
PRO CG   C N N 278 
PRO CD   C N N 279 
PRO OXT  O N N 280 
PRO H    H N N 281 
PRO HA   H N N 282 
PRO HB2  H N N 283 
PRO HB3  H N N 284 
PRO HG2  H N N 285 
PRO HG3  H N N 286 
PRO HD2  H N N 287 
PRO HD3  H N N 288 
PRO HXT  H N N 289 
SER N    N N N 290 
SER CA   C N S 291 
SER C    C N N 292 
SER O    O N N 293 
SER CB   C N N 294 
SER OG   O N N 295 
SER OXT  O N N 296 
SER H    H N N 297 
SER H2   H N N 298 
SER HA   H N N 299 
SER HB2  H N N 300 
SER HB3  H N N 301 
SER HG   H N N 302 
SER HXT  H N N 303 
SO4 S    S N N 304 
SO4 O1   O N N 305 
SO4 O2   O N N 306 
SO4 O3   O N N 307 
SO4 O4   O N N 308 
THR N    N N N 309 
THR CA   C N S 310 
THR C    C N N 311 
THR O    O N N 312 
THR CB   C N R 313 
THR OG1  O N N 314 
THR CG2  C N N 315 
THR OXT  O N N 316 
THR H    H N N 317 
THR H2   H N N 318 
THR HA   H N N 319 
THR HB   H N N 320 
THR HG1  H N N 321 
THR HG21 H N N 322 
THR HG22 H N N 323 
THR HG23 H N N 324 
THR HXT  H N N 325 
TRP N    N N N 326 
TRP CA   C N S 327 
TRP C    C N N 328 
TRP O    O N N 329 
TRP CB   C N N 330 
TRP CG   C Y N 331 
TRP CD1  C Y N 332 
TRP CD2  C Y N 333 
TRP NE1  N Y N 334 
TRP CE2  C Y N 335 
TRP CE3  C Y N 336 
TRP CZ2  C Y N 337 
TRP CZ3  C Y N 338 
TRP CH2  C Y N 339 
TRP OXT  O N N 340 
TRP H    H N N 341 
TRP H2   H N N 342 
TRP HA   H N N 343 
TRP HB2  H N N 344 
TRP HB3  H N N 345 
TRP HD1  H N N 346 
TRP HE1  H N N 347 
TRP HE3  H N N 348 
TRP HZ2  H N N 349 
TRP HZ3  H N N 350 
TRP HH2  H N N 351 
TRP HXT  H N N 352 
TYR N    N N N 353 
TYR CA   C N S 354 
TYR C    C N N 355 
TYR O    O N N 356 
TYR CB   C N N 357 
TYR CG   C Y N 358 
TYR CD1  C Y N 359 
TYR CD2  C Y N 360 
TYR CE1  C Y N 361 
TYR CE2  C Y N 362 
TYR CZ   C Y N 363 
TYR OH   O N N 364 
TYR OXT  O N N 365 
TYR H    H N N 366 
TYR H2   H N N 367 
TYR HA   H N N 368 
TYR HB2  H N N 369 
TYR HB3  H N N 370 
TYR HD1  H N N 371 
TYR HD2  H N N 372 
TYR HE1  H N N 373 
TYR HE2  H N N 374 
TYR HH   H N N 375 
TYR HXT  H N N 376 
VAL N    N N N 377 
VAL CA   C N S 378 
VAL C    C N N 379 
VAL O    O N N 380 
VAL CB   C N N 381 
VAL CG1  C N N 382 
VAL CG2  C N N 383 
VAL OXT  O N N 384 
VAL H    H N N 385 
VAL H2   H N N 386 
VAL HA   H N N 387 
VAL HB   H N N 388 
VAL HG11 H N N 389 
VAL HG12 H N N 390 
VAL HG13 H N N 391 
VAL HG21 H N N 392 
VAL HG22 H N N 393 
VAL HG23 H N N 394 
VAL HXT  H N N 395 
# 
loop_
_chem_comp_bond.comp_id 
_chem_comp_bond.atom_id_1 
_chem_comp_bond.atom_id_2 
_chem_comp_bond.value_order 
_chem_comp_bond.pdbx_aromatic_flag 
_chem_comp_bond.pdbx_stereo_config 
_chem_comp_bond.pdbx_ordinal 
ALA N   CA   sing N N 1   
ALA N   H    sing N N 2   
ALA N   H2   sing N N 3   
ALA CA  C    sing N N 4   
ALA CA  CB   sing N N 5   
ALA CA  HA   sing N N 6   
ALA C   O    doub N N 7   
ALA C   OXT  sing N N 8   
ALA CB  HB1  sing N N 9   
ALA CB  HB2  sing N N 10  
ALA CB  HB3  sing N N 11  
ALA OXT HXT  sing N N 12  
ARG N   CA   sing N N 13  
ARG N   H    sing N N 14  
ARG N   H2   sing N N 15  
ARG CA  C    sing N N 16  
ARG CA  CB   sing N N 17  
ARG CA  HA   sing N N 18  
ARG C   O    doub N N 19  
ARG C   OXT  sing N N 20  
ARG CB  CG   sing N N 21  
ARG CB  HB2  sing N N 22  
ARG CB  HB3  sing N N 23  
ARG CG  CD   sing N N 24  
ARG CG  HG2  sing N N 25  
ARG CG  HG3  sing N N 26  
ARG CD  NE   sing N N 27  
ARG CD  HD2  sing N N 28  
ARG CD  HD3  sing N N 29  
ARG NE  CZ   sing N N 30  
ARG NE  HE   sing N N 31  
ARG CZ  NH1  sing N N 32  
ARG CZ  NH2  doub N N 33  
ARG NH1 HH11 sing N N 34  
ARG NH1 HH12 sing N N 35  
ARG NH2 HH21 sing N N 36  
ARG NH2 HH22 sing N N 37  
ARG OXT HXT  sing N N 38  
ASN N   CA   sing N N 39  
ASN N   H    sing N N 40  
ASN N   H2   sing N N 41  
ASN CA  C    sing N N 42  
ASN CA  CB   sing N N 43  
ASN CA  HA   sing N N 44  
ASN C   O    doub N N 45  
ASN C   OXT  sing N N 46  
ASN CB  CG   sing N N 47  
ASN CB  HB2  sing N N 48  
ASN CB  HB3  sing N N 49  
ASN CG  OD1  doub N N 50  
ASN CG  ND2  sing N N 51  
ASN ND2 HD21 sing N N 52  
ASN ND2 HD22 sing N N 53  
ASN OXT HXT  sing N N 54  
ASP N   CA   sing N N 55  
ASP N   H    sing N N 56  
ASP N   H2   sing N N 57  
ASP CA  C    sing N N 58  
ASP CA  CB   sing N N 59  
ASP CA  HA   sing N N 60  
ASP C   O    doub N N 61  
ASP C   OXT  sing N N 62  
ASP CB  CG   sing N N 63  
ASP CB  HB2  sing N N 64  
ASP CB  HB3  sing N N 65  
ASP CG  OD1  doub N N 66  
ASP CG  OD2  sing N N 67  
ASP OD2 HD2  sing N N 68  
ASP OXT HXT  sing N N 69  
CYS N   CA   sing N N 70  
CYS N   H    sing N N 71  
CYS N   H2   sing N N 72  
CYS CA  C    sing N N 73  
CYS CA  CB   sing N N 74  
CYS CA  HA   sing N N 75  
CYS C   O    doub N N 76  
CYS C   OXT  sing N N 77  
CYS CB  SG   sing N N 78  
CYS CB  HB2  sing N N 79  
CYS CB  HB3  sing N N 80  
CYS SG  HG   sing N N 81  
CYS OXT HXT  sing N N 82  
GLN N   CA   sing N N 83  
GLN N   H    sing N N 84  
GLN N   H2   sing N N 85  
GLN CA  C    sing N N 86  
GLN CA  CB   sing N N 87  
GLN CA  HA   sing N N 88  
GLN C   O    doub N N 89  
GLN C   OXT  sing N N 90  
GLN CB  CG   sing N N 91  
GLN CB  HB2  sing N N 92  
GLN CB  HB3  sing N N 93  
GLN CG  CD   sing N N 94  
GLN CG  HG2  sing N N 95  
GLN CG  HG3  sing N N 96  
GLN CD  OE1  doub N N 97  
GLN CD  NE2  sing N N 98  
GLN NE2 HE21 sing N N 99  
GLN NE2 HE22 sing N N 100 
GLN OXT HXT  sing N N 101 
GLU N   CA   sing N N 102 
GLU N   H    sing N N 103 
GLU N   H2   sing N N 104 
GLU CA  C    sing N N 105 
GLU CA  CB   sing N N 106 
GLU CA  HA   sing N N 107 
GLU C   O    doub N N 108 
GLU C   OXT  sing N N 109 
GLU CB  CG   sing N N 110 
GLU CB  HB2  sing N N 111 
GLU CB  HB3  sing N N 112 
GLU CG  CD   sing N N 113 
GLU CG  HG2  sing N N 114 
GLU CG  HG3  sing N N 115 
GLU CD  OE1  doub N N 116 
GLU CD  OE2  sing N N 117 
GLU OE2 HE2  sing N N 118 
GLU OXT HXT  sing N N 119 
GLY N   CA   sing N N 120 
GLY N   H    sing N N 121 
GLY N   H2   sing N N 122 
GLY CA  C    sing N N 123 
GLY CA  HA2  sing N N 124 
GLY CA  HA3  sing N N 125 
GLY C   O    doub N N 126 
GLY C   OXT  sing N N 127 
GLY OXT HXT  sing N N 128 
HIS N   CA   sing N N 129 
HIS N   H    sing N N 130 
HIS N   H2   sing N N 131 
HIS CA  C    sing N N 132 
HIS CA  CB   sing N N 133 
HIS CA  HA   sing N N 134 
HIS C   O    doub N N 135 
HIS C   OXT  sing N N 136 
HIS CB  CG   sing N N 137 
HIS CB  HB2  sing N N 138 
HIS CB  HB3  sing N N 139 
HIS CG  ND1  sing Y N 140 
HIS CG  CD2  doub Y N 141 
HIS ND1 CE1  doub Y N 142 
HIS ND1 HD1  sing N N 143 
HIS CD2 NE2  sing Y N 144 
HIS CD2 HD2  sing N N 145 
HIS CE1 NE2  sing Y N 146 
HIS CE1 HE1  sing N N 147 
HIS NE2 HE2  sing N N 148 
HIS OXT HXT  sing N N 149 
HOH O   H1   sing N N 150 
HOH O   H2   sing N N 151 
ILE N   CA   sing N N 152 
ILE N   H    sing N N 153 
ILE N   H2   sing N N 154 
ILE CA  C    sing N N 155 
ILE CA  CB   sing N N 156 
ILE CA  HA   sing N N 157 
ILE C   O    doub N N 158 
ILE C   OXT  sing N N 159 
ILE CB  CG1  sing N N 160 
ILE CB  CG2  sing N N 161 
ILE CB  HB   sing N N 162 
ILE CG1 CD1  sing N N 163 
ILE CG1 HG12 sing N N 164 
ILE CG1 HG13 sing N N 165 
ILE CG2 HG21 sing N N 166 
ILE CG2 HG22 sing N N 167 
ILE CG2 HG23 sing N N 168 
ILE CD1 HD11 sing N N 169 
ILE CD1 HD12 sing N N 170 
ILE CD1 HD13 sing N N 171 
ILE OXT HXT  sing N N 172 
LEU N   CA   sing N N 173 
LEU N   H    sing N N 174 
LEU N   H2   sing N N 175 
LEU CA  C    sing N N 176 
LEU CA  CB   sing N N 177 
LEU CA  HA   sing N N 178 
LEU C   O    doub N N 179 
LEU C   OXT  sing N N 180 
LEU CB  CG   sing N N 181 
LEU CB  HB2  sing N N 182 
LEU CB  HB3  sing N N 183 
LEU CG  CD1  sing N N 184 
LEU CG  CD2  sing N N 185 
LEU CG  HG   sing N N 186 
LEU CD1 HD11 sing N N 187 
LEU CD1 HD12 sing N N 188 
LEU CD1 HD13 sing N N 189 
LEU CD2 HD21 sing N N 190 
LEU CD2 HD22 sing N N 191 
LEU CD2 HD23 sing N N 192 
LEU OXT HXT  sing N N 193 
LYS N   CA   sing N N 194 
LYS N   H    sing N N 195 
LYS N   H2   sing N N 196 
LYS CA  C    sing N N 197 
LYS CA  CB   sing N N 198 
LYS CA  HA   sing N N 199 
LYS C   O    doub N N 200 
LYS C   OXT  sing N N 201 
LYS CB  CG   sing N N 202 
LYS CB  HB2  sing N N 203 
LYS CB  HB3  sing N N 204 
LYS CG  CD   sing N N 205 
LYS CG  HG2  sing N N 206 
LYS CG  HG3  sing N N 207 
LYS CD  CE   sing N N 208 
LYS CD  HD2  sing N N 209 
LYS CD  HD3  sing N N 210 
LYS CE  NZ   sing N N 211 
LYS CE  HE2  sing N N 212 
LYS CE  HE3  sing N N 213 
LYS NZ  HZ1  sing N N 214 
LYS NZ  HZ2  sing N N 215 
LYS NZ  HZ3  sing N N 216 
LYS OXT HXT  sing N N 217 
MET N   CA   sing N N 218 
MET N   H    sing N N 219 
MET N   H2   sing N N 220 
MET CA  C    sing N N 221 
MET CA  CB   sing N N 222 
MET CA  HA   sing N N 223 
MET C   O    doub N N 224 
MET C   OXT  sing N N 225 
MET CB  CG   sing N N 226 
MET CB  HB2  sing N N 227 
MET CB  HB3  sing N N 228 
MET CG  SD   sing N N 229 
MET CG  HG2  sing N N 230 
MET CG  HG3  sing N N 231 
MET SD  CE   sing N N 232 
MET CE  HE1  sing N N 233 
MET CE  HE2  sing N N 234 
MET CE  HE3  sing N N 235 
MET OXT HXT  sing N N 236 
PHE N   CA   sing N N 237 
PHE N   H    sing N N 238 
PHE N   H2   sing N N 239 
PHE CA  C    sing N N 240 
PHE CA  CB   sing N N 241 
PHE CA  HA   sing N N 242 
PHE C   O    doub N N 243 
PHE C   OXT  sing N N 244 
PHE CB  CG   sing N N 245 
PHE CB  HB2  sing N N 246 
PHE CB  HB3  sing N N 247 
PHE CG  CD1  doub Y N 248 
PHE CG  CD2  sing Y N 249 
PHE CD1 CE1  sing Y N 250 
PHE CD1 HD1  sing N N 251 
PHE CD2 CE2  doub Y N 252 
PHE CD2 HD2  sing N N 253 
PHE CE1 CZ   doub Y N 254 
PHE CE1 HE1  sing N N 255 
PHE CE2 CZ   sing Y N 256 
PHE CE2 HE2  sing N N 257 
PHE CZ  HZ   sing N N 258 
PHE OXT HXT  sing N N 259 
PRO N   CA   sing N N 260 
PRO N   CD   sing N N 261 
PRO N   H    sing N N 262 
PRO CA  C    sing N N 263 
PRO CA  CB   sing N N 264 
PRO CA  HA   sing N N 265 
PRO C   O    doub N N 266 
PRO C   OXT  sing N N 267 
PRO CB  CG   sing N N 268 
PRO CB  HB2  sing N N 269 
PRO CB  HB3  sing N N 270 
PRO CG  CD   sing N N 271 
PRO CG  HG2  sing N N 272 
PRO CG  HG3  sing N N 273 
PRO CD  HD2  sing N N 274 
PRO CD  HD3  sing N N 275 
PRO OXT HXT  sing N N 276 
SER N   CA   sing N N 277 
SER N   H    sing N N 278 
SER N   H2   sing N N 279 
SER CA  C    sing N N 280 
SER CA  CB   sing N N 281 
SER CA  HA   sing N N 282 
SER C   O    doub N N 283 
SER C   OXT  sing N N 284 
SER CB  OG   sing N N 285 
SER CB  HB2  sing N N 286 
SER CB  HB3  sing N N 287 
SER OG  HG   sing N N 288 
SER OXT HXT  sing N N 289 
SO4 S   O1   doub N N 290 
SO4 S   O2   doub N N 291 
SO4 S   O3   sing N N 292 
SO4 S   O4   sing N N 293 
THR N   CA   sing N N 294 
THR N   H    sing N N 295 
THR N   H2   sing N N 296 
THR CA  C    sing N N 297 
THR CA  CB   sing N N 298 
THR CA  HA   sing N N 299 
THR C   O    doub N N 300 
THR C   OXT  sing N N 301 
THR CB  OG1  sing N N 302 
THR CB  CG2  sing N N 303 
THR CB  HB   sing N N 304 
THR OG1 HG1  sing N N 305 
THR CG2 HG21 sing N N 306 
THR CG2 HG22 sing N N 307 
THR CG2 HG23 sing N N 308 
THR OXT HXT  sing N N 309 
TRP N   CA   sing N N 310 
TRP N   H    sing N N 311 
TRP N   H2   sing N N 312 
TRP CA  C    sing N N 313 
TRP CA  CB   sing N N 314 
TRP CA  HA   sing N N 315 
TRP C   O    doub N N 316 
TRP C   OXT  sing N N 317 
TRP CB  CG   sing N N 318 
TRP CB  HB2  sing N N 319 
TRP CB  HB3  sing N N 320 
TRP CG  CD1  doub Y N 321 
TRP CG  CD2  sing Y N 322 
TRP CD1 NE1  sing Y N 323 
TRP CD1 HD1  sing N N 324 
TRP CD2 CE2  doub Y N 325 
TRP CD2 CE3  sing Y N 326 
TRP NE1 CE2  sing Y N 327 
TRP NE1 HE1  sing N N 328 
TRP CE2 CZ2  sing Y N 329 
TRP CE3 CZ3  doub Y N 330 
TRP CE3 HE3  sing N N 331 
TRP CZ2 CH2  doub Y N 332 
TRP CZ2 HZ2  sing N N 333 
TRP CZ3 CH2  sing Y N 334 
TRP CZ3 HZ3  sing N N 335 
TRP CH2 HH2  sing N N 336 
TRP OXT HXT  sing N N 337 
TYR N   CA   sing N N 338 
TYR N   H    sing N N 339 
TYR N   H2   sing N N 340 
TYR CA  C    sing N N 341 
TYR CA  CB   sing N N 342 
TYR CA  HA   sing N N 343 
TYR C   O    doub N N 344 
TYR C   OXT  sing N N 345 
TYR CB  CG   sing N N 346 
TYR CB  HB2  sing N N 347 
TYR CB  HB3  sing N N 348 
TYR CG  CD1  doub Y N 349 
TYR CG  CD2  sing Y N 350 
TYR CD1 CE1  sing Y N 351 
TYR CD1 HD1  sing N N 352 
TYR CD2 CE2  doub Y N 353 
TYR CD2 HD2  sing N N 354 
TYR CE1 CZ   doub Y N 355 
TYR CE1 HE1  sing N N 356 
TYR CE2 CZ   sing Y N 357 
TYR CE2 HE2  sing N N 358 
TYR CZ  OH   sing N N 359 
TYR OH  HH   sing N N 360 
TYR OXT HXT  sing N N 361 
VAL N   CA   sing N N 362 
VAL N   H    sing N N 363 
VAL N   H2   sing N N 364 
VAL CA  C    sing N N 365 
VAL CA  CB   sing N N 366 
VAL CA  HA   sing N N 367 
VAL C   O    doub N N 368 
VAL C   OXT  sing N N 369 
VAL CB  CG1  sing N N 370 
VAL CB  CG2  sing N N 371 
VAL CB  HB   sing N N 372 
VAL CG1 HG11 sing N N 373 
VAL CG1 HG12 sing N N 374 
VAL CG1 HG13 sing N N 375 
VAL CG2 HG21 sing N N 376 
VAL CG2 HG22 sing N N 377 
VAL CG2 HG23 sing N N 378 
VAL OXT HXT  sing N N 379 
# 
_pdbx_initial_refinement_model.id               1 
_pdbx_initial_refinement_model.entity_id_list   ? 
_pdbx_initial_refinement_model.type             'experimental model' 
_pdbx_initial_refinement_model.source_name      PDB 
_pdbx_initial_refinement_model.accession_code   3JW6 
_pdbx_initial_refinement_model.details          'PDB ENTRY 3JW6' 
# 
_atom_sites.entry_id                    3JVB 
_atom_sites.fract_transf_matrix[1][1]   0.00381991 
_atom_sites.fract_transf_matrix[1][2]   0.00026433 
_atom_sites.fract_transf_matrix[1][3]   -0.00897970 
_atom_sites.fract_transf_matrix[2][1]   0.00688587 
_atom_sites.fract_transf_matrix[2][2]   0.00618079 
_atom_sites.fract_transf_matrix[2][3]   0.00311115 
_atom_sites.fract_transf_matrix[3][1]   0.00576972 
_atom_sites.fract_transf_matrix[3][2]   -0.00755147 
_atom_sites.fract_transf_matrix[3][3]   0.00223212 
_atom_sites.fract_transf_vector[1]      0.205281 
_atom_sites.fract_transf_vector[2]      0.265060 
_atom_sites.fract_transf_vector[3]      0.585764 
# 
loop_
_atom_type.symbol 
C 
N 
O 
S 
# 
loop_
_atom_site.group_PDB 
_atom_site.id 
_atom_site.type_symbol 
_atom_site.label_atom_id 
_atom_site.label_alt_id 
_atom_site.label_comp_id 
_atom_site.label_asym_id 
_atom_site.label_entity_id 
_atom_site.label_seq_id 
_atom_site.pdbx_PDB_ins_code 
_atom_site.Cartn_x 
_atom_site.Cartn_y 
_atom_site.Cartn_z 
_atom_site.occupancy 
_atom_site.B_iso_or_equiv 
_atom_site.pdbx_formal_charge 
_atom_site.auth_seq_id 
_atom_site.auth_comp_id 
_atom_site.auth_asym_id 
_atom_site.auth_atom_id 
_atom_site.pdbx_PDB_model_num 
ATOM   1    N N   . GLY A 1 10  ? -1.734  17.137  -39.042 1.00 28.11  ? 10  GLY A N   1 
ATOM   2    C CA  . GLY A 1 10  ? -1.259  17.663  -40.318 1.00 28.34  ? 10  GLY A CA  1 
ATOM   3    C C   . GLY A 1 10  ? -1.863  16.899  -41.474 1.00 31.60  ? 10  GLY A C   1 
ATOM   4    O O   . GLY A 1 10  ? -1.902  15.676  -41.434 1.00 31.63  ? 10  GLY A O   1 
ATOM   5    N N   . LYS A 1 11  ? -2.366  17.596  -42.492 1.00 27.56  ? 11  LYS A N   1 
ATOM   6    C CA  . LYS A 1 11  ? -3.037  16.945  -43.619 1.00 26.31  ? 11  LYS A CA  1 
ATOM   7    C C   . LYS A 1 11  ? -2.218  16.900  -44.910 1.00 26.89  ? 11  LYS A C   1 
ATOM   8    O O   . LYS A 1 11  ? -1.045  17.281  -44.923 1.00 26.78  ? 11  LYS A O   1 
ATOM   9    C CB  . LYS A 1 11  ? -4.426  17.589  -43.847 1.00 28.69  ? 11  LYS A CB  1 
ATOM   10   N N   . THR A 1 12  ? -2.842  16.392  -45.987 1.00 20.31  ? 12  THR A N   1 
ATOM   11   C CA  . THR A 1 12  ? -2.274  16.334  -47.323 1.00 18.40  ? 12  THR A CA  1 
ATOM   12   C C   . THR A 1 12  ? -3.175  17.116  -48.277 1.00 19.53  ? 12  THR A C   1 
ATOM   13   O O   . THR A 1 12  ? -4.356  16.802  -48.437 1.00 19.14  ? 12  THR A O   1 
ATOM   14   C CB  . THR A 1 12  ? -2.073  14.894  -47.804 1.00 22.51  ? 12  THR A CB  1 
ATOM   15   O OG1 . THR A 1 12  ? -1.289  14.186  -46.852 1.00 26.92  ? 12  THR A OG1 1 
ATOM   16   C CG2 . THR A 1 12  ? -1.397  14.827  -49.159 1.00 19.01  ? 12  THR A CG2 1 
ATOM   17   N N   . TYR A 1 13  ? -2.601  18.128  -48.903 1.00 14.40  ? 13  TYR A N   1 
ATOM   18   C CA  . TYR A 1 13  ? -3.265  18.929  -49.913 1.00 13.47  ? 13  TYR A CA  1 
ATOM   19   C C   . TYR A 1 13  ? -2.733  18.563  -51.268 1.00 17.40  ? 13  TYR A C   1 
ATOM   20   O O   . TYR A 1 13  ? -1.569  18.176  -51.400 1.00 17.17  ? 13  TYR A O   1 
ATOM   21   C CB  . TYR A 1 13  ? -3.014  20.420  -49.687 1.00 14.17  ? 13  TYR A CB  1 
ATOM   22   C CG  . TYR A 1 13  ? -3.790  20.972  -48.517 1.00 13.97  ? 13  TYR A CG  1 
ATOM   23   C CD1 . TYR A 1 13  ? -5.087  21.448  -48.679 1.00 14.99  ? 13  TYR A CD1 1 
ATOM   24   C CD2 . TYR A 1 13  ? -3.226  21.022  -47.247 1.00 13.54  ? 13  TYR A CD2 1 
ATOM   25   C CE1 . TYR A 1 13  ? -5.806  21.957  -47.603 1.00 14.35  ? 13  TYR A CE1 1 
ATOM   26   C CE2 . TYR A 1 13  ? -3.924  21.552  -46.171 1.00 14.07  ? 13  TYR A CE2 1 
ATOM   27   C CZ  . TYR A 1 13  ? -5.211  22.027  -46.355 1.00 21.60  ? 13  TYR A CZ  1 
ATOM   28   O OH  . TYR A 1 13  ? -5.903  22.534  -45.288 1.00 24.50  ? 13  TYR A OH  1 
ATOM   29   N N   . VAL A 1 14  ? -3.593  18.697  -52.272 1.00 15.11  ? 14  VAL A N   1 
ATOM   30   C CA  . VAL A 1 14  ? -3.261  18.520  -53.674 1.00 15.21  ? 14  VAL A CA  1 
ATOM   31   C C   . VAL A 1 14  ? -3.683  19.788  -54.408 1.00 18.31  ? 14  VAL A C   1 
ATOM   32   O O   . VAL A 1 14  ? -4.832  20.209  -54.287 1.00 14.79  ? 14  VAL A O   1 
ATOM   33   C CB  . VAL A 1 14  ? -3.875  17.260  -54.338 1.00 19.51  ? 14  VAL A CB  1 
ATOM   34   C CG1 . VAL A 1 14  ? -3.492  17.201  -55.819 1.00 19.19  ? 14  VAL A CG1 1 
ATOM   35   C CG2 . VAL A 1 14  ? -3.423  15.997  -53.627 1.00 19.37  ? 14  VAL A CG2 1 
ATOM   36   N N   . TYR A 1 15  ? -2.730  20.391  -55.136 1.00 17.30  ? 15  TYR A N   1 
ATOM   37   C CA  . TYR A 1 15  ? -2.901  21.550  -56.004 1.00 19.12  ? 15  TYR A CA  1 
ATOM   38   C C   . TYR A 1 15  ? -2.243  21.159  -57.324 1.00 26.23  ? 15  TYR A C   1 
ATOM   39   O O   . TYR A 1 15  ? -1.026  20.960  -57.343 1.00 25.36  ? 15  TYR A O   1 
ATOM   40   C CB  . TYR A 1 15  ? -2.178  22.784  -55.435 1.00 20.86  ? 15  TYR A CB  1 
ATOM   41   C CG  . TYR A 1 15  ? -2.851  23.472  -54.267 1.00 21.82  ? 15  TYR A CG  1 
ATOM   42   C CD1 . TYR A 1 15  ? -3.860  24.406  -54.474 1.00 24.02  ? 15  TYR A CD1 1 
ATOM   43   C CD2 . TYR A 1 15  ? -2.404  23.273  -52.965 1.00 22.46  ? 15  TYR A CD2 1 
ATOM   44   C CE1 . TYR A 1 15  ? -4.444  25.092  -53.408 1.00 24.80  ? 15  TYR A CE1 1 
ATOM   45   C CE2 . TYR A 1 15  ? -2.971  23.961  -51.889 1.00 23.28  ? 15  TYR A CE2 1 
ATOM   46   C CZ  . TYR A 1 15  ? -3.987  24.875  -52.119 1.00 29.34  ? 15  TYR A CZ  1 
ATOM   47   O OH  . TYR A 1 15  ? -4.543  25.571  -51.079 1.00 29.09  ? 15  TYR A OH  1 
ATOM   48   N N   . ASP A 1 16  ? -3.049  20.976  -58.401 1.00 25.73  ? 16  ASP A N   1 
ATOM   49   C CA  . ASP A 1 16  ? -2.617  20.604  -59.768 1.00 26.25  ? 16  ASP A CA  1 
ATOM   50   C C   . ASP A 1 16  ? -1.463  19.580  -59.831 1.00 30.29  ? 16  ASP A C   1 
ATOM   51   O O   . ASP A 1 16  ? -0.361  19.901  -60.289 1.00 30.18  ? 16  ASP A O   1 
ATOM   52   C CB  . ASP A 1 16  ? -2.303  21.863  -60.599 1.00 28.94  ? 16  ASP A CB  1 
ATOM   53   N N   . ASN A 1 17  ? -1.717  18.355  -59.322 1.00 25.74  ? 17  ASN A N   1 
ATOM   54   C CA  . ASN A 1 17  ? -0.758  17.241  -59.256 1.00 24.85  ? 17  ASN A CA  1 
ATOM   55   C C   . ASN A 1 17  ? 0.507   17.462  -58.415 1.00 27.08  ? 17  ASN A C   1 
ATOM   56   O O   . ASN A 1 17  ? 1.454   16.666  -58.490 1.00 27.51  ? 17  ASN A O   1 
ATOM   57   C CB  . ASN A 1 17  ? -0.470  16.639  -60.627 1.00 26.28  ? 17  ASN A CB  1 
ATOM   58   C CG  . ASN A 1 17  ? -1.585  15.768  -61.144 1.00 40.51  ? 17  ASN A CG  1 
ATOM   59   O OD1 . ASN A 1 17  ? -2.283  15.084  -60.387 1.00 35.08  ? 17  ASN A OD1 1 
ATOM   60   N ND2 . ASN A 1 17  ? -1.757  15.766  -62.454 1.00 26.65  ? 17  ASN A ND2 1 
ATOM   61   N N   . ARG A 1 18  ? 0.505   18.527  -57.595 1.00 20.23  ? 18  ARG A N   1 
ATOM   62   C CA  . ARG A 1 18  ? 1.577   18.823  -56.658 1.00 18.67  ? 18  ARG A CA  1 
ATOM   63   C C   . ARG A 1 18  ? 1.043   18.523  -55.271 1.00 20.62  ? 18  ARG A C   1 
ATOM   64   O O   . ARG A 1 18  ? -0.107  18.850  -54.959 1.00 19.66  ? 18  ARG A O   1 
ATOM   65   C CB  . ARG A 1 18  ? 2.055   20.269  -56.778 1.00 15.89  ? 18  ARG A CB  1 
ATOM   66   C CG  . ARG A 1 18  ? 2.812   20.518  -58.070 1.00 25.78  ? 18  ARG A CG  1 
ATOM   67   C CD  . ARG A 1 18  ? 3.385   21.910  -58.112 1.00 31.05  ? 18  ARG A CD  1 
ATOM   68   N NE  . ARG A 1 18  ? 4.479   22.076  -57.157 1.00 32.88  ? 18  ARG A NE  1 
ATOM   69   C CZ  . ARG A 1 18  ? 5.091   23.230  -56.922 1.00 49.00  ? 18  ARG A CZ  1 
ATOM   70   N NH1 . ARG A 1 18  ? 4.723   24.329  -57.571 1.00 38.51  ? 18  ARG A NH1 1 
ATOM   71   N NH2 . ARG A 1 18  ? 6.087   23.293  -56.048 1.00 31.05  ? 18  ARG A NH2 1 
ATOM   72   N N   . TYR A 1 19  ? 1.869   17.879  -54.452 1.00 15.36  ? 19  TYR A N   1 
ATOM   73   C CA  . TYR A 1 19  ? 1.483   17.433  -53.120 1.00 13.99  ? 19  TYR A CA  1 
ATOM   74   C C   . TYR A 1 19  ? 2.025   18.340  -52.055 1.00 17.87  ? 19  TYR A C   1 
ATOM   75   O O   . TYR A 1 19  ? 3.108   18.889  -52.231 1.00 18.41  ? 19  TYR A O   1 
ATOM   76   C CB  . TYR A 1 19  ? 1.839   15.952  -52.939 1.00 13.56  ? 19  TYR A CB  1 
ATOM   77   C CG  . TYR A 1 19  ? 1.136   15.104  -53.977 1.00 12.93  ? 19  TYR A CG  1 
ATOM   78   C CD1 . TYR A 1 19  ? -0.074  14.477  -53.690 1.00 13.44  ? 19  TYR A CD1 1 
ATOM   79   C CD2 . TYR A 1 19  ? 1.622   15.016  -55.280 1.00 13.73  ? 19  TYR A CD2 1 
ATOM   80   C CE1 . TYR A 1 19  ? -0.744  13.722  -54.652 1.00 10.77  ? 19  TYR A CE1 1 
ATOM   81   C CE2 . TYR A 1 19  ? 0.948   14.286  -56.257 1.00 14.24  ? 19  TYR A CE2 1 
ATOM   82   C CZ  . TYR A 1 19  ? -0.223  13.624  -55.933 1.00 16.78  ? 19  TYR A CZ  1 
ATOM   83   O OH  . TYR A 1 19  ? -0.859  12.895  -56.902 1.00 13.58  ? 19  TYR A OH  1 
ATOM   84   N N   . TRP A 1 20  ? 1.211   18.611  -51.016 1.00 13.20  ? 20  TRP A N   1 
ATOM   85   C CA  . TRP A 1 20  ? 1.541   19.579  -49.973 1.00 12.42  ? 20  TRP A CA  1 
ATOM   86   C C   . TRP A 1 20  ? 1.261   19.056  -48.583 1.00 16.13  ? 20  TRP A C   1 
ATOM   87   O O   . TRP A 1 20  ? 0.206   18.461  -48.343 1.00 14.91  ? 20  TRP A O   1 
ATOM   88   C CB  . TRP A 1 20  ? 0.766   20.892  -50.198 1.00 10.86  ? 20  TRP A CB  1 
ATOM   89   C CG  . TRP A 1 20  ? 0.981   21.497  -51.550 1.00 11.98  ? 20  TRP A CG  1 
ATOM   90   C CD1 . TRP A 1 20  ? 0.412   21.104  -52.726 1.00 14.91  ? 20  TRP A CD1 1 
ATOM   91   C CD2 . TRP A 1 20  ? 1.803   22.625  -51.858 1.00 11.69  ? 20  TRP A CD2 1 
ATOM   92   N NE1 . TRP A 1 20  ? 0.859   21.893  -53.753 1.00 14.46  ? 20  TRP A NE1 1 
ATOM   93   C CE2 . TRP A 1 20  ? 1.708   22.845  -53.248 1.00 16.09  ? 20  TRP A CE2 1 
ATOM   94   C CE3 . TRP A 1 20  ? 2.611   23.481  -51.090 1.00 13.21  ? 20  TRP A CE3 1 
ATOM   95   C CZ2 . TRP A 1 20  ? 2.389   23.888  -53.890 1.00 15.72  ? 20  TRP A CZ2 1 
ATOM   96   C CZ3 . TRP A 1 20  ? 3.290   24.507  -51.727 1.00 15.15  ? 20  TRP A CZ3 1 
ATOM   97   C CH2 . TRP A 1 20  ? 3.165   24.710  -53.109 1.00 15.91  ? 20  TRP A CH2 1 
ATOM   98   N N   . LYS A 1 21  ? 2.204   19.304  -47.658 1.00 12.72  ? 21  LYS A N   1 
ATOM   99   C CA  . LYS A 1 21  ? 2.081   18.877  -46.259 1.00 12.55  ? 21  LYS A CA  1 
ATOM   100  C C   . LYS A 1 21  ? 2.335   20.046  -45.348 1.00 15.90  ? 21  LYS A C   1 
ATOM   101  O O   . LYS A 1 21  ? 3.087   20.949  -45.714 1.00 15.34  ? 21  LYS A O   1 
ATOM   102  C CB  . LYS A 1 21  ? 3.074   17.737  -45.923 1.00 14.93  ? 21  LYS A CB  1 
ATOM   103  C CG  . LYS A 1 21  ? 2.853   16.455  -46.720 1.00 26.01  ? 21  LYS A CG  1 
ATOM   104  C CD  . LYS A 1 21  ? 2.291   15.342  -45.858 1.00 35.76  ? 21  LYS A CD  1 
ATOM   105  C CE  . LYS A 1 21  ? 1.941   14.115  -46.662 1.00 45.90  ? 21  LYS A CE  1 
ATOM   106  N NZ  . LYS A 1 21  ? 3.138   13.376  -47.156 1.00 55.40  ? 21  LYS A NZ  1 
ATOM   107  N N   . ASN A 1 22  ? 1.740   20.010  -44.144 1.00 12.74  ? 22  ASN A N   1 
ATOM   108  C CA  . ASN A 1 22  ? 1.902   21.038  -43.124 1.00 12.90  ? 22  ASN A CA  1 
ATOM   109  C C   . ASN A 1 22  ? 3.336   21.081  -42.622 1.00 16.93  ? 22  ASN A C   1 
ATOM   110  O O   . ASN A 1 22  ? 3.946   20.040  -42.366 1.00 15.09  ? 22  ASN A O   1 
ATOM   111  C CB  . ASN A 1 22  ? 0.884   20.871  -41.994 1.00 14.07  ? 22  ASN A CB  1 
ATOM   112  C CG  . ASN A 1 22  ? -0.546  21.011  -42.474 1.00 46.41  ? 22  ASN A CG  1 
ATOM   113  O OD1 . ASN A 1 22  ? -1.161  20.059  -42.975 1.00 41.66  ? 22  ASN A OD1 1 
ATOM   114  N ND2 . ASN A 1 22  ? -1.101  22.209  -42.365 1.00 39.05  ? 22  ASN A ND2 1 
ATOM   115  N N   . LEU A 1 23  ? 3.883   22.302  -42.540 1.00 14.69  ? 23  LEU A N   1 
ATOM   116  C CA  . LEU A 1 23  ? 5.254   22.579  -42.143 1.00 14.07  ? 23  LEU A CA  1 
ATOM   117  C C   . LEU A 1 23  ? 5.658   22.026  -40.773 1.00 19.62  ? 23  LEU A C   1 
ATOM   118  O O   . LEU A 1 23  ? 6.787   21.546  -40.626 1.00 19.15  ? 23  LEU A O   1 
ATOM   119  C CB  . LEU A 1 23  ? 5.574   24.076  -42.290 1.00 13.51  ? 23  LEU A CB  1 
ATOM   120  C CG  . LEU A 1 23  ? 7.017   24.529  -42.012 1.00 17.46  ? 23  LEU A CG  1 
ATOM   121  C CD1 . LEU A 1 23  ? 8.027   23.768  -42.859 1.00 16.83  ? 23  LEU A CD1 1 
ATOM   122  C CD2 . LEU A 1 23  ? 7.154   26.023  -42.161 1.00 19.43  ? 23  LEU A CD2 1 
ATOM   123  N N   . GLY A 1 24  ? 4.742   22.091  -39.808 1.00 17.31  ? 24  GLY A N   1 
ATOM   124  C CA  . GLY A 1 24  ? 4.970   21.607  -38.450 1.00 17.64  ? 24  GLY A CA  1 
ATOM   125  C C   . GLY A 1 24  ? 5.233   20.121  -38.413 1.00 23.22  ? 24  GLY A C   1 
ATOM   126  O O   . GLY A 1 24  ? 6.245   19.691  -37.855 1.00 23.63  ? 24  GLY A O   1 
ATOM   127  N N   . GLY A 1 25  ? 4.346   19.357  -39.054 1.00 20.81  ? 25  GLY A N   1 
ATOM   128  C CA  . GLY A 1 25  ? 4.445   17.903  -39.172 1.00 20.78  ? 25  GLY A CA  1 
ATOM   129  C C   . GLY A 1 25  ? 5.732   17.462  -39.843 1.00 25.10  ? 25  GLY A C   1 
ATOM   130  O O   . GLY A 1 25  ? 6.344   16.472  -39.436 1.00 25.26  ? 25  GLY A O   1 
ATOM   131  N N   . VAL A 1 26  ? 6.162   18.226  -40.858 1.00 20.86  ? 26  VAL A N   1 
ATOM   132  C CA  . VAL A 1 26  ? 7.393   18.000  -41.615 1.00 20.45  ? 26  VAL A CA  1 
ATOM   133  C C   . VAL A 1 26  ? 8.634   18.194  -40.726 1.00 25.88  ? 26  VAL A C   1 
ATOM   134  O O   . VAL A 1 26  ? 9.526   17.344  -40.734 1.00 25.15  ? 26  VAL A O   1 
ATOM   135  C CB  . VAL A 1 26  ? 7.406   18.842  -42.925 1.00 23.04  ? 26  VAL A CB  1 
ATOM   136  C CG1 . VAL A 1 26  ? 8.792   18.902  -43.547 1.00 22.58  ? 26  VAL A CG1 1 
ATOM   137  C CG2 . VAL A 1 26  ? 6.394   18.289  -43.932 1.00 22.44  ? 26  VAL A CG2 1 
ATOM   138  N N   . ILE A 1 27  ? 8.664   19.279  -39.937 1.00 24.83  ? 27  ILE A N   1 
ATOM   139  C CA  . ILE A 1 27  ? 9.763   19.574  -39.012 1.00 26.33  ? 27  ILE A CA  1 
ATOM   140  C C   . ILE A 1 27  ? 9.780   18.559  -37.849 1.00 31.23  ? 27  ILE A C   1 
ATOM   141  O O   . ILE A 1 27  ? 10.856  18.103  -37.450 1.00 29.92  ? 27  ILE A O   1 
ATOM   142  C CB  . ILE A 1 27  ? 9.767   21.067  -38.570 1.00 30.10  ? 27  ILE A CB  1 
ATOM   143  C CG1 . ILE A 1 27  ? 10.187  21.966  -39.761 1.00 31.05  ? 27  ILE A CG1 1 
ATOM   144  C CG2 . ILE A 1 27  ? 10.692  21.297  -37.361 1.00 31.46  ? 27  ILE A CG2 1 
ATOM   145  C CD1 . ILE A 1 27  ? 9.892   23.443  -39.611 1.00 42.75  ? 27  ILE A CD1 1 
ATOM   146  N N   . LYS A 1 28  ? 8.585   18.162  -37.369 1.00 28.98  ? 28  LYS A N   1 
ATOM   147  C CA  . LYS A 1 28  ? 8.420   17.177  -36.298 1.00 29.24  ? 28  LYS A CA  1 
ATOM   148  C C   . LYS A 1 28  ? 8.976   15.805  -36.711 1.00 33.40  ? 28  LYS A C   1 
ATOM   149  O O   . LYS A 1 28  ? 9.734   15.214  -35.941 1.00 32.73  ? 28  LYS A O   1 
ATOM   150  C CB  . LYS A 1 28  ? 6.948   17.076  -35.862 1.00 31.95  ? 28  LYS A CB  1 
ATOM   151  N N   . ASN A 1 29  ? 8.649   15.333  -37.938 1.00 30.29  ? 29  ASN A N   1 
ATOM   152  C CA  . ASN A 1 29  ? 9.132   14.051  -38.467 1.00 30.36  ? 29  ASN A CA  1 
ATOM   153  C C   . ASN A 1 29  ? 10.645  14.038  -38.645 1.00 35.05  ? 29  ASN A C   1 
ATOM   154  O O   . ASN A 1 29  ? 11.281  13.038  -38.320 1.00 33.80  ? 29  ASN A O   1 
ATOM   155  C CB  . ASN A 1 29  ? 8.433   13.680  -39.774 1.00 32.49  ? 29  ASN A CB  1 
ATOM   156  C CG  . ASN A 1 29  ? 6.968   13.321  -39.642 1.00 61.23  ? 29  ASN A CG  1 
ATOM   157  O OD1 . ASN A 1 29  ? 6.359   13.391  -38.564 1.00 56.33  ? 29  ASN A OD1 1 
ATOM   158  N ND2 . ASN A 1 29  ? 6.359   12.947  -40.759 1.00 54.69  ? 29  ASN A ND2 1 
ATOM   159  N N   . ALA A 1 30  ? 11.228  15.161  -39.115 1.00 33.88  ? 30  ALA A N   1 
ATOM   160  C CA  . ALA A 1 30  ? 12.677  15.284  -39.311 1.00 34.05  ? 30  ALA A CA  1 
ATOM   161  C C   . ALA A 1 30  ? 13.430  15.328  -37.979 1.00 40.08  ? 30  ALA A C   1 
ATOM   162  O O   . ALA A 1 30  ? 14.508  14.739  -37.871 1.00 40.06  ? 30  ALA A O   1 
ATOM   163  C CB  . ALA A 1 30  ? 12.993  16.506  -40.139 1.00 34.52  ? 30  ALA A CB  1 
ATOM   164  N N   . LYS A 1 31  ? 12.862  16.008  -36.967 1.00 38.16  ? 31  LYS A N   1 
ATOM   165  C CA  . LYS A 1 31  ? 13.455  16.083  -35.632 1.00 38.93  ? 31  LYS A CA  1 
ATOM   166  C C   . LYS A 1 31  ? 13.317  14.739  -34.906 1.00 45.83  ? 31  LYS A C   1 
ATOM   167  O O   . LYS A 1 31  ? 14.167  14.416  -34.077 1.00 45.17  ? 31  LYS A O   1 
ATOM   168  C CB  . LYS A 1 31  ? 12.870  17.246  -34.812 1.00 41.00  ? 31  LYS A CB  1 
ATOM   169  C CG  . LYS A 1 31  ? 13.427  18.599  -35.236 1.00 52.12  ? 31  LYS A CG  1 
ATOM   170  C CD  . LYS A 1 31  ? 13.024  19.734  -34.308 1.00 61.32  ? 31  LYS A CD  1 
ATOM   171  C CE  . LYS A 1 31  ? 14.207  20.577  -33.875 1.00 73.88  ? 31  LYS A CE  1 
ATOM   172  N NZ  . LYS A 1 31  ? 14.830  21.329  -35.002 1.00 81.11  ? 31  LYS A NZ  1 
ATOM   173  N N   . ARG A 1 32  ? 12.273  13.940  -35.255 1.00 44.99  ? 32  ARG A N   1 
ATOM   174  C CA  . ARG A 1 32  ? 12.028  12.605  -34.696 1.00 46.23  ? 32  ARG A CA  1 
ATOM   175  C C   . ARG A 1 32  ? 13.095  11.621  -35.174 1.00 52.61  ? 32  ARG A C   1 
ATOM   176  O O   . ARG A 1 32  ? 13.372  10.646  -34.481 1.00 52.48  ? 32  ARG A O   1 
ATOM   177  C CB  . ARG A 1 32  ? 10.627  12.088  -35.057 1.00 46.90  ? 32  ARG A CB  1 
ATOM   178  N N   . ARG A 1 33  ? 13.686  11.873  -36.358 1.00 50.82  ? 33  ARG A N   1 
ATOM   179  C CA  . ARG A 1 33  ? 14.764  11.057  -36.910 1.00 51.46  ? 33  ARG A CA  1 
ATOM   180  C C   . ARG A 1 33  ? 16.081  11.430  -36.221 1.00 57.13  ? 33  ARG A C   1 
ATOM   181  O O   . ARG A 1 33  ? 16.890  10.545  -35.944 1.00 57.32  ? 33  ARG A O   1 
ATOM   182  C CB  . ARG A 1 33  ? 14.871  11.228  -38.433 1.00 52.26  ? 33  ARG A CB  1 
ATOM   183  N N   . LYS A 1 34  ? 16.283  12.734  -35.925 1.00 54.35  ? 34  LYS A N   1 
ATOM   184  C CA  . LYS A 1 34  ? 17.477  13.240  -35.242 1.00 54.58  ? 34  LYS A CA  1 
ATOM   185  C C   . LYS A 1 34  ? 17.527  12.798  -33.776 1.00 59.26  ? 34  LYS A C   1 
ATOM   186  O O   . LYS A 1 34  ? 18.612  12.504  -33.273 1.00 59.32  ? 34  LYS A O   1 
ATOM   187  C CB  . LYS A 1 34  ? 17.557  14.772  -35.335 1.00 57.07  ? 34  LYS A CB  1 
ATOM   188  N N   . HIS A 1 35  ? 16.361  12.759  -33.095 1.00 55.77  ? 35  HIS A N   1 
ATOM   189  C CA  . HIS A 1 35  ? 16.230  12.374  -31.687 1.00 55.45  ? 35  HIS A CA  1 
ATOM   190  C C   . HIS A 1 35  ? 16.349  10.864  -31.464 1.00 59.37  ? 35  HIS A C   1 
ATOM   191  O O   . HIS A 1 35  ? 17.015  10.447  -30.514 1.00 58.98  ? 35  HIS A O   1 
ATOM   192  C CB  . HIS A 1 35  ? 14.928  12.921  -31.083 1.00 56.17  ? 35  HIS A CB  1 
ATOM   193  N N   . GLU A 1 36  ? 15.719  10.047  -32.332 1.00 55.79  ? 36  GLU A N   1 
ATOM   194  C CA  . GLU A 1 36  ? 15.774  8.586   -32.230 1.00 84.52  ? 36  GLU A CA  1 
ATOM   195  C C   . GLU A 1 36  ? 17.095  8.019   -32.765 1.00 114.00 ? 36  GLU A C   1 
ATOM   196  O O   . GLU A 1 36  ? 17.993  8.763   -33.162 1.00 74.43  ? 36  GLU A O   1 
ATOM   197  C CB  . GLU A 1 36  ? 14.582  7.938   -32.946 1.00 85.83  ? 36  GLU A CB  1 
ATOM   198  N N   . GLU A 1 40  ? 19.117  5.710   -29.756 1.00 63.35  ? 40  GLU A N   1 
ATOM   199  C CA  . GLU A 1 40  ? 19.669  4.376   -29.548 1.00 63.03  ? 40  GLU A CA  1 
ATOM   200  C C   . GLU A 1 40  ? 20.710  4.352   -28.425 1.00 66.39  ? 40  GLU A C   1 
ATOM   201  O O   . GLU A 1 40  ? 20.943  3.292   -27.842 1.00 66.06  ? 40  GLU A O   1 
ATOM   202  C CB  . GLU A 1 40  ? 20.255  3.819   -30.855 1.00 64.42  ? 40  GLU A CB  1 
ATOM   203  N N   . LYS A 1 41  ? 21.327  5.517   -28.123 1.00 62.48  ? 41  LYS A N   1 
ATOM   204  C CA  . LYS A 1 41  ? 22.323  5.697   -27.060 1.00 62.01  ? 41  LYS A CA  1 
ATOM   205  C C   . LYS A 1 41  ? 21.672  5.516   -25.685 1.00 65.14  ? 41  LYS A C   1 
ATOM   206  O O   . LYS A 1 41  ? 22.284  4.926   -24.788 1.00 64.89  ? 41  LYS A O   1 
ATOM   207  C CB  . LYS A 1 41  ? 22.970  7.087   -27.157 1.00 64.61  ? 41  LYS A CB  1 
ATOM   208  N N   . VAL A 1 42  ? 20.432  6.027   -25.527 1.00 60.50  ? 42  VAL A N   1 
ATOM   209  C CA  . VAL A 1 42  ? 19.646  5.900   -24.300 1.00 59.60  ? 42  VAL A CA  1 
ATOM   210  C C   . VAL A 1 42  ? 19.153  4.462   -24.173 1.00 61.08  ? 42  VAL A C   1 
ATOM   211  O O   . VAL A 1 42  ? 19.098  3.940   -23.062 1.00 60.93  ? 42  VAL A O   1 
ATOM   212  C CB  . VAL A 1 42  ? 18.477  6.905   -24.250 1.00 63.53  ? 42  VAL A CB  1 
ATOM   213  N N   . GLU A 1 43  ? 18.832  3.815   -25.321 1.00 55.23  ? 43  GLU A N   1 
ATOM   214  C CA  . GLU A 1 43  ? 18.382  2.422   -25.398 1.00 53.79  ? 43  GLU A CA  1 
ATOM   215  C C   . GLU A 1 43  ? 19.467  1.455   -24.911 1.00 54.17  ? 43  GLU A C   1 
ATOM   216  O O   . GLU A 1 43  ? 19.129  0.413   -24.355 1.00 53.79  ? 43  GLU A O   1 
ATOM   217  C CB  . GLU A 1 43  ? 17.937  2.062   -26.822 1.00 55.11  ? 43  GLU A CB  1 
ATOM   218  N N   . ARG A 1 44  ? 20.759  1.809   -25.104 1.00 47.91  ? 44  ARG A N   1 
ATOM   219  C CA  . ARG A 1 44  ? 21.913  1.017   -24.656 1.00 46.49  ? 44  ARG A CA  1 
ATOM   220  C C   . ARG A 1 44  ? 21.970  1.011   -23.123 1.00 47.86  ? 44  ARG A C   1 
ATOM   221  O O   . ARG A 1 44  ? 22.268  -0.025  -22.513 1.00 47.38  ? 44  ARG A O   1 
ATOM   222  C CB  . ARG A 1 44  ? 23.220  1.593   -25.226 1.00 45.97  ? 44  ARG A CB  1 
ATOM   223  N N   . GLU A 1 45  ? 21.671  2.178   -22.514 1.00 41.67  ? 45  GLU A N   1 
ATOM   224  C CA  . GLU A 1 45  ? 21.629  2.378   -21.069 1.00 40.27  ? 45  GLU A CA  1 
ATOM   225  C C   . GLU A 1 45  ? 20.456  1.600   -20.490 1.00 40.93  ? 45  GLU A C   1 
ATOM   226  O O   . GLU A 1 45  ? 20.630  0.907   -19.490 1.00 39.90  ? 45  GLU A O   1 
ATOM   227  C CB  . GLU A 1 45  ? 21.517  3.874   -20.728 1.00 41.53  ? 45  GLU A CB  1 
ATOM   228  N N   . PHE A 1 46  ? 19.273  1.681   -21.142 1.00 35.77  ? 46  PHE A N   1 
ATOM   229  C CA  . PHE A 1 46  ? 18.071  0.965   -20.722 1.00 34.70  ? 46  PHE A CA  1 
ATOM   230  C C   . PHE A 1 46  ? 18.211  -0.552  -20.862 1.00 36.29  ? 46  PHE A C   1 
ATOM   231  O O   . PHE A 1 46  ? 17.715  -1.283  -20.001 1.00 35.57  ? 46  PHE A O   1 
ATOM   232  C CB  . PHE A 1 46  ? 16.824  1.484   -21.455 1.00 36.60  ? 46  PHE A CB  1 
ATOM   233  C CG  . PHE A 1 46  ? 16.498  2.943   -21.237 1.00 38.18  ? 46  PHE A CG  1 
ATOM   234  C CD1 . PHE A 1 46  ? 16.489  3.490   -19.958 1.00 40.96  ? 46  PHE A CD1 1 
ATOM   235  C CD2 . PHE A 1 46  ? 16.133  3.757   -22.303 1.00 40.84  ? 46  PHE A CD2 1 
ATOM   236  C CE1 . PHE A 1 46  ? 16.182  4.836   -19.758 1.00 41.97  ? 46  PHE A CE1 1 
ATOM   237  C CE2 . PHE A 1 46  ? 15.824  5.106   -22.100 1.00 43.78  ? 46  PHE A CE2 1 
ATOM   238  C CZ  . PHE A 1 46  ? 15.843  5.634   -20.826 1.00 41.79  ? 46  PHE A CZ  1 
ATOM   239  N N   . ASP A 1 47  ? 18.922  -1.016  -21.915 1.00 31.33  ? 47  ASP A N   1 
ATOM   240  C CA  . ASP A 1 47  ? 19.180  -2.441  -22.180 1.00 30.37  ? 47  ASP A CA  1 
ATOM   241  C C   . ASP A 1 47  ? 20.032  -3.075  -21.084 1.00 31.83  ? 47  ASP A C   1 
ATOM   242  O O   . ASP A 1 47  ? 19.822  -4.236  -20.754 1.00 32.41  ? 47  ASP A O   1 
ATOM   243  C CB  . ASP A 1 47  ? 19.842  -2.643  -23.552 1.00 32.30  ? 47  ASP A CB  1 
ATOM   244  N N   . SER A 1 48  ? 20.991  -2.317  -20.526 1.00 26.35  ? 48  SER A N   1 
ATOM   245  C CA  . SER A 1 48  ? 21.835  -2.773  -19.421 1.00 25.33  ? 48  SER A CA  1 
ATOM   246  C C   . SER A 1 48  ? 21.035  -2.739  -18.113 1.00 25.96  ? 48  SER A C   1 
ATOM   247  O O   . SER A 1 48  ? 21.177  -3.636  -17.289 1.00 25.44  ? 48  SER A O   1 
ATOM   248  C CB  . SER A 1 48  ? 23.105  -1.936  -19.309 1.00 29.24  ? 48  SER A CB  1 
ATOM   249  O OG  . SER A 1 48  ? 22.880  -0.579  -19.647 1.00 42.43  ? 48  SER A OG  1 
ATOM   250  N N   . LEU A 1 49  ? 20.157  -1.737  -17.951 1.00 21.10  ? 49  LEU A N   1 
ATOM   251  C CA  . LEU A 1 49  ? 19.285  -1.622  -16.777 1.00 20.82  ? 49  LEU A CA  1 
ATOM   252  C C   . LEU A 1 49  ? 18.229  -2.738  -16.768 1.00 24.28  ? 49  LEU A C   1 
ATOM   253  O O   . LEU A 1 49  ? 17.794  -3.146  -15.694 1.00 23.33  ? 49  LEU A O   1 
ATOM   254  C CB  . LEU A 1 49  ? 18.615  -0.243  -16.718 1.00 20.76  ? 49  LEU A CB  1 
ATOM   255  C CG  . LEU A 1 49  ? 19.500  0.938   -16.330 1.00 25.66  ? 49  LEU A CG  1 
ATOM   256  C CD1 . LEU A 1 49  ? 18.808  2.251   -16.624 1.00 26.70  ? 49  LEU A CD1 1 
ATOM   257  C CD2 . LEU A 1 49  ? 19.922  0.873   -14.877 1.00 26.90  ? 49  LEU A CD2 1 
ATOM   258  N N   . ASP A 1 50  ? 17.884  -3.278  -17.968 1.00 20.90  ? 50  ASP A N   1 
ATOM   259  C CA  . ASP A 1 50  ? 16.923  -4.369  -18.162 1.00 20.83  ? 50  ASP A CA  1 
ATOM   260  C C   . ASP A 1 50  ? 17.429  -5.723  -17.678 1.00 23.66  ? 50  ASP A C   1 
ATOM   261  O O   . ASP A 1 50  ? 16.640  -6.666  -17.608 1.00 23.57  ? 50  ASP A O   1 
ATOM   262  C CB  . ASP A 1 50  ? 16.440  -4.446  -19.620 1.00 23.37  ? 50  ASP A CB  1 
ATOM   263  C CG  . ASP A 1 50  ? 15.400  -3.410  -20.004 1.00 37.09  ? 50  ASP A CG  1 
ATOM   264  O OD1 . ASP A 1 50  ? 14.664  -2.948  -19.111 1.00 36.54  ? 50  ASP A OD1 1 
ATOM   265  O OD2 . ASP A 1 50  ? 15.308  -3.079  -21.206 1.00 48.59  ? 50  ASP A OD2 1 
ATOM   266  N N   . LYS A 1 51  ? 18.721  -5.822  -17.289 1.00 18.77  ? 51  LYS A N   1 
ATOM   267  C CA  . LYS A 1 51  ? 19.253  -7.065  -16.713 1.00 18.26  ? 51  LYS A CA  1 
ATOM   268  C C   . LYS A 1 51  ? 18.776  -7.192  -15.247 1.00 19.47  ? 51  LYS A C   1 
ATOM   269  O O   . LYS A 1 51  ? 18.973  -8.229  -14.613 1.00 19.52  ? 51  LYS A O   1 
ATOM   270  C CB  . LYS A 1 51  ? 20.789  -7.102  -16.804 1.00 21.11  ? 51  LYS A CB  1 
ATOM   271  N N   . TYR A 1 52  ? 18.129  -6.136  -14.729 1.00 13.83  ? 52  TYR A N   1 
ATOM   272  C CA  . TYR A 1 52  ? 17.655  -6.065  -13.349 1.00 13.08  ? 52  TYR A CA  1 
ATOM   273  C C   . TYR A 1 52  ? 16.171  -5.758  -13.246 1.00 14.65  ? 52  TYR A C   1 
ATOM   274  O O   . TYR A 1 52  ? 15.595  -5.160  -14.156 1.00 13.08  ? 52  TYR A O   1 
ATOM   275  C CB  . TYR A 1 52  ? 18.480  -5.048  -12.533 1.00 14.04  ? 52  TYR A CB  1 
ATOM   276  C CG  . TYR A 1 52  ? 19.972  -5.275  -12.632 1.00 16.53  ? 52  TYR A CG  1 
ATOM   277  C CD1 . TYR A 1 52  ? 20.628  -6.130  -11.748 1.00 18.54  ? 52  TYR A CD1 1 
ATOM   278  C CD2 . TYR A 1 52  ? 20.725  -4.665  -13.632 1.00 17.27  ? 52  TYR A CD2 1 
ATOM   279  C CE1 . TYR A 1 52  ? 21.995  -6.371  -11.861 1.00 20.11  ? 52  TYR A CE1 1 
ATOM   280  C CE2 . TYR A 1 52  ? 22.098  -4.875  -13.734 1.00 17.88  ? 52  TYR A CE2 1 
ATOM   281  C CZ  . TYR A 1 52  ? 22.726  -5.738  -12.855 1.00 27.14  ? 52  TYR A CZ  1 
ATOM   282  O OH  . TYR A 1 52  ? 24.078  -5.945  -12.969 1.00 31.59  ? 52  TYR A OH  1 
ATOM   283  N N   . LEU A 1 53  ? 15.564  -6.141  -12.109 1.00 10.61  ? 53  LEU A N   1 
ATOM   284  C CA  . LEU A 1 53  ? 14.138  -5.970  -11.859 1.00 10.44  ? 53  LEU A CA  1 
ATOM   285  C C   . LEU A 1 53  ? 13.804  -5.157  -10.629 1.00 14.24  ? 53  LEU A C   1 
ATOM   286  O O   . LEU A 1 53  ? 14.550  -5.184  -9.655  1.00 15.42  ? 53  LEU A O   1 
ATOM   287  C CB  . LEU A 1 53  ? 13.469  -7.352  -11.695 1.00 10.38  ? 53  LEU A CB  1 
ATOM   288  C CG  . LEU A 1 53  ? 13.673  -8.397  -12.763 1.00 14.14  ? 53  LEU A CG  1 
ATOM   289  C CD1 . LEU A 1 53  ? 13.139  -9.721  -12.289 1.00 14.09  ? 53  LEU A CD1 1 
ATOM   290  C CD2 . LEU A 1 53  ? 12.997  -7.995  -14.066 1.00 16.53  ? 53  LEU A CD2 1 
ATOM   291  N N   . VAL A 1 54  ? 12.622  -4.507  -10.654 1.00 10.46  ? 54  VAL A N   1 
ATOM   292  C CA  . VAL A 1 54  ? 12.024  -3.762  -9.542  1.00 10.00  ? 54  VAL A CA  1 
ATOM   293  C C   . VAL A 1 54  ? 10.635  -4.347  -9.217  1.00 13.39  ? 54  VAL A C   1 
ATOM   294  O O   . VAL A 1 54  ? 9.925   -4.789  -10.121 1.00 13.31  ? 54  VAL A O   1 
ATOM   295  C CB  . VAL A 1 54  ? 11.983  -2.208  -9.722  1.00 12.90  ? 54  VAL A CB  1 
ATOM   296  C CG1 . VAL A 1 54  ? 13.368  -1.589  -9.602  1.00 12.58  ? 54  VAL A CG1 1 
ATOM   297  C CG2 . VAL A 1 54  ? 11.290  -1.789  -11.009 1.00 12.16  ? 54  VAL A CG2 1 
ATOM   298  N N   . ALA A 1 55  ? 10.254  -4.366  -7.938  1.00 9.41   ? 55  ALA A N   1 
ATOM   299  C CA  . ALA A 1 55  ? 8.943   -4.897  -7.565  1.00 8.20   ? 55  ALA A CA  1 
ATOM   300  C C   . ALA A 1 55  ? 7.896   -3.806  -7.725  1.00 14.20  ? 55  ALA A C   1 
ATOM   301  O O   . ALA A 1 55  ? 8.195   -2.631  -7.528  1.00 13.74  ? 55  ALA A O   1 
ATOM   302  C CB  . ALA A 1 55  ? 8.951   -5.396  -6.133  1.00 8.09   ? 55  ALA A CB  1 
ATOM   303  N N   . GLU A 1 56  ? 6.679   -4.186  -8.096  1.00 10.98  ? 56  GLU A N   1 
ATOM   304  C CA  . GLU A 1 56  ? 5.592   -3.232  -8.220  1.00 11.18  ? 56  GLU A CA  1 
ATOM   305  C C   . GLU A 1 56  ? 5.044   -2.931  -6.814  1.00 15.66  ? 56  GLU A C   1 
ATOM   306  O O   . GLU A 1 56  ? 4.890   -3.852  -5.996  1.00 14.93  ? 56  GLU A O   1 
ATOM   307  C CB  . GLU A 1 56  ? 4.472   -3.820  -9.091  1.00 12.78  ? 56  GLU A CB  1 
ATOM   308  C CG  . GLU A 1 56  ? 4.801   -3.891  -10.570 1.00 24.94  ? 56  GLU A CG  1 
ATOM   309  C CD  . GLU A 1 56  ? 3.639   -4.235  -11.482 1.00 45.43  ? 56  GLU A CD  1 
ATOM   310  O OE1 . GLU A 1 56  ? 3.895   -4.733  -12.601 1.00 53.54  ? 56  GLU A OE1 1 
ATOM   311  O OE2 . GLU A 1 56  ? 2.474   -4.009  -11.085 1.00 31.55  ? 56  GLU A OE2 1 
ATOM   312  N N   . ASP A 1 57  ? 4.741   -1.649  -6.534  1.00 12.56  ? 57  ASP A N   1 
ATOM   313  C CA  . ASP A 1 57  ? 4.123   -1.254  -5.260  1.00 11.40  ? 57  ASP A CA  1 
ATOM   314  C C   . ASP A 1 57  ? 2.820   -2.060  -5.179  1.00 14.45  ? 57  ASP A C   1 
ATOM   315  O O   . ASP A 1 57  ? 2.059   -2.037  -6.140  1.00 12.51  ? 57  ASP A O   1 
ATOM   316  C CB  . ASP A 1 57  ? 3.818   0.255   -5.240  1.00 12.77  ? 57  ASP A CB  1 
ATOM   317  C CG  . ASP A 1 57  ? 3.074   0.723   -3.996  1.00 18.87  ? 57  ASP A CG  1 
ATOM   318  O OD1 . ASP A 1 57  ? 3.709   1.340   -3.126  1.00 19.25  ? 57  ASP A OD1 1 
ATOM   319  O OD2 . ASP A 1 57  ? 1.852   0.490   -3.911  1.00 21.27  ? 57  ASP A OD2 1 
ATOM   320  N N   . PRO A 1 58  ? 2.555   -2.808  -4.091  1.00 13.36  ? 58  PRO A N   1 
ATOM   321  C CA  . PRO A 1 58  ? 1.326   -3.620  -4.050  1.00 13.21  ? 58  PRO A CA  1 
ATOM   322  C C   . PRO A 1 58  ? 0.011   -2.869  -4.115  1.00 16.92  ? 58  PRO A C   1 
ATOM   323  O O   . PRO A 1 58  ? -0.918  -3.391  -4.710  1.00 16.33  ? 58  PRO A O   1 
ATOM   324  C CB  . PRO A 1 58  ? 1.463   -4.415  -2.754  1.00 15.50  ? 58  PRO A CB  1 
ATOM   325  C CG  . PRO A 1 58  ? 2.355   -3.589  -1.910  1.00 21.25  ? 58  PRO A CG  1 
ATOM   326  C CD  . PRO A 1 58  ? 3.357   -2.996  -2.866  1.00 16.21  ? 58  PRO A CD  1 
ATOM   327  N N   . PHE A 1 59  ? -0.074  -1.661  -3.530  1.00 15.16  ? 59  PHE A N   1 
ATOM   328  C CA  . PHE A 1 59  ? -1.311  -0.872  -3.506  1.00 15.80  ? 59  PHE A CA  1 
ATOM   329  C C   . PHE A 1 59  ? -1.610  -0.233  -4.851  1.00 25.26  ? 59  PHE A C   1 
ATOM   330  O O   . PHE A 1 59  ? -2.769  0.056   -5.149  1.00 26.64  ? 59  PHE A O   1 
ATOM   331  C CB  . PHE A 1 59  ? -1.312  0.159   -2.364  1.00 16.62  ? 59  PHE A CB  1 
ATOM   332  C CG  . PHE A 1 59  ? -1.302  -0.359  -0.936  1.00 17.43  ? 59  PHE A CG  1 
ATOM   333  C CD1 . PHE A 1 59  ? -1.085  -1.708  -0.661  1.00 19.46  ? 59  PHE A CD1 1 
ATOM   334  C CD2 . PHE A 1 59  ? -1.487  0.507   0.137   1.00 18.77  ? 59  PHE A CD2 1 
ATOM   335  C CE1 . PHE A 1 59  ? -1.039  -2.173  0.659   1.00 19.47  ? 59  PHE A CE1 1 
ATOM   336  C CE2 . PHE A 1 59  ? -1.453  0.037   1.453   1.00 20.59  ? 59  PHE A CE2 1 
ATOM   337  C CZ  . PHE A 1 59  ? -1.210  -1.294  1.704   1.00 18.55  ? 59  PHE A CZ  1 
ATOM   338  N N   . CYS A 1 60  ? -0.577  -0.046  -5.672  1.00 24.47  ? 60  CYS A N   1 
ATOM   339  C CA  . CYS A 1 60  ? -0.691  0.477   -7.029  1.00 25.74  ? 60  CYS A CA  1 
ATOM   340  C C   . CYS A 1 60  ? -0.696  -0.703  -8.004  1.00 25.66  ? 60  CYS A C   1 
ATOM   341  O O   . CYS A 1 60  ? -1.051  -0.537  -9.169  1.00 25.37  ? 60  CYS A O   1 
ATOM   342  C CB  . CYS A 1 60  ? 0.453   1.444   -7.333  1.00 28.03  ? 60  CYS A CB  1 
ATOM   343  S SG  . CYS A 1 60  ? 0.490   2.918   -6.273  1.00 33.26  ? 60  CYS A SG  1 
ATOM   344  N N   . GLY A 1 61  ? -0.310  -1.881  -7.515  1.00 19.04  ? 61  GLY A N   1 
ATOM   345  C CA  . GLY A 1 61  ? -0.192  -3.095  -8.312  1.00 17.75  ? 61  GLY A CA  1 
ATOM   346  C C   . GLY A 1 61  ? -1.453  -3.916  -8.498  1.00 20.47  ? 61  GLY A C   1 
ATOM   347  O O   . GLY A 1 61  ? -2.531  -3.506  -8.061  1.00 19.19  ? 61  GLY A O   1 
ATOM   348  N N   . PRO A 1 62  ? -1.330  -5.092  -9.172  1.00 16.23  ? 62  PRO A N   1 
ATOM   349  C CA  . PRO A 1 62  ? -2.507  -5.955  -9.416  1.00 15.72  ? 62  PRO A CA  1 
ATOM   350  C C   . PRO A 1 62  ? -3.300  -6.326  -8.164  1.00 16.55  ? 62  PRO A C   1 
ATOM   351  O O   . PRO A 1 62  ? -2.764  -6.298  -7.058  1.00 14.83  ? 62  PRO A O   1 
ATOM   352  C CB  . PRO A 1 62  ? -1.894  -7.212  -10.046 1.00 17.44  ? 62  PRO A CB  1 
ATOM   353  C CG  . PRO A 1 62  ? -0.653  -6.745  -10.671 1.00 22.21  ? 62  PRO A CG  1 
ATOM   354  C CD  . PRO A 1 62  ? -0.115  -5.679  -9.767  1.00 17.85  ? 62  PRO A CD  1 
ATOM   355  N N   . GLY A 1 63  ? -4.566  -6.676  -8.364  1.00 11.50  ? 63  GLY A N   1 
ATOM   356  C CA  . GLY A 1 63  ? -5.462  -7.047  -7.281  1.00 10.29  ? 63  GLY A CA  1 
ATOM   357  C C   . GLY A 1 63  ? -6.091  -5.841  -6.619  1.00 13.24  ? 63  GLY A C   1 
ATOM   358  O O   . GLY A 1 63  ? -5.530  -4.741  -6.636  1.00 12.63  ? 63  GLY A O   1 
ATOM   359  N N   . LYS A 1 64  ? -7.276  -6.047  -6.050  1.00 10.54  ? 64  LYS A N   1 
ATOM   360  C CA  . LYS A 1 64  ? -8.064  -5.030  -5.351  1.00 10.28  ? 64  LYS A CA  1 
ATOM   361  C C   . LYS A 1 64  ? -7.428  -4.669  -4.022  1.00 13.39  ? 64  LYS A C   1 
ATOM   362  O O   . LYS A 1 64  ? -6.783  -5.512  -3.401  1.00 11.78  ? 64  LYS A O   1 
ATOM   363  C CB  . LYS A 1 64  ? -9.473  -5.582  -5.052  1.00 11.95  ? 64  LYS A CB  1 
ATOM   364  C CG  . LYS A 1 64  ? -10.390 -5.711  -6.267  1.00 21.93  ? 64  LYS A CG  1 
ATOM   365  C CD  . LYS A 1 64  ? -11.496 -6.773  -6.115  1.00 30.07  ? 64  LYS A CD  1 
ATOM   366  C CE  . LYS A 1 64  ? -12.212 -6.839  -4.781  1.00 30.29  ? 64  LYS A CE  1 
ATOM   367  N NZ  . LYS A 1 64  ? -13.640 -7.225  -4.945  1.00 32.10  ? 64  LYS A NZ  1 
ATOM   368  N N   . ASN A 1 65  ? -7.672  -3.436  -3.555  1.00 11.17  ? 65  ASN A N   1 
ATOM   369  C CA  . ASN A 1 65  ? -7.269  -2.974  -2.226  1.00 11.16  ? 65  ASN A CA  1 
ATOM   370  C C   . ASN A 1 65  ? -8.535  -2.960  -1.372  1.00 15.25  ? 65  ASN A C   1 
ATOM   371  O O   . ASN A 1 65  ? -9.593  -2.542  -1.843  1.00 15.80  ? 65  ASN A O   1 
ATOM   372  C CB  . ASN A 1 65  ? -6.641  -1.572  -2.267  1.00 7.66   ? 65  ASN A CB  1 
ATOM   373  C CG  . ASN A 1 65  ? -5.377  -1.480  -3.086  1.00 21.12  ? 65  ASN A CG  1 
ATOM   374  O OD1 . ASN A 1 65  ? -4.553  -2.383  -3.091  1.00 15.57  ? 65  ASN A OD1 1 
ATOM   375  N ND2 . ASN A 1 65  ? -5.173  -0.364  -3.773  1.00 10.64  ? 65  ASN A ND2 1 
ATOM   376  N N   . GLN A 1 66  ? -8.440  -3.448  -0.144  1.00 11.00  ? 66  GLN A N   1 
ATOM   377  C CA  . GLN A 1 66  ? -9.567  -3.466  0.785   1.00 10.78  ? 66  GLN A CA  1 
ATOM   378  C C   . GLN A 1 66  ? -9.033  -3.042  2.151   1.00 14.09  ? 66  GLN A C   1 
ATOM   379  O O   . GLN A 1 66  ? -8.421  -3.849  2.866   1.00 12.74  ? 66  GLN A O   1 
ATOM   380  C CB  . GLN A 1 66  ? -10.237 -4.861  0.807   1.00 12.03  ? 66  GLN A CB  1 
ATOM   381  C CG  . GLN A 1 66  ? -11.463 -4.967  1.725   1.00 18.04  ? 66  GLN A CG  1 
ATOM   382  C CD  . GLN A 1 66  ? -12.087 -6.355  1.737   1.00 32.09  ? 66  GLN A CD  1 
ATOM   383  O OE1 . GLN A 1 66  ? -11.530 -7.334  1.228   1.00 25.24  ? 66  GLN A OE1 1 
ATOM   384  N NE2 . GLN A 1 66  ? -13.255 -6.480  2.351   1.00 15.56  ? 66  GLN A NE2 1 
ATOM   385  N N   . LYS A 1 67  ? -9.199  -1.750  2.470   1.00 11.35  ? 67  LYS A N   1 
ATOM   386  C CA  . LYS A 1 67  ? -8.702  -1.165  3.721   1.00 11.01  ? 67  LYS A CA  1 
ATOM   387  C C   . LYS A 1 67  ? -9.728  -1.270  4.846   1.00 15.94  ? 67  LYS A C   1 
ATOM   388  O O   . LYS A 1 67  ? -10.714 -0.526  4.864   1.00 15.74  ? 67  LYS A O   1 
ATOM   389  C CB  . LYS A 1 67  ? -8.246  0.289   3.510   1.00 12.28  ? 67  LYS A CB  1 
ATOM   390  C CG  . LYS A 1 67  ? -7.726  0.976   4.770   1.00 17.53  ? 67  LYS A CG  1 
ATOM   391  C CD  . LYS A 1 67  ? -7.308  2.407   4.486   1.00 22.92  ? 67  LYS A CD  1 
ATOM   392  C CE  . LYS A 1 67  ? -6.937  3.150   5.739   1.00 27.61  ? 67  LYS A CE  1 
ATOM   393  N NZ  . LYS A 1 67  ? -6.460  4.524   5.441   1.00 36.94  ? 67  LYS A NZ  1 
ATOM   394  N N   . LEU A 1 68  ? -9.481  -2.191  5.787   1.00 12.39  ? 68  LEU A N   1 
ATOM   395  C CA  . LEU A 1 68  ? -10.317 -2.388  6.966   1.00 11.69  ? 68  LEU A CA  1 
ATOM   396  C C   . LEU A 1 68  ? -9.670  -1.624  8.116   1.00 14.93  ? 68  LEU A C   1 
ATOM   397  O O   . LEU A 1 68  ? -8.715  -2.093  8.732   1.00 13.29  ? 68  LEU A O   1 
ATOM   398  C CB  . LEU A 1 68  ? -10.441 -3.874  7.327   1.00 12.21  ? 68  LEU A CB  1 
ATOM   399  C CG  . LEU A 1 68  ? -10.858 -4.848  6.228   1.00 18.06  ? 68  LEU A CG  1 
ATOM   400  C CD1 . LEU A 1 68  ? -10.704 -6.274  6.710   1.00 18.48  ? 68  LEU A CD1 1 
ATOM   401  C CD2 . LEU A 1 68  ? -12.277 -4.586  5.751   1.00 17.86  ? 68  LEU A CD2 1 
ATOM   402  N N   . THR A 1 69  ? -10.181 -0.439  8.394   1.00 12.22  ? 69  THR A N   1 
ATOM   403  C CA  . THR A 1 69  ? -9.650  0.414   9.458   1.00 11.82  ? 69  THR A CA  1 
ATOM   404  C C   . THR A 1 69  ? -10.054 -0.144  10.818  1.00 13.91  ? 69  THR A C   1 
ATOM   405  O O   . THR A 1 69  ? -11.242 -0.308  11.078  1.00 14.26  ? 69  THR A O   1 
ATOM   406  C CB  . THR A 1 69  ? -10.049 1.849   9.191   1.00 19.58  ? 69  THR A CB  1 
ATOM   407  O OG1 . THR A 1 69  ? -10.091 2.034   7.772   1.00 22.03  ? 69  THR A OG1 1 
ATOM   408  C CG2 . THR A 1 69  ? -9.101  2.842   9.830   1.00 14.90  ? 69  THR A CG2 1 
ATOM   409  N N   . LEU A 1 70  ? -9.068  -0.499  11.655  1.00 9.61   ? 70  LEU A N   1 
ATOM   410  C CA  . LEU A 1 70  ? -9.324  -1.144  12.951  1.00 9.47   ? 70  LEU A CA  1 
ATOM   411  C C   . LEU A 1 70  ? -9.549  -0.186  14.102  1.00 12.73  ? 70  LEU A C   1 
ATOM   412  O O   . LEU A 1 70  ? -10.523 -0.331  14.832  1.00 13.12  ? 70  LEU A O   1 
ATOM   413  C CB  . LEU A 1 70  ? -8.229  -2.172  13.304  1.00 9.45   ? 70  LEU A CB  1 
ATOM   414  C CG  . LEU A 1 70  ? -7.858  -3.224  12.255  1.00 13.05  ? 70  LEU A CG  1 
ATOM   415  C CD1 . LEU A 1 70  ? -6.635  -3.988  12.687  1.00 12.76  ? 70  LEU A CD1 1 
ATOM   416  C CD2 . LEU A 1 70  ? -9.007  -4.188  11.998  1.00 13.95  ? 70  LEU A CD2 1 
ATOM   417  N N   . PHE A 1 71  ? -8.650  0.784   14.277  1.00 9.08   ? 71  PHE A N   1 
ATOM   418  C CA  . PHE A 1 71  ? -8.740  1.745   15.368  1.00 8.36   ? 71  PHE A CA  1 
ATOM   419  C C   . PHE A 1 71  ? -7.837  2.930   15.150  1.00 11.23  ? 71  PHE A C   1 
ATOM   420  O O   . PHE A 1 71  ? -6.989  2.930   14.257  1.00 10.06  ? 71  PHE A O   1 
ATOM   421  C CB  . PHE A 1 71  ? -8.385  1.066   16.722  1.00 10.01  ? 71  PHE A CB  1 
ATOM   422  C CG  . PHE A 1 71  ? -7.015  0.420   16.765  1.00 10.72  ? 71  PHE A CG  1 
ATOM   423  C CD1 . PHE A 1 71  ? -5.897  1.148   17.159  1.00 12.15  ? 71  PHE A CD1 1 
ATOM   424  C CD2 . PHE A 1 71  ? -6.842  -0.906  16.389  1.00 12.36  ? 71  PHE A CD2 1 
ATOM   425  C CE1 . PHE A 1 71  ? -4.635  0.563   17.166  1.00 12.82  ? 71  PHE A CE1 1 
ATOM   426  C CE2 . PHE A 1 71  ? -5.580  -1.494  16.407  1.00 14.48  ? 71  PHE A CE2 1 
ATOM   427  C CZ  . PHE A 1 71  ? -4.486  -0.757  16.798  1.00 12.63  ? 71  PHE A CZ  1 
ATOM   428  N N   . LYS A 1 72  ? -8.025  3.927   16.012  1.00 8.68   ? 72  LYS A N   1 
ATOM   429  C CA  . LYS A 1 72  ? -7.242  5.142   16.162  1.00 8.24   ? 72  LYS A CA  1 
ATOM   430  C C   . LYS A 1 72  ? -6.592  5.024   17.548  1.00 10.20  ? 72  LYS A C   1 
ATOM   431  O O   . LYS A 1 72  ? -7.111  4.326   18.417  1.00 9.49   ? 72  LYS A O   1 
ATOM   432  C CB  . LYS A 1 72  ? -8.136  6.391   16.099  1.00 10.52  ? 72  LYS A CB  1 
ATOM   433  C CG  . LYS A 1 72  ? -8.856  6.587   14.766  1.00 13.16  ? 72  LYS A CG  1 
ATOM   434  C CD  . LYS A 1 72  ? -8.209  7.643   13.924  1.00 22.11  ? 72  LYS A CD  1 
ATOM   435  C CE  . LYS A 1 72  ? -9.145  8.070   12.837  1.00 26.83  ? 72  LYS A CE  1 
ATOM   436  N NZ  . LYS A 1 72  ? -8.518  7.991   11.498  1.00 32.31  ? 72  LYS A NZ  1 
ATOM   437  N N   . GLU A 1 73  ? -5.457  5.681   17.744  1.00 5.70   ? 73  GLU A N   1 
ATOM   438  C CA  . GLU A 1 73  ? -4.715  5.638   18.988  1.00 5.95   ? 73  GLU A CA  1 
ATOM   439  C C   . GLU A 1 73  ? -3.797  6.834   19.059  1.00 10.76  ? 73  GLU A C   1 
ATOM   440  O O   . GLU A 1 73  ? -3.244  7.248   18.039  1.00 11.09  ? 73  GLU A O   1 
ATOM   441  C CB  . GLU A 1 73  ? -3.875  4.348   19.030  1.00 7.21   ? 73  GLU A CB  1 
ATOM   442  C CG  . GLU A 1 73  ? -3.179  4.058   20.352  1.00 13.87  ? 73  GLU A CG  1 
ATOM   443  C CD  . GLU A 1 73  ? -2.220  2.888   20.252  1.00 23.09  ? 73  GLU A CD  1 
ATOM   444  O OE1 . GLU A 1 73  ? -2.492  1.965   19.451  1.00 14.43  ? 73  GLU A OE1 1 
ATOM   445  O OE2 . GLU A 1 73  ? -1.157  2.932   20.907  1.00 17.66  ? 73  GLU A OE2 1 
ATOM   446  N N   . ILE A 1 74  ? -3.613  7.371   20.271  1.00 8.39   ? 74  ILE A N   1 
ATOM   447  C CA  . ILE A 1 74  ? -2.713  8.494   20.516  1.00 8.96   ? 74  ILE A CA  1 
ATOM   448  C C   . ILE A 1 74  ? -1.656  8.085   21.533  1.00 11.85  ? 74  ILE A C   1 
ATOM   449  O O   . ILE A 1 74  ? -1.982  7.500   22.557  1.00 10.31  ? 74  ILE A O   1 
ATOM   450  C CB  . ILE A 1 74  ? -3.475  9.791   20.927  1.00 12.39  ? 74  ILE A CB  1 
ATOM   451  C CG1 . ILE A 1 74  ? -4.363  10.288  19.776  1.00 13.29  ? 74  ILE A CG1 1 
ATOM   452  C CG2 . ILE A 1 74  ? -2.506  10.917  21.353  1.00 12.08  ? 74  ILE A CG2 1 
ATOM   453  C CD1 . ILE A 1 74  ? -5.700  10.687  20.224  1.00 23.78  ? 74  ILE A CD1 1 
ATOM   454  N N   . ARG A 1 75  ? -0.394  8.384   21.228  1.00 9.48   ? 75  ARG A N   1 
ATOM   455  C CA  . ARG A 1 75  ? 0.743   8.112   22.098  1.00 9.69   ? 75  ARG A CA  1 
ATOM   456  C C   . ARG A 1 75  ? 1.629   9.338   22.138  1.00 13.10  ? 75  ARG A C   1 
ATOM   457  O O   . ARG A 1 75  ? 1.830   9.983   21.108  1.00 11.59  ? 75  ARG A O   1 
ATOM   458  C CB  . ARG A 1 75  ? 1.579   6.909   21.587  1.00 9.96   ? 75  ARG A CB  1 
ATOM   459  C CG  . ARG A 1 75  ? 0.854   5.561   21.539  1.00 15.75  ? 75  ARG A CG  1 
ATOM   460  C CD  . ARG A 1 75  ? 0.586   5.004   22.925  1.00 19.11  ? 75  ARG A CD  1 
ATOM   461  N NE  . ARG A 1 75  ? 0.927   3.585   23.028  1.00 17.85  ? 75  ARG A NE  1 
ATOM   462  C CZ  . ARG A 1 75  ? 1.366   3.012   24.139  1.00 31.40  ? 75  ARG A CZ  1 
ATOM   463  N NH1 . ARG A 1 75  ? 1.511   3.724   25.249  1.00 24.03  ? 75  ARG A NH1 1 
ATOM   464  N NH2 . ARG A 1 75  ? 1.674   1.726   24.150  1.00 22.39  ? 75  ARG A NH2 1 
ATOM   465  N N   . ASN A 1 76  ? 2.177   9.640   23.325  1.00 10.74  ? 76  ASN A N   1 
ATOM   466  C CA  . ASN A 1 76  ? 3.159   10.711  23.534  1.00 10.36  ? 76  ASN A CA  1 
ATOM   467  C C   . ASN A 1 76  ? 4.507   10.008  23.569  1.00 14.40  ? 76  ASN A C   1 
ATOM   468  O O   . ASN A 1 76  ? 4.780   9.228   24.486  1.00 13.38  ? 76  ASN A O   1 
ATOM   469  C CB  . ASN A 1 76  ? 2.887   11.475  24.831  1.00 6.69   ? 76  ASN A CB  1 
ATOM   470  C CG  . ASN A 1 76  ? 1.855   12.550  24.638  1.00 34.12  ? 76  ASN A CG  1 
ATOM   471  O OD1 . ASN A 1 76  ? 2.164   13.658  24.210  1.00 29.21  ? 76  ASN A OD1 1 
ATOM   472  N ND2 . ASN A 1 76  ? 0.602   12.246  24.923  1.00 31.94  ? 76  ASN A ND2 1 
ATOM   473  N N   . ILE A 1 77  ? 5.320   10.234  22.543  1.00 11.47  ? 77  ILE A N   1 
ATOM   474  C CA  . ILE A 1 77  ? 6.602   9.545   22.393  1.00 11.81  ? 77  ILE A CA  1 
ATOM   475  C C   . ILE A 1 77  ? 7.804   10.407  22.779  1.00 15.92  ? 77  ILE A C   1 
ATOM   476  O O   . ILE A 1 77  ? 8.021   11.480  22.204  1.00 15.24  ? 77  ILE A O   1 
ATOM   477  C CB  . ILE A 1 77  ? 6.733   8.913   20.971  1.00 14.70  ? 77  ILE A CB  1 
ATOM   478  C CG1 . ILE A 1 77  ? 5.426   8.180   20.550  1.00 14.82  ? 77  ILE A CG1 1 
ATOM   479  C CG2 . ILE A 1 77  ? 7.925   7.969   20.910  1.00 16.28  ? 77  ILE A CG2 1 
ATOM   480  C CD1 . ILE A 1 77  ? 5.176   8.086   19.041  1.00 21.41  ? 77  ILE A CD1 1 
ATOM   481  N N   . LYS A 1 78  ? 8.590   9.903   23.744  1.00 11.89  ? 78  LYS A N   1 
ATOM   482  C CA  . LYS A 1 78  ? 9.814   10.522  24.247  1.00 11.62  ? 78  LYS A CA  1 
ATOM   483  C C   . LYS A 1 78  ? 10.959  10.344  23.265  1.00 14.71  ? 78  LYS A C   1 
ATOM   484  O O   . LYS A 1 78  ? 11.030  9.295   22.614  1.00 13.35  ? 78  LYS A O   1 
ATOM   485  C CB  . LYS A 1 78  ? 10.215  9.914   25.607  1.00 14.31  ? 78  LYS A CB  1 
ATOM   486  C CG  . LYS A 1 78  ? 9.786   10.762  26.806  1.00 31.79  ? 78  LYS A CG  1 
ATOM   487  C CD  . LYS A 1 78  ? 8.293   10.660  27.091  1.00 39.13  ? 78  LYS A CD  1 
ATOM   488  C CE  . LYS A 1 78  ? 7.726   11.839  27.838  1.00 37.00  ? 78  LYS A CE  1 
ATOM   489  N NZ  . LYS A 1 78  ? 6.259   11.690  28.030  1.00 40.45  ? 78  LYS A NZ  1 
ATOM   490  N N   . PRO A 1 79  ? 11.900  11.325  23.200  1.00 11.80  ? 79  PRO A N   1 
ATOM   491  C CA  . PRO A 1 79  ? 13.050  11.195  22.283  1.00 11.36  ? 79  PRO A CA  1 
ATOM   492  C C   . PRO A 1 79  ? 13.880  9.958   22.539  1.00 15.16  ? 79  PRO A C   1 
ATOM   493  O O   . PRO A 1 79  ? 14.014  9.526   23.684  1.00 15.51  ? 79  PRO A O   1 
ATOM   494  C CB  . PRO A 1 79  ? 13.878  12.449  22.558  1.00 13.01  ? 79  PRO A CB  1 
ATOM   495  C CG  . PRO A 1 79  ? 12.912  13.403  23.126  1.00 17.97  ? 79  PRO A CG  1 
ATOM   496  C CD  . PRO A 1 79  ? 11.940  12.614  23.923  1.00 12.71  ? 79  PRO A CD  1 
ATOM   497  N N   . ASP A 1 80  ? 14.395  9.367   21.451  1.00 10.64  ? 80  ASP A N   1 
ATOM   498  C CA  . ASP A 1 80  ? 15.210  8.151   21.456  1.00 10.27  ? 80  ASP A CA  1 
ATOM   499  C C   . ASP A 1 80  ? 14.460  6.874   21.898  1.00 13.10  ? 80  ASP A C   1 
ATOM   500  O O   . ASP A 1 80  ? 15.080  5.864   22.231  1.00 12.74  ? 80  ASP A O   1 
ATOM   501  C CB  . ASP A 1 80  ? 16.547  8.352   22.204  1.00 11.64  ? 80  ASP A CB  1 
ATOM   502  C CG  . ASP A 1 80  ? 17.586  7.327   21.803  1.00 21.44  ? 80  ASP A CG  1 
ATOM   503  O OD1 . ASP A 1 80  ? 17.666  7.005   20.597  1.00 22.92  ? 80  ASP A OD1 1 
ATOM   504  O OD2 . ASP A 1 80  ? 18.249  6.776   22.702  1.00 26.61  ? 80  ASP A OD2 1 
ATOM   505  N N   . THR A 1 81  ? 13.127  6.922   21.909  1.00 9.38   ? 81  THR A N   1 
ATOM   506  C CA  . THR A 1 81  ? 12.323  5.770   22.311  1.00 9.52   ? 81  THR A CA  1 
ATOM   507  C C   . THR A 1 81  ? 11.237  5.463   21.290  1.00 14.26  ? 81  THR A C   1 
ATOM   508  O O   . THR A 1 81  ? 10.963  6.272   20.397  1.00 13.24  ? 81  THR A O   1 
ATOM   509  C CB  . THR A 1 81  ? 11.683  5.949   23.715  1.00 15.58  ? 81  THR A CB  1 
ATOM   510  O OG1 . THR A 1 81  ? 10.489  6.719   23.599  1.00 12.59  ? 81  THR A OG1 1 
ATOM   511  C CG2 . THR A 1 81  ? 12.648  6.512   24.785  1.00 15.12  ? 81  THR A CG2 1 
ATOM   512  N N   . MET A 1 82  ? 10.579  4.313   21.467  1.00 11.50  ? 82  MET A N   1 
ATOM   513  C CA  . MET A 1 82  ? 9.458   3.885   20.636  1.00 11.64  ? 82  MET A CA  1 
ATOM   514  C C   . MET A 1 82  ? 8.388   3.333   21.545  1.00 14.34  ? 82  MET A C   1 
ATOM   515  O O   . MET A 1 82  ? 8.712   2.675   22.526  1.00 13.56  ? 82  MET A O   1 
ATOM   516  C CB  . MET A 1 82  ? 9.882   2.781   19.658  1.00 13.78  ? 82  MET A CB  1 
ATOM   517  C CG  . MET A 1 82  ? 10.776  3.257   18.559  1.00 17.92  ? 82  MET A CG  1 
ATOM   518  S SD  . MET A 1 82  ? 11.203  1.881   17.487  1.00 22.09  ? 82  MET A SD  1 
ATOM   519  C CE  . MET A 1 82  ? 11.491  2.696   16.059  1.00 18.66  ? 82  MET A CE  1 
ATOM   520  N N   . LYS A 1 83  ? 7.119   3.563   21.211  1.00 10.37  ? 83  LYS A N   1 
ATOM   521  C CA  . LYS A 1 83  ? 6.030   3.015   22.013  1.00 9.29   ? 83  LYS A CA  1 
ATOM   522  C C   . LYS A 1 83  ? 5.332   1.938   21.235  1.00 12.69  ? 83  LYS A C   1 
ATOM   523  O O   . LYS A 1 83  ? 5.257   2.018   20.002  1.00 11.74  ? 83  LYS A O   1 
ATOM   524  C CB  . LYS A 1 83  ? 5.055   4.095   22.491  1.00 11.15  ? 83  LYS A CB  1 
ATOM   525  C CG  . LYS A 1 83  ? 5.585   4.850   23.706  1.00 19.02  ? 83  LYS A CG  1 
ATOM   526  C CD  . LYS A 1 83  ? 4.503   5.580   24.479  1.00 18.00  ? 83  LYS A CD  1 
ATOM   527  C CE  . LYS A 1 83  ? 5.069   6.197   25.731  1.00 18.68  ? 83  LYS A CE  1 
ATOM   528  N NZ  . LYS A 1 83  ? 4.130   7.188   26.317  1.00 26.61  ? 83  LYS A NZ  1 
ATOM   529  N N   . LEU A 1 84  ? 4.856   0.906   21.948  1.00 9.89   ? 84  LEU A N   1 
ATOM   530  C CA  . LEU A 1 84  ? 4.127   -0.224  21.380  1.00 9.57   ? 84  LEU A CA  1 
ATOM   531  C C   . LEU A 1 84  ? 2.758   0.283   20.921  1.00 15.89  ? 84  LEU A C   1 
ATOM   532  O O   . LEU A 1 84  ? 2.032   0.888   21.708  1.00 17.09  ? 84  LEU A O   1 
ATOM   533  C CB  . LEU A 1 84  ? 3.959   -1.298  22.466  1.00 9.74   ? 84  LEU A CB  1 
ATOM   534  C CG  . LEU A 1 84  ? 3.252   -2.597  22.055  1.00 13.92  ? 84  LEU A CG  1 
ATOM   535  C CD1 . LEU A 1 84  ? 4.090   -3.398  21.049  1.00 12.41  ? 84  LEU A CD1 1 
ATOM   536  C CD2 . LEU A 1 84  ? 2.928   -3.425  23.281  1.00 16.18  ? 84  LEU A CD2 1 
ATOM   537  N N   . ILE A 1 85  ? 2.403   0.026   19.661  1.00 12.45  ? 85  ILE A N   1 
ATOM   538  C CA  . ILE A 1 85  ? 1.151   0.498   19.061  1.00 11.83  ? 85  ILE A CA  1 
ATOM   539  C C   . ILE A 1 85  ? 0.019   -0.530  19.197  1.00 15.30  ? 85  ILE A C   1 
ATOM   540  O O   . ILE A 1 85  ? -1.143  -0.165  19.403  1.00 13.71  ? 85  ILE A O   1 
ATOM   541  C CB  . ILE A 1 85  ? 1.439   0.951   17.590  1.00 15.31  ? 85  ILE A CB  1 
ATOM   542  C CG1 . ILE A 1 85  ? 2.515   2.067   17.524  1.00 15.19  ? 85  ILE A CG1 1 
ATOM   543  C CG2 . ILE A 1 85  ? 0.176   1.346   16.791  1.00 16.97  ? 85  ILE A CG2 1 
ATOM   544  C CD1 . ILE A 1 85  ? 2.433   3.224   18.630  1.00 10.79  ? 85  ILE A CD1 1 
ATOM   545  N N   . VAL A 1 86  ? 0.352   -1.811  19.079  1.00 11.87  ? 86  VAL A N   1 
ATOM   546  C CA  . VAL A 1 86  ? -0.658  -2.854  19.164  1.00 11.25  ? 86  VAL A CA  1 
ATOM   547  C C   . VAL A 1 86  ? -0.151  -4.046  19.987  1.00 14.48  ? 86  VAL A C   1 
ATOM   548  O O   . VAL A 1 86  ? 0.988   -4.481  19.807  1.00 12.66  ? 86  VAL A O   1 
ATOM   549  C CB  . VAL A 1 86  ? -1.263  -3.190  17.766  1.00 15.04  ? 86  VAL A CB  1 
ATOM   550  C CG1 . VAL A 1 86  ? -0.270  -3.933  16.875  1.00 14.87  ? 86  VAL A CG1 1 
ATOM   551  C CG2 . VAL A 1 86  ? -2.590  -3.942  17.892  1.00 14.79  ? 86  VAL A CG2 1 
ATOM   552  N N   . ASN A 1 87  ? -0.979  -4.509  20.939  1.00 11.54  ? 87  ASN A N   1 
ATOM   553  C CA  . ASN A 1 87  ? -0.623  -5.577  21.862  1.00 11.76  ? 87  ASN A CA  1 
ATOM   554  C C   . ASN A 1 87  ? -1.619  -6.743  21.925  1.00 16.29  ? 87  ASN A C   1 
ATOM   555  O O   . ASN A 1 87  ? -1.679  -7.441  22.942  1.00 14.86  ? 87  ASN A O   1 
ATOM   556  C CB  . ASN A 1 87  ? -0.359  -5.002  23.255  1.00 13.37  ? 87  ASN A CB  1 
ATOM   557  C CG  . ASN A 1 87  ? 0.471   -5.903  24.138  1.00 29.48  ? 87  ASN A CG  1 
ATOM   558  O OD1 . ASN A 1 87  ? 1.092   -6.865  23.682  1.00 19.53  ? 87  ASN A OD1 1 
ATOM   559  N ND2 . ASN A 1 87  ? 0.466   -5.632  25.430  1.00 19.90  ? 87  ASN A ND2 1 
ATOM   560  N N   . TRP A 1 88  ? -2.366  -6.997  20.835  1.00 13.85  ? 88  TRP A N   1 
ATOM   561  C CA  . TRP A 1 88  ? -3.291  -8.140  20.786  1.00 13.41  ? 88  TRP A CA  1 
ATOM   562  C C   . TRP A 1 88  ? -2.583  -9.468  20.993  1.00 17.28  ? 88  TRP A C   1 
ATOM   563  O O   . TRP A 1 88  ? -1.455  -9.648  20.536  1.00 17.13  ? 88  TRP A O   1 
ATOM   564  C CB  . TRP A 1 88  ? -4.029  -8.232  19.429  1.00 12.31  ? 88  TRP A CB  1 
ATOM   565  C CG  . TRP A 1 88  ? -3.251  -7.829  18.201  1.00 13.16  ? 88  TRP A CG  1 
ATOM   566  C CD1 . TRP A 1 88  ? -1.919  -8.007  17.957  1.00 15.85  ? 88  TRP A CD1 1 
ATOM   567  C CD2 . TRP A 1 88  ? -3.797  -7.221  17.021  1.00 12.94  ? 88  TRP A CD2 1 
ATOM   568  N NE1 . TRP A 1 88  ? -1.590  -7.497  16.719  1.00 15.34  ? 88  TRP A NE1 1 
ATOM   569  C CE2 . TRP A 1 88  ? -2.725  -7.009  16.124  1.00 16.74  ? 88  TRP A CE2 1 
ATOM   570  C CE3 . TRP A 1 88  ? -5.085  -6.786  16.657  1.00 14.07  ? 88  TRP A CE3 1 
ATOM   571  C CZ2 . TRP A 1 88  ? -2.902  -6.387  14.883  1.00 16.03  ? 88  TRP A CZ2 1 
ATOM   572  C CZ3 . TRP A 1 88  ? -5.263  -6.183  15.421  1.00 15.90  ? 88  TRP A CZ3 1 
ATOM   573  C CH2 . TRP A 1 88  ? -4.183  -5.994  14.546  1.00 16.50  ? 88  TRP A CH2 1 
ATOM   574  N N   . SER A 1 89  ? -3.285  -10.423 21.600  1.00 13.68  ? 89  SER A N   1 
ATOM   575  C CA  . SER A 1 89  ? -2.843  -11.805 21.712  1.00 13.82  ? 89  SER A CA  1 
ATOM   576  C C   . SER A 1 89  ? -3.084  -12.391 20.302  1.00 15.96  ? 89  SER A C   1 
ATOM   577  O O   . SER A 1 89  ? -3.784  -11.761 19.507  1.00 15.08  ? 89  SER A O   1 
ATOM   578  C CB  . SER A 1 89  ? -3.704  -12.546 22.736  1.00 17.30  ? 89  SER A CB  1 
ATOM   579  O OG  . SER A 1 89  ? -5.072  -12.550 22.365  1.00 22.95  ? 89  SER A OG  1 
ATOM   580  N N   . GLY A 1 90  ? -2.531  -13.566 20.008  1.00 11.78  ? 90  GLY A N   1 
ATOM   581  C CA  . GLY A 1 90  ? -2.721  -14.221 18.711  1.00 11.63  ? 90  GLY A CA  1 
ATOM   582  C C   . GLY A 1 90  ? -4.186  -14.421 18.347  1.00 17.37  ? 90  GLY A C   1 
ATOM   583  O O   . GLY A 1 90  ? -4.585  -14.123 17.226  1.00 18.02  ? 90  GLY A O   1 
ATOM   584  N N   . LYS A 1 91  ? -5.007  -14.875 19.312  1.00 15.44  ? 91  LYS A N   1 
ATOM   585  C CA  . LYS A 1 91  ? -6.454  -15.115 19.153  1.00 15.07  ? 91  LYS A CA  1 
ATOM   586  C C   . LYS A 1 91  ? -7.232  -13.818 18.858  1.00 17.99  ? 91  LYS A C   1 
ATOM   587  O O   . LYS A 1 91  ? -8.148  -13.835 18.025  1.00 17.54  ? 91  LYS A O   1 
ATOM   588  C CB  . LYS A 1 91  ? -7.014  -15.813 20.408  1.00 17.52  ? 91  LYS A CB  1 
ATOM   589  C CG  . LYS A 1 91  ? -8.304  -16.599 20.169  1.00 35.75  ? 91  LYS A CG  1 
ATOM   590  C CD  . LYS A 1 91  ? -8.473  -17.684 21.227  1.00 49.93  ? 91  LYS A CD  1 
ATOM   591  C CE  . LYS A 1 91  ? -9.869  -17.791 21.790  1.00 59.59  ? 91  LYS A CE  1 
ATOM   592  N NZ  . LYS A 1 91  ? -10.791 -18.516 20.878  1.00 67.50  ? 91  LYS A NZ  1 
ATOM   593  N N   . GLU A 1 92  ? -6.856  -12.698 19.521  1.00 12.58  ? 92  GLU A N   1 
ATOM   594  C CA  . GLU A 1 92  ? -7.497  -11.398 19.308  1.00 11.73  ? 92  GLU A CA  1 
ATOM   595  C C   . GLU A 1 92  ? -7.144  -10.829 17.952  1.00 16.03  ? 92  GLU A C   1 
ATOM   596  O O   . GLU A 1 92  ? -8.005  -10.234 17.302  1.00 17.05  ? 92  GLU A O   1 
ATOM   597  C CB  . GLU A 1 92  ? -7.158  -10.405 20.428  1.00 13.04  ? 92  GLU A CB  1 
ATOM   598  C CG  . GLU A 1 92  ? -8.039  -9.161  20.475  1.00 20.48  ? 92  GLU A CG  1 
ATOM   599  C CD  . GLU A 1 92  ? -9.507  -9.286  20.862  1.00 35.30  ? 92  GLU A CD  1 
ATOM   600  O OE1 . GLU A 1 92  ? -10.056 -10.412 20.880  1.00 33.73  ? 92  GLU A OE1 1 
ATOM   601  O OE2 . GLU A 1 92  ? -10.127 -8.225  21.096  1.00 18.49  ? 92  GLU A OE2 1 
ATOM   602  N N   . PHE A 1 93  ? -5.895  -11.028 17.506  1.00 11.88  ? 93  PHE A N   1 
ATOM   603  C CA  . PHE A 1 93  ? -5.482  -10.581 16.179  1.00 11.45  ? 93  PHE A CA  1 
ATOM   604  C C   . PHE A 1 93  ? -6.310  -11.348 15.131  1.00 13.89  ? 93  PHE A C   1 
ATOM   605  O O   . PHE A 1 93  ? -6.824  -10.746 14.199  1.00 12.97  ? 93  PHE A O   1 
ATOM   606  C CB  . PHE A 1 93  ? -3.973  -10.799 15.967  1.00 13.02  ? 93  PHE A CB  1 
ATOM   607  C CG  . PHE A 1 93  ? -3.534  -10.868 14.520  1.00 14.67  ? 93  PHE A CG  1 
ATOM   608  C CD1 . PHE A 1 93  ? -3.606  -9.749  13.699  1.00 17.29  ? 93  PHE A CD1 1 
ATOM   609  C CD2 . PHE A 1 93  ? -3.041  -12.052 13.984  1.00 17.78  ? 93  PHE A CD2 1 
ATOM   610  C CE1 . PHE A 1 93  ? -3.227  -9.822  12.356  1.00 19.25  ? 93  PHE A CE1 1 
ATOM   611  C CE2 . PHE A 1 93  ? -2.637  -12.120 12.646  1.00 21.16  ? 93  PHE A CE2 1 
ATOM   612  C CZ  . PHE A 1 93  ? -2.729  -11.003 11.842  1.00 19.17  ? 93  PHE A CZ  1 
ATOM   613  N N   . LEU A 1 94  ? -6.477  -12.650 15.326  1.00 11.39  ? 94  LEU A N   1 
ATOM   614  C CA  . LEU A 1 94  ? -7.255  -13.485 14.416  1.00 11.78  ? 94  LEU A CA  1 
ATOM   615  C C   . LEU A 1 94  ? -8.751  -13.177 14.456  1.00 14.45  ? 94  LEU A C   1 
ATOM   616  O O   . LEU A 1 94  ? -9.372  -13.104 13.395  1.00 13.94  ? 94  LEU A O   1 
ATOM   617  C CB  . LEU A 1 94  ? -6.945  -14.973 14.629  1.00 12.33  ? 94  LEU A CB  1 
ATOM   618  C CG  . LEU A 1 94  ? -5.499  -15.404 14.313  1.00 17.39  ? 94  LEU A CG  1 
ATOM   619  C CD1 . LEU A 1 94  ? -5.254  -16.821 14.765  1.00 18.77  ? 94  LEU A CD1 1 
ATOM   620  C CD2 . LEU A 1 94  ? -5.159  -15.230 12.829  1.00 18.59  ? 94  LEU A CD2 1 
ATOM   621  N N   . ARG A 1 95  ? -9.308  -12.911 15.657  1.00 10.71  ? 95  ARG A N   1 
ATOM   622  C CA  . ARG A 1 95  ? -10.713 -12.533 15.816  1.00 10.54  ? 95  ARG A CA  1 
ATOM   623  C C   . ARG A 1 95  ? -11.012 -11.240 15.054  1.00 14.46  ? 95  ARG A C   1 
ATOM   624  O O   . ARG A 1 95  ? -11.959 -11.199 14.268  1.00 14.10  ? 95  ARG A O   1 
ATOM   625  C CB  . ARG A 1 95  ? -11.112 -12.405 17.305  1.00 9.74   ? 95  ARG A CB  1 
ATOM   626  C CG  . ARG A 1 95  ? -12.626 -12.223 17.489  1.00 13.86  ? 95  ARG A CG  1 
ATOM   627  C CD  . ARG A 1 95  ? -13.043 -11.685 18.862  1.00 12.56  ? 95  ARG A CD  1 
ATOM   628  N NE  . ARG A 1 95  ? -12.367 -10.434 19.225  1.00 8.48   ? 95  ARG A NE  1 
ATOM   629  C CZ  . ARG A 1 95  ? -12.706 -9.227  18.779  1.00 21.17  ? 95  ARG A CZ  1 
ATOM   630  N NH1 . ARG A 1 95  ? -13.709 -9.085  17.924  1.00 8.72   ? 95  ARG A NH1 1 
ATOM   631  N NH2 . ARG A 1 95  ? -12.024 -8.157  19.160  1.00 11.26  ? 95  ARG A NH2 1 
ATOM   632  N N   . GLU A 1 96  ? -10.189 -10.209 15.269  1.00 10.45  ? 96  GLU A N   1 
ATOM   633  C CA  . GLU A 1 96  ? -10.338 -8.916  14.618  1.00 10.60  ? 96  GLU A CA  1 
ATOM   634  C C   . GLU A 1 96  ? -10.164 -9.026  13.101  1.00 14.62  ? 96  GLU A C   1 
ATOM   635  O O   . GLU A 1 96  ? -10.999 -8.506  12.372  1.00 14.15  ? 96  GLU A O   1 
ATOM   636  C CB  . GLU A 1 96  ? -9.378  -7.881  15.245  1.00 11.87  ? 96  GLU A CB  1 
ATOM   637  C CG  . GLU A 1 96  ? -9.915  -6.464  15.269  1.00 22.72  ? 96  GLU A CG  1 
ATOM   638  C CD  . GLU A 1 96  ? -11.290 -6.282  15.879  1.00 30.76  ? 96  GLU A CD  1 
ATOM   639  O OE1 . GLU A 1 96  ? -11.417 -6.237  17.123  1.00 29.97  ? 96  GLU A OE1 1 
ATOM   640  O OE2 . GLU A 1 96  ? -12.255 -6.220  15.094  1.00 32.38  ? 96  GLU A OE2 1 
ATOM   641  N N   . THR A 1 97  ? -9.137  -9.764  12.629  1.00 11.34  ? 97  THR A N   1 
ATOM   642  C CA  . THR A 1 97  ? -8.896  -9.988  11.194  1.00 11.49  ? 97  THR A CA  1 
ATOM   643  C C   . THR A 1 97  ? -10.122 -10.665 10.522  1.00 16.61  ? 97  THR A C   1 
ATOM   644  O O   . THR A 1 97  ? -10.629 -10.155 9.519   1.00 15.25  ? 97  THR A O   1 
ATOM   645  C CB  . THR A 1 97  ? -7.598  -10.799 10.990  1.00 18.58  ? 97  THR A CB  1 
ATOM   646  O OG1 . THR A 1 97  ? -6.489  -10.116 11.586  1.00 18.41  ? 97  THR A OG1 1 
ATOM   647  C CG2 . THR A 1 97  ? -7.314  -11.104 9.538   1.00 17.78  ? 97  THR A CG2 1 
ATOM   648  N N   . TRP A 1 98  ? -10.578 -11.808 11.077  1.00 13.83  ? 98  TRP A N   1 
ATOM   649  C CA  . TRP A 1 98  ? -11.703 -12.570 10.548  1.00 13.66  ? 98  TRP A CA  1 
ATOM   650  C C   . TRP A 1 98  ? -12.985 -11.756 10.559  1.00 16.71  ? 98  TRP A C   1 
ATOM   651  O O   . TRP A 1 98  ? -13.618 -11.624 9.520   1.00 16.79  ? 98  TRP A O   1 
ATOM   652  C CB  . TRP A 1 98  ? -11.885 -13.896 11.310  1.00 13.15  ? 98  TRP A CB  1 
ATOM   653  C CG  . TRP A 1 98  ? -12.921 -14.782 10.681  1.00 14.81  ? 98  TRP A CG  1 
ATOM   654  C CD1 . TRP A 1 98  ? -12.723 -15.701 9.691   1.00 17.69  ? 98  TRP A CD1 1 
ATOM   655  C CD2 . TRP A 1 98  ? -14.333 -14.772 10.945  1.00 14.50  ? 98  TRP A CD2 1 
ATOM   656  N NE1 . TRP A 1 98  ? -13.924 -16.273 9.333   1.00 17.23  ? 98  TRP A NE1 1 
ATOM   657  C CE2 . TRP A 1 98  ? -14.929 -15.705 10.073  1.00 18.58  ? 98  TRP A CE2 1 
ATOM   658  C CE3 . TRP A 1 98  ? -15.156 -14.039 11.819  1.00 15.49  ? 98  TRP A CE3 1 
ATOM   659  C CZ2 . TRP A 1 98  ? -16.315 -15.896 10.018  1.00 17.50  ? 98  TRP A CZ2 1 
ATOM   660  C CZ3 . TRP A 1 98  ? -16.521 -14.261 11.793  1.00 16.57  ? 98  TRP A CZ3 1 
ATOM   661  C CH2 . TRP A 1 98  ? -17.087 -15.194 10.914  1.00 17.14  ? 98  TRP A CH2 1 
ATOM   662  N N   . THR A 1 99  ? -13.360 -11.203 11.728  1.00 13.16  ? 99  THR A N   1 
ATOM   663  C CA  . THR A 1 99  ? -14.578 -10.414 11.913  1.00 12.46  ? 99  THR A CA  1 
ATOM   664  C C   . THR A 1 99  ? -14.659 -9.207  10.975  1.00 14.59  ? 99  THR A C   1 
ATOM   665  O O   . THR A 1 99  ? -15.670 -9.062  10.286  1.00 12.27  ? 99  THR A O   1 
ATOM   666  C CB  . THR A 1 99  ? -14.780 -10.052 13.392  1.00 16.86  ? 99  THR A CB  1 
ATOM   667  O OG1 . THR A 1 99  ? -14.639 -11.244 14.179  1.00 11.34  ? 99  THR A OG1 1 
ATOM   668  C CG2 . THR A 1 99  ? -16.142 -9.401  13.654  1.00 15.10  ? 99  THR A CG2 1 
ATOM   669  N N   . ARG A 1 100 ? -13.611 -8.356  10.943  1.00 10.79  ? 100 ARG A N   1 
ATOM   670  C CA  . ARG A 1 100 ? -13.630 -7.166  10.080  1.00 10.66  ? 100 ARG A CA  1 
ATOM   671  C C   . ARG A 1 100 ? -13.667 -7.535  8.616   1.00 13.36  ? 100 ARG A C   1 
ATOM   672  O O   . ARG A 1 100 ? -14.419 -6.914  7.863   1.00 12.42  ? 100 ARG A O   1 
ATOM   673  C CB  . ARG A 1 100 ? -12.476 -6.196  10.370  1.00 8.03   ? 100 ARG A CB  1 
ATOM   674  C CG  . ARG A 1 100 ? -12.378 -5.750  11.835  1.00 15.80  ? 100 ARG A CG  1 
ATOM   675  C CD  . ARG A 1 100 ? -13.542 -4.927  12.359  1.00 18.19  ? 100 ARG A CD  1 
ATOM   676  N NE  . ARG A 1 100 ? -13.118 -4.235  13.572  1.00 27.87  ? 100 ARG A NE  1 
ATOM   677  C CZ  . ARG A 1 100 ? -12.604 -3.012  13.600  1.00 35.76  ? 100 ARG A CZ  1 
ATOM   678  N NH1 . ARG A 1 100 ? -12.519 -2.294  12.488  1.00 26.90  ? 100 ARG A NH1 1 
ATOM   679  N NH2 . ARG A 1 100 ? -12.208 -2.480  14.748  1.00 15.65  ? 100 ARG A NH2 1 
ATOM   680  N N   . PHE A 1 101 ? -12.889 -8.558  8.218   1.00 10.46  ? 101 PHE A N   1 
ATOM   681  C CA  . PHE A 1 101 ? -12.882 -9.016  6.836   1.00 11.79  ? 101 PHE A CA  1 
ATOM   682  C C   . PHE A 1 101 ? -14.248 -9.546  6.397   1.00 16.38  ? 101 PHE A C   1 
ATOM   683  O O   . PHE A 1 101 ? -14.759 -9.090  5.379   1.00 16.46  ? 101 PHE A O   1 
ATOM   684  C CB  . PHE A 1 101 ? -11.775 -10.054 6.576   1.00 14.01  ? 101 PHE A CB  1 
ATOM   685  C CG  . PHE A 1 101 ? -11.745 -10.525 5.144   1.00 16.62  ? 101 PHE A CG  1 
ATOM   686  C CD1 . PHE A 1 101 ? -11.234 -9.713  4.138   1.00 20.09  ? 101 PHE A CD1 1 
ATOM   687  C CD2 . PHE A 1 101 ? -12.274 -11.761 4.790   1.00 19.60  ? 101 PHE A CD2 1 
ATOM   688  C CE1 . PHE A 1 101 ? -11.210 -10.151 2.812   1.00 21.44  ? 101 PHE A CE1 1 
ATOM   689  C CE2 . PHE A 1 101 ? -12.273 -12.186 3.459   1.00 22.35  ? 101 PHE A CE2 1 
ATOM   690  C CZ  . PHE A 1 101 ? -11.745 -11.377 2.481   1.00 20.29  ? 101 PHE A CZ  1 
ATOM   691  N N   . MET A 1 102 ? -14.829 -10.488 7.161   1.00 12.44  ? 102 MET A N   1 
ATOM   692  C CA  . MET A 1 102 ? -16.110 -11.119 6.817   1.00 13.13  ? 102 MET A CA  1 
ATOM   693  C C   . MET A 1 102 ? -17.305 -10.150 6.884   1.00 15.68  ? 102 MET A C   1 
ATOM   694  O O   . MET A 1 102 ? -18.132 -10.149 5.967   1.00 14.36  ? 102 MET A O   1 
ATOM   695  C CB  . MET A 1 102 ? -16.341 -12.407 7.629   1.00 15.81  ? 102 MET A CB  1 
ATOM   696  C CG  . MET A 1 102 ? -15.280 -13.470 7.393   1.00 21.30  ? 102 MET A CG  1 
ATOM   697  S SD  . MET A 1 102 ? -15.423 -14.297 5.780   1.00 27.72  ? 102 MET A SD  1 
ATOM   698  C CE  . MET A 1 102 ? -13.808 -14.975 5.640   1.00 25.40  ? 102 MET A CE  1 
ATOM   699  N N   . GLU A 1 103 ? -17.360 -9.287  7.921   1.00 11.36  ? 103 GLU A N   1 
ATOM   700  C CA  . GLU A 1 103 ? -18.429 -8.284  8.039   1.00 11.03  ? 103 GLU A CA  1 
ATOM   701  C C   . GLU A 1 103 ? -18.428 -7.358  6.820   1.00 13.39  ? 103 GLU A C   1 
ATOM   702  O O   . GLU A 1 103 ? -19.485 -7.063  6.272   1.00 12.29  ? 103 GLU A O   1 
ATOM   703  C CB  . GLU A 1 103 ? -18.315 -7.472  9.359   1.00 12.03  ? 103 GLU A CB  1 
ATOM   704  C CG  . GLU A 1 103 ? -19.427 -6.447  9.566   1.00 19.40  ? 103 GLU A CG  1 
ATOM   705  C CD  . GLU A 1 103 ? -19.324 -5.157  8.765   1.00 41.61  ? 103 GLU A CD  1 
ATOM   706  O OE1 . GLU A 1 103 ? -18.187 -4.705  8.495   1.00 31.62  ? 103 GLU A OE1 1 
ATOM   707  O OE2 . GLU A 1 103 ? -20.382 -4.630  8.353   1.00 37.71  ? 103 GLU A OE2 1 
ATOM   708  N N   . ASP A 1 104 ? -17.251 -6.892  6.408   1.00 11.56  ? 104 ASP A N   1 
ATOM   709  C CA  . ASP A 1 104 ? -17.161 -5.997  5.252   1.00 11.36  ? 104 ASP A CA  1 
ATOM   710  C C   . ASP A 1 104 ? -17.437 -6.699  3.920   1.00 16.34  ? 104 ASP A C   1 
ATOM   711  O O   . ASP A 1 104 ? -18.129 -6.146  3.071   1.00 16.87  ? 104 ASP A O   1 
ATOM   712  C CB  . ASP A 1 104 ? -15.793 -5.298  5.211   1.00 12.26  ? 104 ASP A CB  1 
ATOM   713  C CG  . ASP A 1 104 ? -15.646 -4.325  4.056   1.00 15.47  ? 104 ASP A CG  1 
ATOM   714  O OD1 . ASP A 1 104 ? -16.523 -3.455  3.899   1.00 15.03  ? 104 ASP A OD1 1 
ATOM   715  O OD2 . ASP A 1 104 ? -14.687 -4.469  3.286   1.00 18.52  ? 104 ASP A OD2 1 
ATOM   716  N N   . SER A 1 105 ? -16.861 -7.886  3.738   1.00 13.97  ? 105 SER A N   1 
ATOM   717  C CA  . SER A 1 105 ? -16.907 -8.667  2.509   1.00 14.13  ? 105 SER A CA  1 
ATOM   718  C C   . SER A 1 105 ? -18.236 -9.305  2.160   1.00 20.10  ? 105 SER A C   1 
ATOM   719  O O   . SER A 1 105 ? -18.585 -9.321  0.977   1.00 20.37  ? 105 SER A O   1 
ATOM   720  C CB  . SER A 1 105 ? -15.813 -9.730  2.515   1.00 15.60  ? 105 SER A CB  1 
ATOM   721  O OG  . SER A 1 105 ? -14.535 -9.121  2.561   1.00 20.91  ? 105 SER A OG  1 
ATOM   722  N N   . PHE A 1 106 ? -18.956 -9.864  3.154   1.00 16.40  ? 106 PHE A N   1 
ATOM   723  C CA  . PHE A 1 106 ? -20.204 -10.574 2.892   1.00 16.34  ? 106 PHE A CA  1 
ATOM   724  C C   . PHE A 1 106 ? -21.309 -9.808  2.137   1.00 19.17  ? 106 PHE A C   1 
ATOM   725  O O   . PHE A 1 106 ? -21.632 -8.678  2.485   1.00 19.93  ? 106 PHE A O   1 
ATOM   726  C CB  . PHE A 1 106 ? -20.711 -11.382 4.108   1.00 18.63  ? 106 PHE A CB  1 
ATOM   727  C CG  . PHE A 1 106 ? -20.291 -12.844 4.079   1.00 20.66  ? 106 PHE A CG  1 
ATOM   728  C CD1 . PHE A 1 106 ? -21.121 -13.814 3.519   1.00 23.32  ? 106 PHE A CD1 1 
ATOM   729  C CD2 . PHE A 1 106 ? -19.052 -13.243 4.578   1.00 23.49  ? 106 PHE A CD2 1 
ATOM   730  C CE1 . PHE A 1 106 ? -20.730 -15.162 3.478   1.00 23.96  ? 106 PHE A CE1 1 
ATOM   731  C CE2 . PHE A 1 106 ? -18.669 -14.596 4.550   1.00 26.47  ? 106 PHE A CE2 1 
ATOM   732  C CZ  . PHE A 1 106 ? -19.511 -15.546 3.995   1.00 23.73  ? 106 PHE A CZ  1 
ATOM   733  N N   . PRO A 1 107 ? -21.876 -10.393 1.069   1.00 13.99  ? 107 PRO A N   1 
ATOM   734  C CA  . PRO A 1 107 ? -21.580 -11.727 0.507   1.00 12.35  ? 107 PRO A CA  1 
ATOM   735  C C   . PRO A 1 107 ? -20.302 -11.774 -0.333  1.00 13.59  ? 107 PRO A C   1 
ATOM   736  O O   . PRO A 1 107 ? -20.048 -10.859 -1.119  1.00 12.28  ? 107 PRO A O   1 
ATOM   737  C CB  . PRO A 1 107 ? -22.826 -12.009 -0.336  1.00 14.07  ? 107 PRO A CB  1 
ATOM   738  C CG  . PRO A 1 107 ? -23.237 -10.650 -0.834  1.00 18.86  ? 107 PRO A CG  1 
ATOM   739  C CD  . PRO A 1 107 ? -22.944 -9.709  0.309   1.00 14.88  ? 107 PRO A CD  1 
ATOM   740  N N   . ILE A 1 108 ? -19.509 -12.847 -0.175  1.00 11.19  ? 108 ILE A N   1 
ATOM   741  C CA  . ILE A 1 108 ? -18.315 -13.095 -0.985  1.00 11.45  ? 108 ILE A CA  1 
ATOM   742  C C   . ILE A 1 108 ? -18.905 -13.818 -2.187  1.00 18.11  ? 108 ILE A C   1 
ATOM   743  O O   . ILE A 1 108 ? -19.364 -14.954 -2.076  1.00 17.59  ? 108 ILE A O   1 
ATOM   744  C CB  . ILE A 1 108 ? -17.199 -13.902 -0.254  1.00 14.21  ? 108 ILE A CB  1 
ATOM   745  C CG1 . ILE A 1 108 ? -16.665 -13.119 0.988   1.00 14.74  ? 108 ILE A CG1 1 
ATOM   746  C CG2 . ILE A 1 108 ? -16.049 -14.240 -1.239  1.00 11.29  ? 108 ILE A CG2 1 
ATOM   747  C CD1 . ILE A 1 108 ? -15.951 -13.977 2.019   1.00 21.45  ? 108 ILE A CD1 1 
ATOM   748  N N   . VAL A 1 109 ? -18.989 -13.094 -3.297  1.00 16.32  ? 109 VAL A N   1 
ATOM   749  C CA  . VAL A 1 109 ? -19.656 -13.468 -4.537  1.00 17.19  ? 109 VAL A CA  1 
ATOM   750  C C   . VAL A 1 109 ? -18.899 -14.420 -5.451  1.00 21.11  ? 109 VAL A C   1 
ATOM   751  O O   . VAL A 1 109 ? -19.490 -15.350 -5.997  1.00 21.63  ? 109 VAL A O   1 
ATOM   752  C CB  . VAL A 1 109 ? -20.098 -12.172 -5.264  1.00 22.34  ? 109 VAL A CB  1 
ATOM   753  C CG1 . VAL A 1 109 ? -20.376 -12.422 -6.739  1.00 22.96  ? 109 VAL A CG1 1 
ATOM   754  C CG2 . VAL A 1 109 ? -21.308 -11.551 -4.574  1.00 21.99  ? 109 VAL A CG2 1 
ATOM   755  N N   . ASN A 1 110 ? -17.611 -14.186 -5.627  1.00 16.73  ? 110 ASN A N   1 
ATOM   756  C CA  . ASN A 1 110 ? -16.807 -14.947 -6.563  1.00 15.90  ? 110 ASN A CA  1 
ATOM   757  C C   . ASN A 1 110 ? -15.684 -15.704 -5.928  1.00 20.30  ? 110 ASN A C   1 
ATOM   758  O O   . ASN A 1 110 ? -15.326 -15.442 -4.778  1.00 20.04  ? 110 ASN A O   1 
ATOM   759  C CB  . ASN A 1 110 ? -16.220 -13.967 -7.584  1.00 12.98  ? 110 ASN A CB  1 
ATOM   760  C CG  . ASN A 1 110 ? -17.273 -13.263 -8.367  1.00 21.61  ? 110 ASN A CG  1 
ATOM   761  O OD1 . ASN A 1 110 ? -18.096 -13.905 -8.993  1.00 13.72  ? 110 ASN A OD1 1 
ATOM   762  N ND2 . ASN A 1 110 ? -17.339 -11.941 -8.268  1.00 8.95   ? 110 ASN A ND2 1 
ATOM   763  N N   . ASP A 1 111 ? -15.059 -16.578 -6.727  1.00 18.07  ? 111 ASP A N   1 
ATOM   764  C CA  . ASP A 1 111 ? -13.851 -17.285 -6.339  1.00 18.89  ? 111 ASP A CA  1 
ATOM   765  C C   . ASP A 1 111 ? -12.794 -16.188 -6.228  1.00 22.83  ? 111 ASP A C   1 
ATOM   766  O O   . ASP A 1 111 ? -12.660 -15.347 -7.131  1.00 22.32  ? 111 ASP A O   1 
ATOM   767  C CB  . ASP A 1 111 ? -13.441 -18.317 -7.411  1.00 21.34  ? 111 ASP A CB  1 
ATOM   768  C CG  . ASP A 1 111 ? -14.491 -19.368 -7.746  1.00 40.94  ? 111 ASP A CG  1 
ATOM   769  O OD1 . ASP A 1 111 ? -15.462 -19.518 -6.963  1.00 43.56  ? 111 ASP A OD1 1 
ATOM   770  O OD2 . ASP A 1 111 ? -14.332 -20.057 -8.776  1.00 49.67  ? 111 ASP A OD2 1 
ATOM   771  N N   . GLN A 1 112 ? -12.144 -16.114 -5.078  1.00 19.25  ? 112 GLN A N   1 
ATOM   772  C CA  . GLN A 1 112 ? -11.128 -15.093 -4.845  1.00 19.36  ? 112 GLN A CA  1 
ATOM   773  C C   . GLN A 1 112 ? -9.978  -15.623 -4.037  1.00 23.18  ? 112 GLN A C   1 
ATOM   774  O O   . GLN A 1 112 ? -10.121 -16.596 -3.302  1.00 22.59  ? 112 GLN A O   1 
ATOM   775  C CB  . GLN A 1 112 ? -11.711 -13.798 -4.231  1.00 20.31  ? 112 GLN A CB  1 
ATOM   776  C CG  . GLN A 1 112 ? -12.474 -13.981 -2.918  1.00 29.57  ? 112 GLN A CG  1 
ATOM   777  C CD  . GLN A 1 112 ? -12.790 -12.661 -2.259  1.00 34.59  ? 112 GLN A CD  1 
ATOM   778  O OE1 . GLN A 1 112 ? -13.462 -11.794 -2.825  1.00 24.85  ? 112 GLN A OE1 1 
ATOM   779  N NE2 . GLN A 1 112 ? -12.325 -12.495 -1.034  1.00 24.52  ? 112 GLN A NE2 1 
ATOM   780  N N   . GLU A 1 113 ? -8.828  -14.984 -4.193  1.00 19.71  ? 113 GLU A N   1 
ATOM   781  C CA  . GLU A 1 113 ? -7.614  -15.344 -3.491  1.00 18.48  ? 113 GLU A CA  1 
ATOM   782  C C   . GLU A 1 113 ? -7.100  -14.130 -2.731  1.00 21.08  ? 113 GLU A C   1 
ATOM   783  O O   . GLU A 1 113 ? -6.938  -13.064 -3.321  1.00 20.98  ? 113 GLU A O   1 
ATOM   784  C CB  . GLU A 1 113 ? -6.586  -15.849 -4.513  1.00 19.69  ? 113 GLU A CB  1 
ATOM   785  C CG  . GLU A 1 113 ? -5.141  -15.888 -4.053  1.00 29.55  ? 113 GLU A CG  1 
ATOM   786  C CD  . GLU A 1 113 ? -4.134  -16.076 -5.174  1.00 49.89  ? 113 GLU A CD  1 
ATOM   787  O OE1 . GLU A 1 113 ? -4.551  -16.266 -6.339  1.00 46.54  ? 113 GLU A OE1 1 
ATOM   788  O OE2 . GLU A 1 113 ? -2.919  -16.052 -4.882  1.00 45.98  ? 113 GLU A OE2 1 
ATOM   789  N N   . VAL A 1 114 ? -6.837  -14.301 -1.422  1.00 17.47  ? 114 VAL A N   1 
ATOM   790  C CA  . VAL A 1 114 ? -6.244  -13.263 -0.576  1.00 16.66  ? 114 VAL A CA  1 
ATOM   791  C C   . VAL A 1 114 ? -4.745  -13.329 -0.877  1.00 19.99  ? 114 VAL A C   1 
ATOM   792  O O   . VAL A 1 114 ? -4.068  -14.237 -0.390  1.00 20.58  ? 114 VAL A O   1 
ATOM   793  C CB  . VAL A 1 114 ? -6.569  -13.480 0.934   1.00 20.15  ? 114 VAL A CB  1 
ATOM   794  C CG1 . VAL A 1 114 ? -5.847  -12.449 1.812   1.00 20.22  ? 114 VAL A CG1 1 
ATOM   795  C CG2 . VAL A 1 114 ? -8.070  -13.427 1.183   1.00 19.47  ? 114 VAL A CG2 1 
ATOM   796  N N   . MET A 1 115 ? -4.246  -12.417 -1.739  1.00 15.48  ? 115 MET A N   1 
ATOM   797  C CA  . MET A 1 115 ? -2.834  -12.359 -2.169  1.00 14.51  ? 115 MET A CA  1 
ATOM   798  C C   . MET A 1 115 ? -1.896  -12.038 -1.011  1.00 19.16  ? 115 MET A C   1 
ATOM   799  O O   . MET A 1 115 ? -0.737  -12.462 -1.021  1.00 18.41  ? 115 MET A O   1 
ATOM   800  C CB  . MET A 1 115 ? -2.619  -11.285 -3.254  1.00 16.47  ? 115 MET A CB  1 
ATOM   801  C CG  . MET A 1 115 ? -3.542  -11.382 -4.446  1.00 19.97  ? 115 MET A CG  1 
ATOM   802  S SD  . MET A 1 115 ? -3.567  -9.878  -5.473  1.00 23.43  ? 115 MET A SD  1 
ATOM   803  C CE  . MET A 1 115 ? -1.899  -9.835  -6.041  1.00 19.73  ? 115 MET A CE  1 
ATOM   804  N N   . ASP A 1 116 ? -2.381  -11.217 -0.058  1.00 16.05  ? 116 ASP A N   1 
ATOM   805  C CA  . ASP A 1 116 ? -1.642  -10.733 1.104   1.00 15.34  ? 116 ASP A CA  1 
ATOM   806  C C   . ASP A 1 116 ? -2.542  -9.871  1.964   1.00 17.91  ? 116 ASP A C   1 
ATOM   807  O O   . ASP A 1 116 ? -3.601  -9.402  1.521   1.00 17.11  ? 116 ASP A O   1 
ATOM   808  C CB  . ASP A 1 116 ? -0.434  -9.867  0.665   1.00 17.20  ? 116 ASP A CB  1 
ATOM   809  C CG  . ASP A 1 116 ? 0.756   -9.883  1.613   1.00 22.01  ? 116 ASP A CG  1 
ATOM   810  O OD1 . ASP A 1 116 ? 0.554   -10.119 2.818   1.00 23.09  ? 116 ASP A OD1 1 
ATOM   811  O OD2 . ASP A 1 116 ? 1.877   -9.635  1.151   1.00 26.07  ? 116 ASP A OD2 1 
ATOM   812  N N   . VAL A 1 117 ? -2.113  -9.673  3.208   1.00 13.82  ? 117 VAL A N   1 
ATOM   813  C CA  . VAL A 1 117 ? -2.770  -8.806  4.174   1.00 13.48  ? 117 VAL A CA  1 
ATOM   814  C C   . VAL A 1 117 ? -1.668  -7.914  4.717   1.00 15.44  ? 117 VAL A C   1 
ATOM   815  O O   . VAL A 1 117 ? -0.646  -8.407  5.206   1.00 13.72  ? 117 VAL A O   1 
ATOM   816  C CB  . VAL A 1 117 ? -3.516  -9.541  5.324   1.00 17.73  ? 117 VAL A CB  1 
ATOM   817  C CG1 . VAL A 1 117 ? -4.359  -8.558  6.125   1.00 17.71  ? 117 VAL A CG1 1 
ATOM   818  C CG2 . VAL A 1 117 ? -4.390  -10.679 4.806   1.00 17.50  ? 117 VAL A CG2 1 
ATOM   819  N N   . PHE A 1 118 ? -1.860  -6.609  4.602   1.00 10.88  ? 118 PHE A N   1 
ATOM   820  C CA  . PHE A 1 118 ? -0.897  -5.672  5.131   1.00 10.43  ? 118 PHE A CA  1 
ATOM   821  C C   . PHE A 1 118 ? -1.407  -5.049  6.405   1.00 14.89  ? 118 PHE A C   1 
ATOM   822  O O   . PHE A 1 118 ? -2.542  -4.573  6.435   1.00 14.88  ? 118 PHE A O   1 
ATOM   823  C CB  . PHE A 1 118 ? -0.567  -4.575  4.105   1.00 11.81  ? 118 PHE A CB  1 
ATOM   824  C CG  . PHE A 1 118 ? 0.327   -5.035  2.980   1.00 12.44  ? 118 PHE A CG  1 
ATOM   825  C CD1 . PHE A 1 118 ? 1.699   -4.838  3.039   1.00 13.47  ? 118 PHE A CD1 1 
ATOM   826  C CD2 . PHE A 1 118 ? -0.210  -5.634  1.842   1.00 13.94  ? 118 PHE A CD2 1 
ATOM   827  C CE1 . PHE A 1 118 ? 2.527   -5.268  1.998   1.00 13.76  ? 118 PHE A CE1 1 
ATOM   828  C CE2 . PHE A 1 118 ? 0.617   -6.052  0.794   1.00 15.95  ? 118 PHE A CE2 1 
ATOM   829  C CZ  . PHE A 1 118 ? 1.981   -5.885  0.889   1.00 13.41  ? 118 PHE A CZ  1 
ATOM   830  N N   . LEU A 1 119 ? -0.568  -5.032  7.456   1.00 10.47  ? 119 LEU A N   1 
ATOM   831  C CA  . LEU A 1 119 ? -0.904  -4.308  8.667   1.00 10.24  ? 119 LEU A CA  1 
ATOM   832  C C   . LEU A 1 119 ? -0.331  -2.901  8.397   1.00 13.63  ? 119 LEU A C   1 
ATOM   833  O O   . LEU A 1 119 ? 0.887   -2.735  8.298   1.00 13.45  ? 119 LEU A O   1 
ATOM   834  C CB  . LEU A 1 119 ? -0.295  -4.946  9.930   1.00 10.16  ? 119 LEU A CB  1 
ATOM   835  C CG  . LEU A 1 119 ? -0.546  -4.176  11.245  1.00 15.02  ? 119 LEU A CG  1 
ATOM   836  C CD1 . LEU A 1 119 ? -2.036  -4.201  11.641  1.00 14.19  ? 119 LEU A CD1 1 
ATOM   837  C CD2 . LEU A 1 119 ? 0.289   -4.755  12.365  1.00 19.30  ? 119 LEU A CD2 1 
ATOM   838  N N   . VAL A 1 120 ? -1.218  -1.923  8.186   1.00 8.78   ? 120 VAL A N   1 
ATOM   839  C CA  . VAL A 1 120 ? -0.832  -0.546  7.839   1.00 8.00   ? 120 VAL A CA  1 
ATOM   840  C C   . VAL A 1 120 ? -0.971  0.386   9.022   1.00 10.55  ? 120 VAL A C   1 
ATOM   841  O O   . VAL A 1 120 ? -2.032  0.435   9.640   1.00 9.17   ? 120 VAL A O   1 
ATOM   842  C CB  . VAL A 1 120 ? -1.628  -0.025  6.605   1.00 11.35  ? 120 VAL A CB  1 
ATOM   843  C CG1 . VAL A 1 120 ? -1.260  1.420   6.266   1.00 10.43  ? 120 VAL A CG1 1 
ATOM   844  C CG2 . VAL A 1 120 ? -1.425  -0.935  5.396   1.00 11.05  ? 120 VAL A CG2 1 
ATOM   845  N N   . ILE A 1 121 ? 0.103   1.139   9.316   1.00 8.55   ? 121 ILE A N   1 
ATOM   846  C CA  . ILE A 1 121 ? 0.143   2.114   10.398  1.00 9.38   ? 121 ILE A CA  1 
ATOM   847  C C   . ILE A 1 121 ? 0.261   3.499   9.778   1.00 14.01  ? 121 ILE A C   1 
ATOM   848  O O   . ILE A 1 121 ? 1.306   3.826   9.208   1.00 13.13  ? 121 ILE A O   1 
ATOM   849  C CB  . ILE A 1 121 ? 1.298   1.853   11.418  1.00 12.80  ? 121 ILE A CB  1 
ATOM   850  C CG1 . ILE A 1 121 ? 1.481   0.343   11.792  1.00 13.41  ? 121 ILE A CG1 1 
ATOM   851  C CG2 . ILE A 1 121 ? 1.202   2.781   12.652  1.00 13.19  ? 121 ILE A CG2 1 
ATOM   852  C CD1 . ILE A 1 121 ? 0.365   -0.334  12.623  1.00 18.41  ? 121 ILE A CD1 1 
ATOM   853  N N   . ASN A 1 122 ? -0.809  4.310   9.889   1.00 11.30  ? 122 ASN A N   1 
ATOM   854  C CA  . ASN A 1 122 ? -0.789  5.696   9.422   1.00 11.03  ? 122 ASN A CA  1 
ATOM   855  C C   . ASN A 1 122 ? -0.535  6.545   10.663  1.00 14.47  ? 122 ASN A C   1 
ATOM   856  O O   . ASN A 1 122 ? -1.173  6.334   11.696  1.00 13.68  ? 122 ASN A O   1 
ATOM   857  C CB  . ASN A 1 122 ? -2.109  6.068   8.740   1.00 12.93  ? 122 ASN A CB  1 
ATOM   858  C CG  . ASN A 1 122 ? -2.147  7.480   8.222   1.00 25.49  ? 122 ASN A CG  1 
ATOM   859  O OD1 . ASN A 1 122 ? -2.412  8.431   8.956   1.00 27.30  ? 122 ASN A OD1 1 
ATOM   860  N ND2 . ASN A 1 122 ? -1.875  7.650   6.951   1.00 18.52  ? 122 ASN A ND2 1 
ATOM   861  N N   . MET A 1 123 ? 0.409   7.479   10.579  1.00 11.69  ? 123 MET A N   1 
ATOM   862  C CA  . MET A 1 123 ? 0.789   8.296   11.732  1.00 12.61  ? 123 MET A CA  1 
ATOM   863  C C   . MET A 1 123 ? 0.915   9.765   11.380  1.00 15.62  ? 123 MET A C   1 
ATOM   864  O O   . MET A 1 123 ? 1.414   10.108  10.309  1.00 13.73  ? 123 MET A O   1 
ATOM   865  C CB  . MET A 1 123 ? 2.105   7.787   12.350  1.00 15.16  ? 123 MET A CB  1 
ATOM   866  C CG  . MET A 1 123 ? 3.256   7.733   11.349  1.00 19.34  ? 123 MET A CG  1 
ATOM   867  S SD  . MET A 1 123 ? 4.393   6.380   11.643  1.00 24.17  ? 123 MET A SD  1 
ATOM   868  C CE  . MET A 1 123 ? 3.921   5.286   10.367  1.00 20.51  ? 123 MET A CE  1 
ATOM   869  N N   . ARG A 1 124 ? 0.470   10.623  12.290  1.00 12.00  ? 124 ARG A N   1 
ATOM   870  C CA  . ARG A 1 124 ? 0.565   12.071  12.113  1.00 12.58  ? 124 ARG A CA  1 
ATOM   871  C C   . ARG A 1 124 ? 0.706   12.762  13.453  1.00 14.57  ? 124 ARG A C   1 
ATOM   872  O O   . ARG A 1 124 ? 0.303   12.215  14.483  1.00 14.48  ? 124 ARG A O   1 
ATOM   873  C CB  . ARG A 1 124 ? -0.623  12.629  11.303  1.00 14.28  ? 124 ARG A CB  1 
ATOM   874  C CG  . ARG A 1 124 ? -1.964  12.594  12.029  1.00 23.84  ? 124 ARG A CG  1 
ATOM   875  C CD  . ARG A 1 124 ? -3.095  12.910  11.084  1.00 33.89  ? 124 ARG A CD  1 
ATOM   876  N NE  . ARG A 1 124 ? -3.514  11.718  10.349  1.00 41.05  ? 124 ARG A NE  1 
ATOM   877  C CZ  . ARG A 1 124 ? -4.534  11.679  9.501   1.00 54.99  ? 124 ARG A CZ  1 
ATOM   878  N NH1 . ARG A 1 124 ? -5.259  12.769  9.272   1.00 39.38  ? 124 ARG A NH1 1 
ATOM   879  N NH2 . ARG A 1 124 ? -4.841  10.549  8.877   1.00 42.72  ? 124 ARG A NH2 1 
ATOM   880  N N   . SER A 1 125 ? 1.312   13.942  13.442  1.00 10.05  ? 125 SER A N   1 
ATOM   881  C CA  . SER A 1 125 ? 1.474   14.743  14.641  1.00 8.71   ? 125 SER A CA  1 
ATOM   882  C C   . SER A 1 125 ? 0.097   15.346  14.970  1.00 12.14  ? 125 SER A C   1 
ATOM   883  O O   . SER A 1 125 ? -0.641  15.719  14.057  1.00 11.71  ? 125 SER A O   1 
ATOM   884  C CB  . SER A 1 125 ? 2.507   15.841  14.409  1.00 9.63   ? 125 SER A CB  1 
ATOM   885  O OG  . SER A 1 125 ? 2.520   16.785  15.472  1.00 15.02  ? 125 SER A OG  1 
ATOM   886  N N   . THR A 1 126 ? -0.246  15.423  16.262  1.00 8.48   ? 126 THR A N   1 
ATOM   887  C CA  . THR A 1 126 ? -1.513  16.024  16.690  1.00 8.86   ? 126 THR A CA  1 
ATOM   888  C C   . THR A 1 126 ? -1.381  17.561  16.717  1.00 13.08  ? 126 THR A C   1 
ATOM   889  O O   . THR A 1 126 ? -2.369  18.276  16.894  1.00 11.99  ? 126 THR A O   1 
ATOM   890  C CB  . THR A 1 126 ? -1.958  15.481  18.052  1.00 11.13  ? 126 THR A CB  1 
ATOM   891  O OG1 . THR A 1 126 ? -0.990  15.835  19.027  1.00 12.01  ? 126 THR A OG1 1 
ATOM   892  C CG2 . THR A 1 126 ? -2.223  13.971  18.045  1.00 7.97   ? 126 THR A CG2 1 
ATOM   893  N N   . LYS A 1 127 ? -0.148  18.048  16.558  1.00 10.83  ? 127 LYS A N   1 
ATOM   894  C CA  . LYS A 1 127 ? 0.205   19.460  16.584  1.00 10.70  ? 127 LYS A CA  1 
ATOM   895  C C   . LYS A 1 127 ? 0.800   19.907  15.249  1.00 13.72  ? 127 LYS A C   1 
ATOM   896  O O   . LYS A 1 127 ? 1.574   19.151  14.641  1.00 12.41  ? 127 LYS A O   1 
ATOM   897  C CB  . LYS A 1 127 ? 1.204   19.726  17.725  1.00 13.81  ? 127 LYS A CB  1 
ATOM   898  C CG  . LYS A 1 127 ? 0.658   19.392  19.114  1.00 20.49  ? 127 LYS A CG  1 
ATOM   899  C CD  . LYS A 1 127 ? -0.139  20.543  19.729  1.00 28.99  ? 127 LYS A CD  1 
ATOM   900  C CE  . LYS A 1 127 ? -0.960  20.116  20.930  1.00 37.91  ? 127 LYS A CE  1 
ATOM   901  N NZ  . LYS A 1 127 ? -0.166  19.381  21.960  1.00 48.56  ? 127 LYS A NZ  1 
ATOM   902  N N   . PRO A 1 128 ? 0.462   21.133  14.780  1.00 10.50  ? 128 PRO A N   1 
ATOM   903  C CA  . PRO A 1 128 ? 1.053   21.628  13.526  1.00 9.30   ? 128 PRO A CA  1 
ATOM   904  C C   . PRO A 1 128 ? 2.434   22.218  13.797  1.00 12.19  ? 128 PRO A C   1 
ATOM   905  O O   . PRO A 1 128 ? 2.845   22.302  14.955  1.00 10.99  ? 128 PRO A O   1 
ATOM   906  C CB  . PRO A 1 128 ? 0.066   22.723  13.098  1.00 10.75  ? 128 PRO A CB  1 
ATOM   907  C CG  . PRO A 1 128 ? -0.454  23.266  14.373  1.00 15.65  ? 128 PRO A CG  1 
ATOM   908  C CD  . PRO A 1 128 ? -0.412  22.161  15.398  1.00 12.26  ? 128 PRO A CD  1 
ATOM   909  N N   . ASN A 1 129 ? 3.128   22.667  12.739  1.00 9.84   ? 129 ASN A N   1 
ATOM   910  C CA  . ASN A 1 129 ? 4.442   23.309  12.845  1.00 10.09  ? 129 ASN A CA  1 
ATOM   911  C C   . ASN A 1 129 ? 5.513   22.444  13.518  1.00 13.51  ? 129 ASN A C   1 
ATOM   912  O O   . ASN A 1 129 ? 6.454   22.973  14.107  1.00 12.03  ? 129 ASN A O   1 
ATOM   913  C CB  . ASN A 1 129 ? 4.325   24.699  13.492  1.00 8.39   ? 129 ASN A CB  1 
ATOM   914  C CG  . ASN A 1 129 ? 3.530   25.644  12.643  1.00 21.80  ? 129 ASN A CG  1 
ATOM   915  O OD1 . ASN A 1 129 ? 4.055   26.277  11.719  1.00 16.48  ? 129 ASN A OD1 1 
ATOM   916  N ND2 . ASN A 1 129 ? 2.232   25.686  12.882  1.00 11.50  ? 129 ASN A ND2 1 
ATOM   917  N N   . ARG A 1 130 ? 5.365   21.117  13.415  1.00 11.26  ? 130 ARG A N   1 
ATOM   918  C CA  . ARG A 1 130 ? 6.349   20.160  13.931  1.00 11.65  ? 130 ARG A CA  1 
ATOM   919  C C   . ARG A 1 130 ? 7.113   19.590  12.763  1.00 16.93  ? 130 ARG A C   1 
ATOM   920  O O   . ARG A 1 130 ? 6.493   19.224  11.773  1.00 18.14  ? 130 ARG A O   1 
ATOM   921  C CB  . ARG A 1 130 ? 5.681   19.024  14.738  1.00 10.01  ? 130 ARG A CB  1 
ATOM   922  C CG  . ARG A 1 130 ? 4.892   19.478  15.965  1.00 18.84  ? 130 ARG A CG  1 
ATOM   923  C CD  . ARG A 1 130 ? 5.730   20.279  16.949  1.00 18.95  ? 130 ARG A CD  1 
ATOM   924  N NE  . ARG A 1 130 ? 4.901   20.913  17.974  1.00 16.03  ? 130 ARG A NE  1 
ATOM   925  C CZ  . ARG A 1 130 ? 4.678   20.394  19.176  1.00 24.18  ? 130 ARG A CZ  1 
ATOM   926  N NH1 . ARG A 1 130 ? 5.240   19.244  19.525  1.00 10.66  ? 130 ARG A NH1 1 
ATOM   927  N NH2 . ARG A 1 130 ? 3.902   21.025  20.042  1.00 10.06  ? 130 ARG A NH2 1 
ATOM   928  N N   . CYS A 1 131 ? 8.450   19.537  12.857  1.00 14.05  ? 131 CYS A N   1 
ATOM   929  C CA  A CYS A 1 131 ? 9.297   19.000  11.795  0.50 13.99  ? 131 CYS A CA  1 
ATOM   930  C CA  B CYS A 1 131 ? 9.273   18.968  11.793  0.50 13.71  ? 131 CYS A CA  1 
ATOM   931  C C   . CYS A 1 131 ? 10.182  17.872  12.323  1.00 15.22  ? 131 CYS A C   1 
ATOM   932  O O   . CYS A 1 131 ? 11.171  18.137  13.017  1.00 12.14  ? 131 CYS A O   1 
ATOM   933  C CB  A CYS A 1 131 ? 10.115  20.105  11.129  0.50 15.10  ? 131 CYS A CB  1 
ATOM   934  C CB  B CYS A 1 131 ? 10.047  20.036  11.028  0.50 14.55  ? 131 CYS A CB  1 
ATOM   935  S SG  A CYS A 1 131 ? 9.205   21.042  9.867   0.50 19.54  ? 131 CYS A SG  1 
ATOM   936  S SG  B CYS A 1 131 ? 10.746  21.334  12.072  0.50 18.76  ? 131 CYS A SG  1 
ATOM   937  N N   . PHE A 1 132 ? 9.802   16.622  12.015  1.00 10.52  ? 132 PHE A N   1 
ATOM   938  C CA  . PHE A 1 132 ? 10.492  15.397  12.416  1.00 9.32   ? 132 PHE A CA  1 
ATOM   939  C C   . PHE A 1 132 ? 10.085  14.256  11.483  1.00 12.99  ? 132 PHE A C   1 
ATOM   940  O O   . PHE A 1 132 ? 9.155   14.410  10.690  1.00 12.44  ? 132 PHE A O   1 
ATOM   941  C CB  . PHE A 1 132 ? 10.193  15.050  13.894  1.00 10.28  ? 132 PHE A CB  1 
ATOM   942  C CG  . PHE A 1 132 ? 8.737   14.806  14.227  1.00 11.77  ? 132 PHE A CG  1 
ATOM   943  C CD1 . PHE A 1 132 ? 8.190   13.530  14.143  1.00 13.79  ? 132 PHE A CD1 1 
ATOM   944  C CD2 . PHE A 1 132 ? 7.921   15.847  14.661  1.00 13.21  ? 132 PHE A CD2 1 
ATOM   945  C CE1 . PHE A 1 132 ? 6.850   13.300  14.473  1.00 14.72  ? 132 PHE A CE1 1 
ATOM   946  C CE2 . PHE A 1 132 ? 6.577   15.614  14.987  1.00 15.43  ? 132 PHE A CE2 1 
ATOM   947  C CZ  . PHE A 1 132 ? 6.053   14.344  14.899  1.00 13.28  ? 132 PHE A CZ  1 
ATOM   948  N N   . ARG A 1 133 ? 10.793  13.134  11.564  1.00 10.53  ? 133 ARG A N   1 
ATOM   949  C CA  . ARG A 1 133 ? 10.512  11.942  10.769  1.00 11.43  ? 133 ARG A CA  1 
ATOM   950  C C   . ARG A 1 133 ? 10.068  10.813  11.675  1.00 13.55  ? 133 ARG A C   1 
ATOM   951  O O   . ARG A 1 133 ? 10.363  10.827  12.866  1.00 13.27  ? 133 ARG A O   1 
ATOM   952  C CB  . ARG A 1 133 ? 11.747  11.518  9.968   1.00 15.22  ? 133 ARG A CB  1 
ATOM   953  C CG  . ARG A 1 133 ? 11.923  12.292  8.660   1.00 32.09  ? 133 ARG A CG  1 
ATOM   954  C CD  . ARG A 1 133 ? 12.880  11.584  7.705   1.00 52.07  ? 133 ARG A CD  1 
ATOM   955  N NE  . ARG A 1 133 ? 12.339  10.311  7.213   1.00 64.05  ? 133 ARG A NE  1 
ATOM   956  C CZ  . ARG A 1 133 ? 12.764  9.680   6.124   1.00 78.38  ? 133 ARG A CZ  1 
ATOM   957  N NH1 . ARG A 1 133 ? 13.741  10.193  5.387   1.00 68.41  ? 133 ARG A NH1 1 
ATOM   958  N NH2 . ARG A 1 133 ? 12.208  8.533   5.757   1.00 63.84  ? 133 ARG A NH2 1 
ATOM   959  N N   . PHE A 1 134 ? 9.333   9.857   11.123  1.00 8.69   ? 134 PHE A N   1 
ATOM   960  C CA  . PHE A 1 134 ? 8.874   8.718   11.893  1.00 7.47   ? 134 PHE A CA  1 
ATOM   961  C C   . PHE A 1 134 ? 9.836   7.537   11.765  1.00 11.40  ? 134 PHE A C   1 
ATOM   962  O O   . PHE A 1 134 ? 10.453  7.333   10.712  1.00 8.08   ? 134 PHE A O   1 
ATOM   963  C CB  . PHE A 1 134 ? 7.456   8.332   11.499  1.00 8.35   ? 134 PHE A CB  1 
ATOM   964  C CG  . PHE A 1 134 ? 6.406   9.344   11.895  1.00 9.10   ? 134 PHE A CG  1 
ATOM   965  C CD1 . PHE A 1 134 ? 5.899   9.377   13.192  1.00 11.43  ? 134 PHE A CD1 1 
ATOM   966  C CD2 . PHE A 1 134 ? 5.874   10.223  10.956  1.00 10.84  ? 134 PHE A CD2 1 
ATOM   967  C CE1 . PHE A 1 134 ? 4.894   10.292  13.549  1.00 11.79  ? 134 PHE A CE1 1 
ATOM   968  C CE2 . PHE A 1 134 ? 4.855   11.124  11.309  1.00 13.19  ? 134 PHE A CE2 1 
ATOM   969  C CZ  . PHE A 1 134 ? 4.385   11.160  12.609  1.00 11.08  ? 134 PHE A CZ  1 
ATOM   970  N N   . LEU A 1 135 ? 10.000  6.800   12.870  1.00 9.77   ? 135 LEU A N   1 
ATOM   971  C CA  . LEU A 1 135 ? 10.875  5.631   12.964  1.00 9.50   ? 135 LEU A CA  1 
ATOM   972  C C   . LEU A 1 135 ? 10.022  4.470   13.417  1.00 11.86  ? 135 LEU A C   1 
ATOM   973  O O   . LEU A 1 135 ? 9.124   4.654   14.235  1.00 10.29  ? 135 LEU A O   1 
ATOM   974  C CB  . LEU A 1 135 ? 12.053  5.877   13.926  1.00 9.83   ? 135 LEU A CB  1 
ATOM   975  C CG  . LEU A 1 135 ? 12.917  7.131   13.645  1.00 14.48  ? 135 LEU A CG  1 
ATOM   976  C CD1 . LEU A 1 135 ? 13.977  7.307   14.699  1.00 14.86  ? 135 LEU A CD1 1 
ATOM   977  C CD2 . LEU A 1 135 ? 13.567  7.067   12.285  1.00 17.06  ? 135 LEU A CD2 1 
ATOM   978  N N   . ALA A 1 136 ? 10.261  3.288   12.845  1.00 8.12   ? 136 ALA A N   1 
ATOM   979  C CA  . ALA A 1 136 ? 9.437   2.127   13.118  1.00 7.94   ? 136 ALA A CA  1 
ATOM   980  C C   . ALA A 1 136 ? 10.226  0.849   13.250  1.00 13.11  ? 136 ALA A C   1 
ATOM   981  O O   . ALA A 1 136 ? 11.324  0.739   12.720  1.00 13.08  ? 136 ALA A O   1 
ATOM   982  C CB  . ALA A 1 136 ? 8.416   1.962   11.996  1.00 8.44   ? 136 ALA A CB  1 
ATOM   983  N N   . GLN A 1 137 ? 9.633   -0.124  13.954  1.00 10.67  ? 137 GLN A N   1 
ATOM   984  C CA  . GLN A 1 137 ? 10.112  -1.494  14.083  1.00 11.20  ? 137 GLN A CA  1 
ATOM   985  C C   . GLN A 1 137 ? 8.968   -2.380  14.508  1.00 16.48  ? 137 GLN A C   1 
ATOM   986  O O   . GLN A 1 137 ? 8.163   -2.001  15.358  1.00 16.78  ? 137 GLN A O   1 
ATOM   987  C CB  . GLN A 1 137 ? 11.352  -1.656  14.980  1.00 12.49  ? 137 GLN A CB  1 
ATOM   988  C CG  . GLN A 1 137 ? 12.127  -2.963  14.704  1.00 25.22  ? 137 GLN A CG  1 
ATOM   989  C CD  . GLN A 1 137 ? 12.448  -3.235  13.230  1.00 37.55  ? 137 GLN A CD  1 
ATOM   990  O OE1 . GLN A 1 137 ? 11.663  -3.854  12.502  1.00 29.62  ? 137 GLN A OE1 1 
ATOM   991  N NE2 . GLN A 1 137 ? 13.623  -2.814  12.764  1.00 23.31  ? 137 GLN A NE2 1 
ATOM   992  N N   . HIS A 1 138 ? 8.862   -3.528  13.863  1.00 13.71  ? 138 HIS A N   1 
ATOM   993  C CA  . HIS A 1 138 ? 7.813   -4.510  14.102  1.00 13.34  ? 138 HIS A CA  1 
ATOM   994  C C   . HIS A 1 138 ? 8.451   -5.835  14.479  1.00 18.30  ? 138 HIS A C   1 
ATOM   995  O O   . HIS A 1 138 ? 9.657   -6.001  14.316  1.00 18.56  ? 138 HIS A O   1 
ATOM   996  C CB  . HIS A 1 138 ? 7.005   -4.706  12.802  1.00 13.74  ? 138 HIS A CB  1 
ATOM   997  C CG  . HIS A 1 138 ? 7.778   -5.452  11.763  1.00 16.85  ? 138 HIS A CG  1 
ATOM   998  N ND1 . HIS A 1 138 ? 8.769   -4.836  11.038  1.00 18.70  ? 138 HIS A ND1 1 
ATOM   999  C CD2 . HIS A 1 138 ? 7.776   -6.771  11.466  1.00 18.95  ? 138 HIS A CD2 1 
ATOM   1000 C CE1 . HIS A 1 138 ? 9.321   -5.782  10.301  1.00 18.27  ? 138 HIS A CE1 1 
ATOM   1001 N NE2 . HIS A 1 138 ? 8.749   -6.962  10.514  1.00 18.79  ? 138 HIS A NE2 1 
ATOM   1002 N N   . ALA A 1 139 ? 7.629   -6.799  14.889  1.00 16.91  ? 139 ALA A N   1 
ATOM   1003 C CA  . ALA A 1 139 ? 8.026   -8.179  15.166  1.00 18.39  ? 139 ALA A CA  1 
ATOM   1004 C C   . ALA A 1 139 ? 6.826   -9.072  14.871  1.00 26.47  ? 139 ALA A C   1 
ATOM   1005 O O   . ALA A 1 139 ? 5.697   -8.738  15.247  1.00 24.84  ? 139 ALA A O   1 
ATOM   1006 C CB  . ALA A 1 139 ? 8.460   -8.349  16.613  1.00 18.85  ? 139 ALA A CB  1 
ATOM   1007 N N   . LEU A 1 140 ? 7.072   -10.197 14.181  1.00 26.86  ? 140 LEU A N   1 
ATOM   1008 C CA  . LEU A 1 140 ? 6.043   -11.187 13.863  1.00 28.17  ? 140 LEU A CA  1 
ATOM   1009 C C   . LEU A 1 140 ? 6.305   -12.415 14.738  1.00 34.01  ? 140 LEU A C   1 
ATOM   1010 O O   . LEU A 1 140 ? 7.113   -13.274 14.381  1.00 34.13  ? 140 LEU A O   1 
ATOM   1011 C CB  . LEU A 1 140 ? 6.041   -11.534 12.355  1.00 28.43  ? 140 LEU A CB  1 
ATOM   1012 C CG  . LEU A 1 140 ? 5.926   -10.369 11.359  1.00 33.07  ? 140 LEU A CG  1 
ATOM   1013 C CD1 . LEU A 1 140 ? 6.095   -10.857 9.942   1.00 33.89  ? 140 LEU A CD1 1 
ATOM   1014 C CD2 . LEU A 1 140 ? 4.601   -9.649  11.485  1.00 35.04  ? 140 LEU A CD2 1 
ATOM   1015 N N   . ARG A 1 141 ? 5.690   -12.437 15.935  1.00 31.92  ? 141 ARG A N   1 
ATOM   1016 C CA  . ARG A 1 141 ? 5.836   -13.508 16.925  1.00 57.55  ? 141 ARG A CA  1 
ATOM   1017 C C   . ARG A 1 141 ? 4.615   -14.423 16.929  1.00 100.30 ? 141 ARG A C   1 
ATOM   1018 O O   . ARG A 1 141 ? 4.749   -15.632 16.750  1.00 69.87  ? 141 ARG A O   1 
ATOM   1019 C CB  . ARG A 1 141 ? 6.062   -12.917 18.322  1.00 57.45  ? 141 ARG A CB  1 
ATOM   1020 N N   . TYR A 1 146 ? 3.676   -14.223 25.152  1.00 29.40  ? 146 TYR A N   1 
ATOM   1021 C CA  . TYR A 1 146 ? 4.728   -13.230 24.940  1.00 28.81  ? 146 TYR A CA  1 
ATOM   1022 C C   . TYR A 1 146 ? 4.160   -11.813 25.091  1.00 28.70  ? 146 TYR A C   1 
ATOM   1023 O O   . TYR A 1 146 ? 3.266   -11.416 24.337  1.00 28.57  ? 146 TYR A O   1 
ATOM   1024 C CB  . TYR A 1 146 ? 5.393   -13.422 23.566  1.00 30.35  ? 146 TYR A CB  1 
ATOM   1025 N N   . VAL A 1 147 ? 4.639   -11.080 26.106  1.00 21.43  ? 147 VAL A N   1 
ATOM   1026 C CA  . VAL A 1 147 ? 4.175   -9.720  26.376  1.00 19.34  ? 147 VAL A CA  1 
ATOM   1027 C C   . VAL A 1 147 ? 5.305   -8.732  26.058  1.00 21.12  ? 147 VAL A C   1 
ATOM   1028 O O   . VAL A 1 147 ? 6.285   -8.678  26.795  1.00 20.09  ? 147 VAL A O   1 
ATOM   1029 C CB  . VAL A 1 147 ? 3.587   -9.520  27.808  1.00 21.80  ? 147 VAL A CB  1 
ATOM   1030 C CG1 . VAL A 1 147 ? 2.957   -8.136  27.950  1.00 20.96  ? 147 VAL A CG1 1 
ATOM   1031 C CG2 . VAL A 1 147 ? 2.569   -10.607 28.151  1.00 21.59  ? 147 VAL A CG2 1 
ATOM   1032 N N   . PRO A 1 148 ? 5.196   -7.963  24.954  1.00 16.34  ? 148 PRO A N   1 
ATOM   1033 C CA  . PRO A 1 148 ? 6.276   -7.025  24.614  1.00 15.22  ? 148 PRO A CA  1 
ATOM   1034 C C   . PRO A 1 148 ? 6.328   -5.821  25.543  1.00 16.77  ? 148 PRO A C   1 
ATOM   1035 O O   . PRO A 1 148 ? 5.331   -5.498  26.191  1.00 15.86  ? 148 PRO A O   1 
ATOM   1036 C CB  . PRO A 1 148 ? 5.942   -6.611  23.182  1.00 17.04  ? 148 PRO A CB  1 
ATOM   1037 C CG  . PRO A 1 148 ? 4.482   -6.809  23.058  1.00 21.69  ? 148 PRO A CG  1 
ATOM   1038 C CD  . PRO A 1 148 ? 4.126   -7.952  23.938  1.00 17.53  ? 148 PRO A CD  1 
ATOM   1039 N N   . HIS A 1 149 ? 7.495   -5.153  25.602  1.00 11.93  ? 149 HIS A N   1 
ATOM   1040 C CA  . HIS A 1 149 ? 7.683   -3.951  26.416  1.00 10.60  ? 149 HIS A CA  1 
ATOM   1041 C C   . HIS A 1 149 ? 6.822   -2.863  25.829  1.00 11.82  ? 149 HIS A C   1 
ATOM   1042 O O   . HIS A 1 149 ? 6.642   -2.821  24.617  1.00 11.76  ? 149 HIS A O   1 
ATOM   1043 C CB  . HIS A 1 149 ? 9.135   -3.456  26.345  1.00 11.36  ? 149 HIS A CB  1 
ATOM   1044 C CG  . HIS A 1 149 ? 10.149  -4.483  26.699  1.00 14.46  ? 149 HIS A CG  1 
ATOM   1045 N ND1 . HIS A 1 149 ? 11.022  -4.974  25.756  1.00 16.10  ? 149 HIS A ND1 1 
ATOM   1046 C CD2 . HIS A 1 149 ? 10.409  -5.072  27.889  1.00 16.14  ? 149 HIS A CD2 1 
ATOM   1047 C CE1 . HIS A 1 149 ? 11.792  -5.834  26.399  1.00 15.52  ? 149 HIS A CE1 1 
ATOM   1048 N NE2 . HIS A 1 149 ? 11.450  -5.936  27.683  1.00 15.89  ? 149 HIS A NE2 1 
ATOM   1049 N N   . GLU A 1 150 ? 6.297   -1.979  26.667  1.00 6.65   ? 150 GLU A N   1 
ATOM   1050 C CA  . GLU A 1 150 ? 5.525   -0.847  26.177  1.00 6.23   ? 150 GLU A CA  1 
ATOM   1051 C C   . GLU A 1 150 ? 6.431   0.168   25.512  1.00 9.69   ? 150 GLU A C   1 
ATOM   1052 O O   . GLU A 1 150 ? 6.042   0.762   24.514  1.00 9.35   ? 150 GLU A O   1 
ATOM   1053 C CB  . GLU A 1 150 ? 4.764   -0.169  27.325  1.00 7.35   ? 150 GLU A CB  1 
ATOM   1054 C CG  . GLU A 1 150 ? 3.486   -0.904  27.687  1.00 14.22  ? 150 GLU A CG  1 
ATOM   1055 C CD  . GLU A 1 150 ? 2.394   -0.783  26.647  1.00 29.16  ? 150 GLU A CD  1 
ATOM   1056 O OE1 . GLU A 1 150 ? 2.090   -1.802  25.992  1.00 19.36  ? 150 GLU A OE1 1 
ATOM   1057 O OE2 . GLU A 1 150 ? 1.874   0.338   26.455  1.00 23.83  ? 150 GLU A OE2 1 
ATOM   1058 N N   . ILE A 1 151 ? 7.627   0.399   26.094  1.00 6.30   ? 151 ILE A N   1 
ATOM   1059 C CA  . ILE A 1 151 ? 8.572   1.409   25.617  1.00 5.97   ? 151 ILE A CA  1 
ATOM   1060 C C   . ILE A 1 151 ? 9.947   0.787   25.410  1.00 11.08  ? 151 ILE A C   1 
ATOM   1061 O O   . ILE A 1 151 ? 10.497  0.177   26.327  1.00 11.23  ? 151 ILE A O   1 
ATOM   1062 C CB  . ILE A 1 151 ? 8.656   2.651   26.565  1.00 8.85   ? 151 ILE A CB  1 
ATOM   1063 C CG1 . ILE A 1 151 ? 7.274   3.081   27.120  1.00 9.44   ? 151 ILE A CG1 1 
ATOM   1064 C CG2 . ILE A 1 151 ? 9.362   3.823   25.867  1.00 7.79   ? 151 ILE A CG2 1 
ATOM   1065 C CD1 . ILE A 1 151 ? 7.331   3.745   28.443  1.00 20.30  ? 151 ILE A CD1 1 
ATOM   1066 N N   . ILE A 1 152 ? 10.500  0.957   24.211  1.00 7.81   ? 152 ILE A N   1 
ATOM   1067 C CA  . ILE A 1 152 ? 11.829  0.449   23.879  1.00 7.94   ? 152 ILE A CA  1 
ATOM   1068 C C   . ILE A 1 152 ? 12.737  1.611   23.478  1.00 11.86  ? 152 ILE A C   1 
ATOM   1069 O O   . ILE A 1 152 ? 12.243  2.705   23.196  1.00 11.77  ? 152 ILE A O   1 
ATOM   1070 C CB  . ILE A 1 152 ? 11.796  -0.678  22.794  1.00 10.46  ? 152 ILE A CB  1 
ATOM   1071 C CG1 . ILE A 1 152 ? 11.219  -0.168  21.435  1.00 11.28  ? 152 ILE A CG1 1 
ATOM   1072 C CG2 . ILE A 1 152 ? 11.086  -1.933  23.313  1.00 8.29   ? 152 ILE A CG2 1 
ATOM   1073 C CD1 . ILE A 1 152 ? 11.441  -1.040  20.217  1.00 17.99  ? 152 ILE A CD1 1 
ATOM   1074 N N   . ARG A 1 153 ? 14.044  1.385   23.428  1.00 8.93   ? 153 ARG A N   1 
ATOM   1075 C CA  . ARG A 1 153 ? 14.953  2.432   22.968  1.00 9.76   ? 153 ARG A CA  1 
ATOM   1076 C C   . ARG A 1 153 ? 15.129  2.255   21.478  1.00 13.73  ? 153 ARG A C   1 
ATOM   1077 O O   . ARG A 1 153 ? 14.920  1.149   20.972  1.00 13.97  ? 153 ARG A O   1 
ATOM   1078 C CB  . ARG A 1 153 ? 16.312  2.395   23.705  1.00 9.44   ? 153 ARG A CB  1 
ATOM   1079 C CG  . ARG A 1 153 ? 16.235  2.622   25.212  1.00 13.73  ? 153 ARG A CG  1 
ATOM   1080 C CD  . ARG A 1 153 ? 15.831  4.012   25.676  1.00 20.67  ? 153 ARG A CD  1 
ATOM   1081 N NE  . ARG A 1 153 ? 16.724  5.073   25.222  1.00 16.83  ? 153 ARG A NE  1 
ATOM   1082 C CZ  . ARG A 1 153 ? 16.989  6.178   25.907  1.00 31.50  ? 153 ARG A CZ  1 
ATOM   1083 N NH1 . ARG A 1 153 ? 16.473  6.358   27.115  1.00 25.86  ? 153 ARG A NH1 1 
ATOM   1084 N NH2 . ARG A 1 153 ? 17.785  7.108   25.393  1.00 16.12  ? 153 ARG A NH2 1 
ATOM   1085 N N   . ILE A 1 154 ? 15.485  3.323   20.760  1.00 9.98   ? 154 ILE A N   1 
ATOM   1086 C CA  . ILE A 1 154 ? 15.656  3.204   19.309  1.00 9.28   ? 154 ILE A CA  1 
ATOM   1087 C C   . ILE A 1 154 ? 17.033  2.611   18.974  1.00 12.91  ? 154 ILE A C   1 
ATOM   1088 O O   . ILE A 1 154 ? 18.057  3.145   19.411  1.00 11.90  ? 154 ILE A O   1 
ATOM   1089 C CB  . ILE A 1 154 ? 15.380  4.533   18.556  1.00 11.97  ? 154 ILE A CB  1 
ATOM   1090 C CG1 . ILE A 1 154 ? 13.990  5.110   18.887  1.00 12.37  ? 154 ILE A CG1 1 
ATOM   1091 C CG2 . ILE A 1 154 ? 15.505  4.311   17.063  1.00 12.40  ? 154 ILE A CG2 1 
ATOM   1092 C CD1 . ILE A 1 154 ? 13.759  6.627   18.382  1.00 17.18  ? 154 ILE A CD1 1 
ATOM   1093 N N   . VAL A 1 155 ? 17.051  1.494   18.210  1.00 9.21   ? 155 VAL A N   1 
ATOM   1094 C CA  . VAL A 1 155 ? 18.287  0.825   17.779  1.00 8.64   ? 155 VAL A CA  1 
ATOM   1095 C C   . VAL A 1 155 ? 18.140  0.464   16.307  1.00 12.57  ? 155 VAL A C   1 
ATOM   1096 O O   . VAL A 1 155 ? 17.377  -0.444  15.992  1.00 11.05  ? 155 VAL A O   1 
ATOM   1097 C CB  . VAL A 1 155 ? 18.611  -0.455  18.604  1.00 12.59  ? 155 VAL A CB  1 
ATOM   1098 C CG1 . VAL A 1 155 ? 19.980  -1.021  18.229  1.00 12.74  ? 155 VAL A CG1 1 
ATOM   1099 C CG2 . VAL A 1 155 ? 18.528  -0.207  20.102  1.00 12.14  ? 155 VAL A CG2 1 
ATOM   1100 N N   . GLU A 1 156 ? 18.892  1.130   15.416  1.00 10.07  ? 156 GLU A N   1 
ATOM   1101 C CA  . GLU A 1 156 ? 18.877  0.866   13.961  1.00 9.95   ? 156 GLU A CA  1 
ATOM   1102 C C   . GLU A 1 156 ? 17.440  0.643   13.471  1.00 14.71  ? 156 GLU A C   1 
ATOM   1103 O O   . GLU A 1 156 ? 17.071  -0.488  13.120  1.00 16.17  ? 156 GLU A O   1 
ATOM   1104 C CB  . GLU A 1 156 ? 19.792  -0.329  13.602  1.00 10.96  ? 156 GLU A CB  1 
ATOM   1105 C CG  . GLU A 1 156 ? 21.259  -0.142  13.968  1.00 18.60  ? 156 GLU A CG  1 
ATOM   1106 C CD  . GLU A 1 156 ? 22.073  0.891   13.205  1.00 29.42  ? 156 GLU A CD  1 
ATOM   1107 O OE1 . GLU A 1 156 ? 21.570  1.457   12.211  1.00 25.42  ? 156 GLU A OE1 1 
ATOM   1108 O OE2 . GLU A 1 156 ? 23.240  1.119   13.595  1.00 29.26  ? 156 GLU A OE2 1 
ATOM   1109 N N   . PRO A 1 157 ? 16.584  1.683   13.540  1.00 9.89   ? 157 PRO A N   1 
ATOM   1110 C CA  . PRO A 1 157 ? 15.176  1.492   13.154  1.00 9.38   ? 157 PRO A CA  1 
ATOM   1111 C C   . PRO A 1 157 ? 14.975  1.560   11.650  1.00 13.57  ? 157 PRO A C   1 
ATOM   1112 O O   . PRO A 1 157 ? 15.904  1.845   10.898  1.00 13.97  ? 157 PRO A O   1 
ATOM   1113 C CB  . PRO A 1 157 ? 14.495  2.711   13.800  1.00 11.05  ? 157 PRO A CB  1 
ATOM   1114 C CG  . PRO A 1 157 ? 15.523  3.808   13.626  1.00 15.59  ? 157 PRO A CG  1 
ATOM   1115 C CD  . PRO A 1 157 ? 16.846  3.095   13.914  1.00 11.32  ? 157 PRO A CD  1 
ATOM   1116 N N   . SER A 1 158 ? 13.732  1.364   11.226  1.00 9.80   ? 158 SER A N   1 
ATOM   1117 C CA  . SER A 1 158 ? 13.333  1.589   9.853   1.00 9.51   ? 158 SER A CA  1 
ATOM   1118 C C   . SER A 1 158 ? 12.883  3.065   9.821   1.00 14.92  ? 158 SER A C   1 
ATOM   1119 O O   . SER A 1 158 ? 12.126  3.505   10.700  1.00 14.20  ? 158 SER A O   1 
ATOM   1120 C CB  . SER A 1 158 ? 12.173  0.670   9.480   1.00 11.85  ? 158 SER A CB  1 
ATOM   1121 O OG  . SER A 1 158 ? 11.499  1.155   8.332   1.00 16.87  ? 158 SER A OG  1 
ATOM   1122 N N   . TYR A 1 159 ? 13.379  3.831   8.853   1.00 12.73  ? 159 TYR A N   1 
ATOM   1123 C CA  . TYR A 1 159 ? 12.983  5.228   8.703   1.00 13.68  ? 159 TYR A CA  1 
ATOM   1124 C C   . TYR A 1 159 ? 11.733  5.189   7.840   1.00 18.52  ? 159 TYR A C   1 
ATOM   1125 O O   . TYR A 1 159 ? 11.771  4.669   6.732   1.00 19.10  ? 159 TYR A O   1 
ATOM   1126 C CB  . TYR A 1 159 ? 14.111  6.060   8.061   1.00 15.64  ? 159 TYR A CB  1 
ATOM   1127 C CG  . TYR A 1 159 ? 15.262  6.371   9.002   1.00 18.80  ? 159 TYR A CG  1 
ATOM   1128 C CD1 . TYR A 1 159 ? 15.529  7.678   9.399   1.00 21.01  ? 159 TYR A CD1 1 
ATOM   1129 C CD2 . TYR A 1 159 ? 16.107  5.363   9.462   1.00 19.71  ? 159 TYR A CD2 1 
ATOM   1130 C CE1 . TYR A 1 159 ? 16.578  7.969   10.272  1.00 22.32  ? 159 TYR A CE1 1 
ATOM   1131 C CE2 . TYR A 1 159 ? 17.140  5.638   10.358  1.00 20.89  ? 159 TYR A CE2 1 
ATOM   1132 C CZ  . TYR A 1 159 ? 17.379  6.945   10.750  1.00 29.13  ? 159 TYR A CZ  1 
ATOM   1133 O OH  . TYR A 1 159 ? 18.423  7.228   11.590  1.00 31.49  ? 159 TYR A OH  1 
ATOM   1134 N N   . VAL A 1 160 ? 10.606  5.636   8.384   1.00 14.71  ? 160 VAL A N   1 
ATOM   1135 C CA  . VAL A 1 160 ? 9.335   5.607   7.675   1.00 14.36  ? 160 VAL A CA  1 
ATOM   1136 C C   . VAL A 1 160 ? 9.342   6.620   6.539   1.00 21.16  ? 160 VAL A C   1 
ATOM   1137 O O   . VAL A 1 160 ? 9.646   7.795   6.746   1.00 22.07  ? 160 VAL A O   1 
ATOM   1138 C CB  . VAL A 1 160 ? 8.121   5.839   8.627   1.00 17.08  ? 160 VAL A CB  1 
ATOM   1139 C CG1 . VAL A 1 160 ? 6.788   5.784   7.868   1.00 16.33  ? 160 VAL A CG1 1 
ATOM   1140 C CG2 . VAL A 1 160 ? 8.118   4.839   9.774   1.00 16.63  ? 160 VAL A CG2 1 
ATOM   1141 N N   . GLY A 1 161 ? 8.990   6.151   5.356   1.00 18.79  ? 161 GLY A N   1 
ATOM   1142 C CA  . GLY A 1 161 ? 8.799   7.014   4.206   1.00 19.37  ? 161 GLY A CA  1 
ATOM   1143 C C   . GLY A 1 161 ? 7.435   7.650   4.414   1.00 25.01  ? 161 GLY A C   1 
ATOM   1144 O O   . GLY A 1 161 ? 6.428   6.935   4.549   1.00 25.35  ? 161 GLY A O   1 
ATOM   1145 N N   . ASN A 1 162 ? 7.416   8.987   4.519   1.00 20.77  ? 162 ASN A N   1 
ATOM   1146 C CA  . ASN A 1 162 ? 6.233   9.810   4.777   1.00 20.30  ? 162 ASN A CA  1 
ATOM   1147 C C   . ASN A 1 162 ? 5.569   9.515   6.134   1.00 21.78  ? 162 ASN A C   1 
ATOM   1148 O O   . ASN A 1 162 ? 6.238   9.614   7.161   1.00 20.89  ? 162 ASN A O   1 
ATOM   1149 C CB  . ASN A 1 162 ? 5.269   9.904   3.562   1.00 23.76  ? 162 ASN A CB  1 
ATOM   1150 C CG  . ASN A 1 162 ? 4.235   8.807   3.428   1.00 50.90  ? 162 ASN A CG  1 
ATOM   1151 O OD1 . ASN A 1 162 ? 3.130   8.882   3.991   1.00 34.52  ? 162 ASN A OD1 1 
ATOM   1152 N ND2 . ASN A 1 162 ? 4.563   7.764   2.681   1.00 50.65  ? 162 ASN A ND2 1 
ATOM   1153 N N   . ASN A 1 163 ? 4.288   9.124   6.136   1.00 16.95  ? 163 ASN A N   1 
ATOM   1154 C CA  . ASN A 1 163 ? 3.485   8.864   7.327   1.00 16.17  ? 163 ASN A CA  1 
ATOM   1155 C C   . ASN A 1 163 ? 2.914   7.439   7.395   1.00 17.41  ? 163 ASN A C   1 
ATOM   1156 O O   . ASN A 1 163 ? 2.005   7.211   8.193   1.00 16.83  ? 163 ASN A O   1 
ATOM   1157 C CB  . ASN A 1 163 ? 2.351   9.912   7.381   1.00 17.02  ? 163 ASN A CB  1 
ATOM   1158 C CG  . ASN A 1 163 ? 2.877   11.328  7.521   1.00 38.02  ? 163 ASN A CG  1 
ATOM   1159 O OD1 . ASN A 1 163 ? 3.542   11.857  6.624   1.00 31.69  ? 163 ASN A OD1 1 
ATOM   1160 N ND2 . ASN A 1 163 ? 2.638   11.959  8.665   1.00 27.48  ? 163 ASN A ND2 1 
ATOM   1161 N N   . GLU A 1 164 ? 3.436   6.484   6.577   1.00 11.99  ? 164 GLU A N   1 
ATOM   1162 C CA  . GLU A 1 164 ? 2.925   5.104   6.529   1.00 11.78  ? 164 GLU A CA  1 
ATOM   1163 C C   . GLU A 1 164 ? 3.954   3.981   6.534   1.00 14.67  ? 164 GLU A C   1 
ATOM   1164 O O   . GLU A 1 164 ? 4.861   3.960   5.700   1.00 14.75  ? 164 GLU A O   1 
ATOM   1165 C CB  . GLU A 1 164 ? 1.939   4.908   5.353   1.00 13.37  ? 164 GLU A CB  1 
ATOM   1166 C CG  . GLU A 1 164 ? 0.618   5.639   5.537   1.00 22.27  ? 164 GLU A CG  1 
ATOM   1167 C CD  . GLU A 1 164 ? -0.649  4.992   5.004   1.00 38.31  ? 164 GLU A CD  1 
ATOM   1168 O OE1 . GLU A 1 164 ? -0.565  3.975   4.278   1.00 24.77  ? 164 GLU A OE1 1 
ATOM   1169 O OE2 . GLU A 1 164 ? -1.738  5.539   5.293   1.00 29.18  ? 164 GLU A OE2 1 
ATOM   1170 N N   . TYR A 1 165 ? 3.763   3.013   7.448   1.00 10.49  ? 165 TYR A N   1 
ATOM   1171 C CA  . TYR A 1 165 ? 4.571   1.798   7.588   1.00 9.81   ? 165 TYR A CA  1 
ATOM   1172 C C   . TYR A 1 165 ? 3.649   0.647   7.213   1.00 16.09  ? 165 TYR A C   1 
ATOM   1173 O O   . TYR A 1 165 ? 2.590   0.469   7.831   1.00 17.04  ? 165 TYR A O   1 
ATOM   1174 C CB  . TYR A 1 165 ? 5.055   1.643   9.033   1.00 10.24  ? 165 TYR A CB  1 
ATOM   1175 C CG  . TYR A 1 165 ? 6.153   0.618   9.245   1.00 10.62  ? 165 TYR A CG  1 
ATOM   1176 C CD1 . TYR A 1 165 ? 7.376   0.729   8.583   1.00 11.98  ? 165 TYR A CD1 1 
ATOM   1177 C CD2 . TYR A 1 165 ? 6.020   -0.384  10.203  1.00 10.64  ? 165 TYR A CD2 1 
ATOM   1178 C CE1 . TYR A 1 165 ? 8.420   -0.164  8.838   1.00 11.89  ? 165 TYR A CE1 1 
ATOM   1179 C CE2 . TYR A 1 165 ? 7.054   -1.283  10.462  1.00 11.54  ? 165 TYR A CE2 1 
ATOM   1180 C CZ  . TYR A 1 165 ? 8.254   -1.168  9.783   1.00 18.67  ? 165 TYR A CZ  1 
ATOM   1181 O OH  . TYR A 1 165 ? 9.271   -2.061  10.053  1.00 19.57  ? 165 TYR A OH  1 
ATOM   1182 N N   . ARG A 1 166 ? 4.013   -0.098  6.162   1.00 11.56  ? 166 ARG A N   1 
ATOM   1183 C CA  . ARG A 1 166 ? 3.159   -1.142  5.621   1.00 10.89  ? 166 ARG A CA  1 
ATOM   1184 C C   . ARG A 1 166 ? 3.782   -2.532  5.781   1.00 14.54  ? 166 ARG A C   1 
ATOM   1185 O O   . ARG A 1 166 ? 4.782   -2.842  5.129   1.00 14.54  ? 166 ARG A O   1 
ATOM   1186 C CB  . ARG A 1 166 ? 2.802   -0.797  4.163   1.00 10.61  ? 166 ARG A CB  1 
ATOM   1187 C CG  . ARG A 1 166 ? 2.102   0.564   4.025   1.00 14.76  ? 166 ARG A CG  1 
ATOM   1188 C CD  . ARG A 1 166 ? 1.945   1.022   2.590   1.00 13.71  ? 166 ARG A CD  1 
ATOM   1189 N NE  . ARG A 1 166 ? 1.119   2.226   2.507   1.00 19.94  ? 166 ARG A NE  1 
ATOM   1190 C CZ  . ARG A 1 166 ? 0.800   2.849   1.379   1.00 31.55  ? 166 ARG A CZ  1 
ATOM   1191 N NH1 . ARG A 1 166 ? 1.239   2.393   0.212   1.00 18.72  ? 166 ARG A NH1 1 
ATOM   1192 N NH2 . ARG A 1 166 ? 0.039   3.933   1.408   1.00 21.42  ? 166 ARG A NH2 1 
ATOM   1193 N N   . ILE A 1 167 ? 3.235   -3.332  6.708   1.00 9.79   ? 167 ILE A N   1 
ATOM   1194 C CA  . ILE A 1 167 ? 3.760   -4.666  7.010   1.00 10.11  ? 167 ILE A CA  1 
ATOM   1195 C C   . ILE A 1 167 ? 2.973   -5.806  6.332   1.00 14.47  ? 167 ILE A C   1 
ATOM   1196 O O   . ILE A 1 167 ? 1.841   -6.087  6.729   1.00 13.31  ? 167 ILE A O   1 
ATOM   1197 C CB  . ILE A 1 167 ? 3.900   -4.928  8.554   1.00 13.01  ? 167 ILE A CB  1 
ATOM   1198 C CG1 . ILE A 1 167 ? 4.579   -3.759  9.312   1.00 13.15  ? 167 ILE A CG1 1 
ATOM   1199 C CG2 . ILE A 1 167 ? 4.610   -6.258  8.842   1.00 13.80  ? 167 ILE A CG2 1 
ATOM   1200 C CD1 . ILE A 1 167 ? 4.042   -3.590  10.784  1.00 12.51  ? 167 ILE A CD1 1 
ATOM   1201 N N   . SER A 1 168 ? 3.608   -6.518  5.384   1.00 11.58  ? 168 SER A N   1 
ATOM   1202 C CA  . SER A 1 168 ? 3.007   -7.712  4.783   1.00 12.47  ? 168 SER A CA  1 
ATOM   1203 C C   . SER A 1 168 ? 2.922   -8.799  5.866   1.00 19.31  ? 168 SER A C   1 
ATOM   1204 O O   . SER A 1 168 ? 3.924   -9.105  6.500   1.00 18.67  ? 168 SER A O   1 
ATOM   1205 C CB  . SER A 1 168 ? 3.856   -8.221  3.627   1.00 13.75  ? 168 SER A CB  1 
ATOM   1206 O OG  . SER A 1 168 ? 3.509   -9.559  3.322   1.00 21.84  ? 168 SER A OG  1 
ATOM   1207 N N   . LEU A 1 169 ? 1.727   -9.353  6.098   1.00 17.95  ? 169 LEU A N   1 
ATOM   1208 C CA  . LEU A 1 169 ? 1.557   -10.405 7.105   1.00 18.17  ? 169 LEU A CA  1 
ATOM   1209 C C   . LEU A 1 169 ? 1.694   -11.809 6.503   1.00 24.99  ? 169 LEU A C   1 
ATOM   1210 O O   . LEU A 1 169 ? 1.623   -12.798 7.240   1.00 24.98  ? 169 LEU A O   1 
ATOM   1211 C CB  . LEU A 1 169 ? 0.247   -10.238 7.899   1.00 17.54  ? 169 LEU A CB  1 
ATOM   1212 C CG  . LEU A 1 169 ? 0.010   -8.867  8.540   1.00 21.37  ? 169 LEU A CG  1 
ATOM   1213 C CD1 . LEU A 1 169 ? -1.333  -8.819  9.243   1.00 20.88  ? 169 LEU A CD1 1 
ATOM   1214 C CD2 . LEU A 1 169 ? 1.133   -8.492  9.497   1.00 23.13  ? 169 LEU A CD2 1 
ATOM   1215 N N   . ALA A 1 170 ? 1.953   -11.877 5.165   1.00 22.78  ? 170 ALA A N   1 
ATOM   1216 C CA  . ALA A 1 170 ? 2.140   -13.081 4.338   1.00 54.73  ? 170 ALA A CA  1 
ATOM   1217 C C   . ALA A 1 170 ? 0.958   -14.034 4.410   1.00 107.86 ? 170 ALA A C   1 
ATOM   1218 O O   . ALA A 1 170 ? -0.179  -13.599 4.251   1.00 81.94  ? 170 ALA A O   1 
ATOM   1219 C CB  . ALA A 1 170 ? 3.437   -13.799 4.697   1.00 55.38  ? 170 ALA A CB  1 
ATOM   1220 N N   . THR A 1 186 ? -14.255 -18.448 5.508   1.00 41.06  ? 186 THR A N   1 
ATOM   1221 C CA  . THR A 1 186 ? -14.778 -19.502 6.387   1.00 40.37  ? 186 THR A CA  1 
ATOM   1222 C C   . THR A 1 186 ? -16.186 -19.163 6.906   1.00 42.76  ? 186 THR A C   1 
ATOM   1223 O O   . THR A 1 186 ? -16.611 -18.003 6.852   1.00 43.33  ? 186 THR A O   1 
ATOM   1224 C CB  . THR A 1 186 ? -13.802 -19.807 7.534   1.00 46.74  ? 186 THR A CB  1 
ATOM   1225 O OG1 . THR A 1 186 ? -13.642 -18.637 8.328   1.00 46.92  ? 186 THR A OG1 1 
ATOM   1226 C CG2 . THR A 1 186 ? -12.446 -20.302 7.050   1.00 45.50  ? 186 THR A CG2 1 
ATOM   1227 N N   . ASN A 1 187 ? -16.894 -20.178 7.416   1.00 36.48  ? 187 ASN A N   1 
ATOM   1228 C CA  . ASN A 1 187 ? -18.256 -20.057 7.927   1.00 35.53  ? 187 ASN A CA  1 
ATOM   1229 C C   . ASN A 1 187 ? -18.362 -19.179 9.189   1.00 35.73  ? 187 ASN A C   1 
ATOM   1230 O O   . ASN A 1 187 ? -19.118 -18.207 9.212   1.00 36.07  ? 187 ASN A O   1 
ATOM   1231 C CB  . ASN A 1 187 ? -18.843 -21.462 8.181   1.00 37.44  ? 187 ASN A CB  1 
ATOM   1232 C CG  . ASN A 1 187 ? -20.354 -21.517 8.213   1.00 63.49  ? 187 ASN A CG  1 
ATOM   1233 O OD1 . ASN A 1 187 ? -21.049 -20.512 8.034   1.00 56.36  ? 187 ASN A OD1 1 
ATOM   1234 N ND2 . ASN A 1 187 ? -20.896 -22.705 8.420   1.00 57.03  ? 187 ASN A ND2 1 
ATOM   1235 N N   . SER A 1 188 ? -17.617 -19.545 10.228  1.00 28.48  ? 188 SER A N   1 
ATOM   1236 C CA  . SER A 1 188 ? -17.589 -18.866 11.515  1.00 26.58  ? 188 SER A CA  1 
ATOM   1237 C C   . SER A 1 188 ? -16.133 -18.683 11.948  1.00 27.48  ? 188 SER A C   1 
ATOM   1238 O O   . SER A 1 188 ? -15.238 -19.299 11.362  1.00 25.60  ? 188 SER A O   1 
ATOM   1239 C CB  . SER A 1 188 ? -18.335 -19.697 12.551  1.00 28.61  ? 188 SER A CB  1 
ATOM   1240 O OG  . SER A 1 188 ? -17.685 -20.939 12.758  1.00 33.47  ? 188 SER A OG  1 
ATOM   1241 N N   . PHE A 1 189 ? -15.899 -17.845 12.973  1.00 23.38  ? 189 PHE A N   1 
ATOM   1242 C CA  . PHE A 1 189 ? -14.555 -17.618 13.517  1.00 22.50  ? 189 PHE A CA  1 
ATOM   1243 C C   . PHE A 1 189 ? -13.984 -18.923 14.125  1.00 27.66  ? 189 PHE A C   1 
ATOM   1244 O O   . PHE A 1 189 ? -12.804 -19.198 13.935  1.00 25.49  ? 189 PHE A O   1 
ATOM   1245 C CB  . PHE A 1 189 ? -14.549 -16.452 14.530  1.00 22.90  ? 189 PHE A CB  1 
ATOM   1246 C CG  . PHE A 1 189 ? -13.264 -16.265 15.306  1.00 22.99  ? 189 PHE A CG  1 
ATOM   1247 C CD1 . PHE A 1 189 ? -12.056 -16.050 14.646  1.00 24.38  ? 189 PHE A CD1 1 
ATOM   1248 C CD2 . PHE A 1 189 ? -13.262 -16.289 16.695  1.00 24.00  ? 189 PHE A CD2 1 
ATOM   1249 C CE1 . PHE A 1 189 ? -10.869 -15.892 15.363  1.00 24.83  ? 189 PHE A CE1 1 
ATOM   1250 C CE2 . PHE A 1 189 ? -12.073 -16.115 17.413  1.00 26.14  ? 189 PHE A CE2 1 
ATOM   1251 C CZ  . PHE A 1 189 ? -10.884 -15.929 16.745  1.00 23.57  ? 189 PHE A CZ  1 
ATOM   1252 N N   . GLU A 1 190 ? -14.833 -19.730 14.805  1.00 27.77  ? 190 GLU A N   1 
ATOM   1253 C CA  . GLU A 1 190 ? -14.455 -21.023 15.397  1.00 29.63  ? 190 GLU A CA  1 
ATOM   1254 C C   . GLU A 1 190 ? -13.896 -21.973 14.328  1.00 38.29  ? 190 GLU A C   1 
ATOM   1255 O O   . GLU A 1 190 ? -12.856 -22.586 14.554  1.00 37.72  ? 190 GLU A O   1 
ATOM   1256 C CB  . GLU A 1 190 ? -15.646 -21.681 16.132  1.00 30.95  ? 190 GLU A CB  1 
ATOM   1257 C CG  . GLU A 1 190 ? -15.247 -22.881 16.983  1.00 42.39  ? 190 GLU A CG  1 
ATOM   1258 C CD  . GLU A 1 190 ? -16.346 -23.518 17.810  1.00 61.44  ? 190 GLU A CD  1 
ATOM   1259 O OE1 . GLU A 1 190 ? -16.753 -22.911 18.825  1.00 60.68  ? 190 GLU A OE1 1 
ATOM   1260 O OE2 . GLU A 1 190 ? -16.760 -24.651 17.477  1.00 52.16  ? 190 GLU A OE2 1 
ATOM   1261 N N   . HIS A 1 191 ? -14.573 -22.064 13.159  1.00 39.25  ? 191 HIS A N   1 
ATOM   1262 C CA  . HIS A 1 191 ? -14.152 -22.910 12.036  1.00 40.83  ? 191 HIS A CA  1 
ATOM   1263 C C   . HIS A 1 191 ? -12.836 -22.425 11.446  1.00 44.78  ? 191 HIS A C   1 
ATOM   1264 O O   . HIS A 1 191 ? -12.036 -23.246 10.995  1.00 45.39  ? 191 HIS A O   1 
ATOM   1265 C CB  . HIS A 1 191 ? -15.247 -23.007 10.955  1.00 42.81  ? 191 HIS A CB  1 
ATOM   1266 C CG  . HIS A 1 191 ? -16.547 -23.579 11.444  1.00 47.17  ? 191 HIS A CG  1 
ATOM   1267 N ND1 . HIS A 1 191 ? -17.764 -23.096 10.989  1.00 49.51  ? 191 HIS A ND1 1 
ATOM   1268 C CD2 . HIS A 1 191 ? -16.779 -24.557 12.353  1.00 49.66  ? 191 HIS A CD2 1 
ATOM   1269 C CE1 . HIS A 1 191 ? -18.691 -23.796 11.623  1.00 49.23  ? 191 HIS A CE1 1 
ATOM   1270 N NE2 . HIS A 1 191 ? -18.147 -24.682 12.461  1.00 49.63  ? 191 HIS A NE2 1 
ATOM   1271 N N   . PHE A 1 192 ? -12.596 -21.098 11.485  1.00 40.49  ? 192 PHE A N   1 
ATOM   1272 C CA  . PHE A 1 192 ? -11.359 -20.485 11.016  1.00 40.22  ? 192 PHE A CA  1 
ATOM   1273 C C   . PHE A 1 192 ? -10.199 -20.845 11.956  1.00 45.07  ? 192 PHE A C   1 
ATOM   1274 O O   . PHE A 1 192 ? -9.096  -21.121 11.482  1.00 44.58  ? 192 PHE A O   1 
ATOM   1275 C CB  . PHE A 1 192 ? -11.518 -18.963 10.877  1.00 41.69  ? 192 PHE A CB  1 
ATOM   1276 C CG  . PHE A 1 192 ? -10.255 -18.242 10.475  1.00 43.18  ? 192 PHE A CG  1 
ATOM   1277 C CD1 . PHE A 1 192 ? -9.736  -18.377 9.192   1.00 46.27  ? 192 PHE A CD1 1 
ATOM   1278 C CD2 . PHE A 1 192 ? -9.578  -17.438 11.382  1.00 45.29  ? 192 PHE A CD2 1 
ATOM   1279 C CE1 . PHE A 1 192 ? -8.558  -17.725 8.827   1.00 47.14  ? 192 PHE A CE1 1 
ATOM   1280 C CE2 . PHE A 1 192 ? -8.406  -16.773 11.011  1.00 48.21  ? 192 PHE A CE2 1 
ATOM   1281 C CZ  . PHE A 1 192 ? -7.902  -16.923 9.739   1.00 46.41  ? 192 PHE A CZ  1 
ATOM   1282 N N   . ILE A 1 193 ? -10.464 -20.867 13.279  1.00 42.28  ? 193 ILE A N   1 
ATOM   1283 C CA  . ILE A 1 193 ? -9.493  -21.220 14.322  1.00 42.43  ? 193 ILE A CA  1 
ATOM   1284 C C   . ILE A 1 193 ? -9.089  -22.701 14.233  1.00 46.46  ? 193 ILE A C   1 
ATOM   1285 O O   . ILE A 1 193 ? -7.896  -22.999 14.267  1.00 46.44  ? 193 ILE A O   1 
ATOM   1286 C CB  . ILE A 1 193 ? -10.019 -20.795 15.732  1.00 45.73  ? 193 ILE A CB  1 
ATOM   1287 C CG1 . ILE A 1 193 ? -9.888  -19.271 15.952  1.00 46.25  ? 193 ILE A CG1 1 
ATOM   1288 C CG2 . ILE A 1 193 ? -9.404  -21.595 16.906  1.00 46.97  ? 193 ILE A CG2 1 
ATOM   1289 C CD1 . ILE A 1 193 ? -8.431  -18.636 15.926  1.00 54.52  ? 193 ILE A CD1 1 
ATOM   1290 N N   . ASN A 1 194 ? -10.084 -23.608 14.102  1.00 42.86  ? 194 ASN A N   1 
ATOM   1291 C CA  . ASN A 1 194 ? -9.903  -25.062 14.014  1.00 70.45  ? 194 ASN A CA  1 
ATOM   1292 C C   . ASN A 1 194 ? -9.103  -25.503 12.783  1.00 95.74  ? 194 ASN A C   1 
ATOM   1293 O O   . ASN A 1 194 ? -9.215  -24.908 11.714  1.00 58.91  ? 194 ASN A O   1 
ATOM   1294 C CB  . ASN A 1 194 ? -11.260 -25.777 14.046  1.00 71.05  ? 194 ASN A CB  1 
ATOM   1295 C CG  . ASN A 1 194 ? -12.030 -25.692 15.351  1.00 93.77  ? 194 ASN A CG  1 
ATOM   1296 O OD1 . ASN A 1 194 ? -11.620 -25.054 16.333  1.00 87.17  ? 194 ASN A OD1 1 
ATOM   1297 N ND2 . ASN A 1 194 ? -13.187 -26.339 15.379  1.00 85.73  ? 194 ASN A ND2 1 
ATOM   1298 N N   . LYS A 1 203 ? 1.276   -13.478 15.654  1.00 33.77  ? 203 LYS A N   1 
ATOM   1299 C CA  . LYS A 1 203 ? 0.731   -12.143 15.900  1.00 32.24  ? 203 LYS A CA  1 
ATOM   1300 C C   . LYS A 1 203 ? 1.709   -10.998 15.596  1.00 31.87  ? 203 LYS A C   1 
ATOM   1301 O O   . LYS A 1 203 ? 2.831   -10.984 16.113  1.00 30.79  ? 203 LYS A O   1 
ATOM   1302 C CB  . LYS A 1 203 ? 0.144   -12.001 17.320  1.00 34.66  ? 203 LYS A CB  1 
ATOM   1303 C CG  . LYS A 1 203 ? 1.083   -12.443 18.441  1.00 47.11  ? 203 LYS A CG  1 
ATOM   1304 C CD  . LYS A 1 203 ? 1.051   -11.514 19.635  1.00 50.50  ? 203 LYS A CD  1 
ATOM   1305 C CE  . LYS A 1 203 ? 1.853   -12.104 20.765  1.00 62.31  ? 203 LYS A CE  1 
ATOM   1306 N NZ  . LYS A 1 203 ? 2.034   -11.149 21.884  1.00 71.64  ? 203 LYS A NZ  1 
ATOM   1307 N N   . PRO A 1 204 ? 1.277   -10.010 14.782  1.00 25.45  ? 204 PRO A N   1 
ATOM   1308 C CA  . PRO A 1 204 ? 2.149   -8.864  14.495  1.00 23.74  ? 204 PRO A CA  1 
ATOM   1309 C C   . PRO A 1 204 ? 2.109   -7.794  15.588  1.00 23.32  ? 204 PRO A C   1 
ATOM   1310 O O   . PRO A 1 204 ? 1.032   -7.398  16.037  1.00 23.34  ? 204 PRO A O   1 
ATOM   1311 C CB  . PRO A 1 204 ? 1.586   -8.316  13.183  1.00 25.56  ? 204 PRO A CB  1 
ATOM   1312 C CG  . PRO A 1 204 ? 0.154   -8.702  13.184  1.00 30.48  ? 204 PRO A CG  1 
ATOM   1313 C CD  . PRO A 1 204 ? -0.028  -9.881  14.099  1.00 26.52  ? 204 PRO A CD  1 
ATOM   1314 N N   . ILE A 1 205 ? 3.280   -7.311  15.995  1.00 16.12  ? 205 ILE A N   1 
ATOM   1315 C CA  . ILE A 1 205 ? 3.406   -6.225  16.968  1.00 14.91  ? 205 ILE A CA  1 
ATOM   1316 C C   . ILE A 1 205 ? 4.240   -5.106  16.332  1.00 16.86  ? 205 ILE A C   1 
ATOM   1317 O O   . ILE A 1 205 ? 5.119   -5.408  15.520  1.00 14.00  ? 205 ILE A O   1 
ATOM   1318 C CB  . ILE A 1 205 ? 3.895   -6.663  18.379  1.00 17.90  ? 205 ILE A CB  1 
ATOM   1319 C CG1 . ILE A 1 205 ? 5.282   -7.326  18.344  1.00 18.92  ? 205 ILE A CG1 1 
ATOM   1320 C CG2 . ILE A 1 205 ? 2.857   -7.562  19.084  1.00 17.27  ? 205 ILE A CG2 1 
ATOM   1321 C CD1 . ILE A 1 205 ? 6.187   -6.954  19.508  1.00 23.98  ? 205 ILE A CD1 1 
ATOM   1322 N N   . VAL A 1 206 ? 3.897   -3.821  16.614  1.00 12.00  ? 206 VAL A N   1 
ATOM   1323 C CA  . VAL A 1 206 ? 4.594   -2.666  16.034  1.00 11.55  ? 206 VAL A CA  1 
ATOM   1324 C C   . VAL A 1 206 ? 4.949   -1.623  17.080  1.00 12.69  ? 206 VAL A C   1 
ATOM   1325 O O   . VAL A 1 206 ? 4.119   -1.291  17.934  1.00 10.57  ? 206 VAL A O   1 
ATOM   1326 C CB  . VAL A 1 206 ? 3.853   -1.957  14.855  1.00 16.66  ? 206 VAL A CB  1 
ATOM   1327 C CG1 . VAL A 1 206 ? 4.846   -1.409  13.833  1.00 17.04  ? 206 VAL A CG1 1 
ATOM   1328 C CG2 . VAL A 1 206 ? 2.825   -2.851  14.183  1.00 16.78  ? 206 VAL A CG2 1 
ATOM   1329 N N   . TYR A 1 207 ? 6.168   -1.058  16.944  1.00 7.81   ? 207 TYR A N   1 
ATOM   1330 C CA  . TYR A 1 207 ? 6.701   0.046   17.725  1.00 7.33   ? 207 TYR A CA  1 
ATOM   1331 C C   . TYR A 1 207 ? 6.906   1.223   16.779  1.00 12.12  ? 207 TYR A C   1 
ATOM   1332 O O   . TYR A 1 207 ? 7.332   1.029   15.627  1.00 11.45  ? 207 TYR A O   1 
ATOM   1333 C CB  . TYR A 1 207 ? 8.050   -0.320  18.352  1.00 7.33   ? 207 TYR A CB  1 
ATOM   1334 C CG  . TYR A 1 207 ? 7.939   -1.292  19.501  1.00 7.78   ? 207 TYR A CG  1 
ATOM   1335 C CD1 . TYR A 1 207 ? 7.708   -0.844  20.798  1.00 9.27   ? 207 TYR A CD1 1 
ATOM   1336 C CD2 . TYR A 1 207 ? 8.116   -2.661  19.301  1.00 8.38   ? 207 TYR A CD2 1 
ATOM   1337 C CE1 . TYR A 1 207 ? 7.630   -1.738  21.864  1.00 10.80  ? 207 TYR A CE1 1 
ATOM   1338 C CE2 . TYR A 1 207 ? 8.029   -3.563  20.355  1.00 8.41   ? 207 TYR A CE2 1 
ATOM   1339 C CZ  . TYR A 1 207 ? 7.793   -3.097  21.635  1.00 14.62  ? 207 TYR A CZ  1 
ATOM   1340 O OH  . TYR A 1 207 ? 7.738   -3.994  22.668  1.00 16.28  ? 207 TYR A OH  1 
ATOM   1341 N N   . ILE A 1 208 ? 6.590   2.438   17.255  1.00 8.45   ? 208 ILE A N   1 
ATOM   1342 C CA  . ILE A 1 208 ? 6.795   3.663   16.488  1.00 8.01   ? 208 ILE A CA  1 
ATOM   1343 C C   . ILE A 1 208 ? 7.454   4.698   17.394  1.00 11.14  ? 208 ILE A C   1 
ATOM   1344 O O   . ILE A 1 208 ? 7.024   4.899   18.535  1.00 10.45  ? 208 ILE A O   1 
ATOM   1345 C CB  . ILE A 1 208 ? 5.503   4.245   15.818  1.00 10.64  ? 208 ILE A CB  1 
ATOM   1346 C CG1 . ILE A 1 208 ? 4.774   3.243   14.868  1.00 11.03  ? 208 ILE A CG1 1 
ATOM   1347 C CG2 . ILE A 1 208 ? 5.755   5.620   15.143  1.00 9.41   ? 208 ILE A CG2 1 
ATOM   1348 C CD1 . ILE A 1 208 ? 5.355   2.987   13.520  1.00 17.20  ? 208 ILE A CD1 1 
ATOM   1349 N N   . GLY A 1 209 ? 8.464   5.355   16.848  1.00 5.81   ? 209 GLY A N   1 
ATOM   1350 C CA  . GLY A 1 209 ? 9.162   6.453   17.490  1.00 6.77   ? 209 GLY A CA  1 
ATOM   1351 C C   . GLY A 1 209 ? 9.336   7.577   16.492  1.00 11.52  ? 209 GLY A C   1 
ATOM   1352 O O   . GLY A 1 209 ? 8.786   7.530   15.382  1.00 8.29   ? 209 GLY A O   1 
ATOM   1353 N N   . THR A 1 210 ? 10.090  8.607   16.877  1.00 9.48   ? 210 THR A N   1 
ATOM   1354 C CA  . THR A 1 210 ? 10.385  9.719   15.966  1.00 9.20   ? 210 THR A CA  1 
ATOM   1355 C C   . THR A 1 210 ? 11.885  10.021  16.090  1.00 13.12  ? 210 THR A C   1 
ATOM   1356 O O   . THR A 1 210 ? 12.505  9.568   17.048  1.00 12.42  ? 210 THR A O   1 
ATOM   1357 C CB  . THR A 1 210 ? 9.566   10.975  16.339  1.00 11.85  ? 210 THR A CB  1 
ATOM   1358 O OG1 . THR A 1 210 ? 10.162  11.552  17.491  1.00 10.97  ? 210 THR A OG1 1 
ATOM   1359 C CG2 . THR A 1 210 ? 8.086   10.681  16.617  1.00 12.59  ? 210 THR A CG2 1 
ATOM   1360 N N   . ASP A 1 211 ? 12.449  10.826  15.168  1.00 9.62   ? 211 ASP A N   1 
ATOM   1361 C CA  . ASP A 1 211 ? 13.838  11.270  15.268  1.00 9.75   ? 211 ASP A CA  1 
ATOM   1362 C C   . ASP A 1 211 ? 13.893  12.638  16.003  1.00 13.57  ? 211 ASP A C   1 
ATOM   1363 O O   . ASP A 1 211 ? 14.908  13.328  15.965  1.00 13.35  ? 211 ASP A O   1 
ATOM   1364 C CB  . ASP A 1 211 ? 14.489  11.335  13.878  1.00 11.45  ? 211 ASP A CB  1 
ATOM   1365 C CG  . ASP A 1 211 ? 13.906  12.358  12.922  1.00 18.38  ? 211 ASP A CG  1 
ATOM   1366 O OD1 . ASP A 1 211 ? 12.934  13.055  13.307  1.00 16.17  ? 211 ASP A OD1 1 
ATOM   1367 O OD2 . ASP A 1 211 ? 14.431  12.479  11.797  1.00 23.77  ? 211 ASP A OD2 1 
ATOM   1368 N N   . SER A 1 212 ? 12.772  13.031  16.631  1.00 10.25  ? 212 SER A N   1 
ATOM   1369 C CA  . SER A 1 212 ? 12.630  14.293  17.354  1.00 10.32  ? 212 SER A CA  1 
ATOM   1370 C C   . SER A 1 212 ? 13.451  14.338  18.650  1.00 14.52  ? 212 SER A C   1 
ATOM   1371 O O   . SER A 1 212 ? 13.690  13.309  19.283  1.00 12.13  ? 212 SER A O   1 
ATOM   1372 C CB  . SER A 1 212 ? 11.160  14.561  17.661  1.00 12.05  ? 212 SER A CB  1 
ATOM   1373 O OG  . SER A 1 212 ? 10.981  15.864  18.184  1.00 19.00  ? 212 SER A OG  1 
ATOM   1374 N N   . ALA A 1 213 ? 13.877  15.558  19.028  1.00 12.58  ? 213 ALA A N   1 
ATOM   1375 C CA  . ALA A 1 213 ? 14.643  15.837  20.237  1.00 12.19  ? 213 ALA A CA  1 
ATOM   1376 C C   . ALA A 1 213 ? 13.707  16.274  21.375  1.00 14.28  ? 213 ALA A C   1 
ATOM   1377 O O   . ALA A 1 213 ? 14.160  16.568  22.474  1.00 13.77  ? 213 ALA A O   1 
ATOM   1378 C CB  . ALA A 1 213 ? 15.693  16.901  19.956  1.00 12.61  ? 213 ALA A CB  1 
ATOM   1379 N N   . GLU A 1 214 ? 12.393  16.263  21.120  1.00 9.22   ? 214 GLU A N   1 
ATOM   1380 C CA  . GLU A 1 214 ? 11.393  16.594  22.135  1.00 9.12   ? 214 GLU A CA  1 
ATOM   1381 C C   . GLU A 1 214 ? 10.309  15.533  22.121  1.00 13.76  ? 214 GLU A C   1 
ATOM   1382 O O   . GLU A 1 214 ? 10.200  14.780  21.137  1.00 13.48  ? 214 GLU A O   1 
ATOM   1383 C CB  . GLU A 1 214 ? 10.781  17.996  21.890  1.00 10.34  ? 214 GLU A CB  1 
ATOM   1384 C CG  . GLU A 1 214 ? 10.109  18.161  20.535  1.00 14.36  ? 214 GLU A CG  1 
ATOM   1385 C CD  . GLU A 1 214 ? 9.195   19.359  20.345  1.00 23.52  ? 214 GLU A CD  1 
ATOM   1386 O OE1 . GLU A 1 214 ? 9.133   20.219  21.249  1.00 17.17  ? 214 GLU A OE1 1 
ATOM   1387 O OE2 . GLU A 1 214 ? 8.535   19.434  19.285  1.00 20.36  ? 214 GLU A OE2 1 
ATOM   1388 N N   . ASP A 1 215 ? 9.485   15.480  23.181  1.00 9.87   ? 215 ASP A N   1 
ATOM   1389 C CA  . ASP A 1 215 ? 8.344   14.565  23.210  1.00 9.85   ? 215 ASP A CA  1 
ATOM   1390 C C   . ASP A 1 215 ? 7.367   14.961  22.084  1.00 12.19  ? 215 ASP A C   1 
ATOM   1391 O O   . ASP A 1 215 ? 7.194   16.153  21.829  1.00 11.90  ? 215 ASP A O   1 
ATOM   1392 C CB  . ASP A 1 215 ? 7.641   14.621  24.572  1.00 12.96  ? 215 ASP A CB  1 
ATOM   1393 N N   . GLU A 1 216 ? 6.819   13.974  21.351  1.00 7.72   ? 216 GLU A N   1 
ATOM   1394 C CA  . GLU A 1 216 ? 5.865   14.238  20.279  1.00 7.00   ? 216 GLU A CA  1 
ATOM   1395 C C   . GLU A 1 216 ? 4.599   13.454  20.504  1.00 12.97  ? 216 GLU A C   1 
ATOM   1396 O O   . GLU A 1 216 ? 4.664   12.249  20.732  1.00 12.82  ? 216 GLU A O   1 
ATOM   1397 C CB  . GLU A 1 216 ? 6.431   13.891  18.885  1.00 8.09   ? 216 GLU A CB  1 
ATOM   1398 C CG  . GLU A 1 216 ? 7.615   14.721  18.417  1.00 13.79  ? 216 GLU A CG  1 
ATOM   1399 C CD  . GLU A 1 216 ? 7.458   16.221  18.223  1.00 25.74  ? 216 GLU A CD  1 
ATOM   1400 O OE1 . GLU A 1 216 ? 6.314   16.735  18.208  1.00 19.33  ? 216 GLU A OE1 1 
ATOM   1401 O OE2 . GLU A 1 216 ? 8.505   16.881  18.041  1.00 12.54  ? 216 GLU A OE2 1 
ATOM   1402 N N   . GLU A 1 217 ? 3.437   14.122  20.392  1.00 10.49  ? 217 GLU A N   1 
ATOM   1403 C CA  . GLU A 1 217 ? 2.158   13.447  20.521  1.00 11.04  ? 217 GLU A CA  1 
ATOM   1404 C C   . GLU A 1 217 ? 1.732   13.050  19.121  1.00 13.73  ? 217 GLU A C   1 
ATOM   1405 O O   . GLU A 1 217 ? 1.574   13.906  18.247  1.00 13.17  ? 217 GLU A O   1 
ATOM   1406 C CB  . GLU A 1 217 ? 1.117   14.350  21.185  1.00 12.77  ? 217 GLU A CB  1 
ATOM   1407 C CG  . GLU A 1 217 ? -0.070  13.549  21.669  1.00 19.21  ? 217 GLU A CG  1 
ATOM   1408 C CD  . GLU A 1 217 ? -1.164  14.411  22.243  1.00 32.73  ? 217 GLU A CD  1 
ATOM   1409 O OE1 . GLU A 1 217 ? -1.777  15.161  21.455  1.00 22.17  ? 217 GLU A OE1 1 
ATOM   1410 O OE2 . GLU A 1 217 ? -1.405  14.346  23.469  1.00 31.61  ? 217 GLU A OE2 1 
ATOM   1411 N N   . VAL A 1 218 ? 1.570   11.746  18.905  1.00 10.05  ? 218 VAL A N   1 
ATOM   1412 C CA  . VAL A 1 218 ? 1.288   11.176  17.592  1.00 9.28   ? 218 VAL A CA  1 
ATOM   1413 C C   . VAL A 1 218 ? -0.059  10.460  17.535  1.00 11.73  ? 218 VAL A C   1 
ATOM   1414 O O   . VAL A 1 218 ? -0.362  9.627   18.388  1.00 10.79  ? 218 VAL A O   1 
ATOM   1415 C CB  . VAL A 1 218 ? 2.456   10.240  17.150  1.00 13.19  ? 218 VAL A CB  1 
ATOM   1416 C CG1 . VAL A 1 218 ? 2.166   9.578   15.798  1.00 12.45  ? 218 VAL A CG1 1 
ATOM   1417 C CG2 . VAL A 1 218 ? 3.786   11.000  17.105  1.00 13.26  ? 218 VAL A CG2 1 
ATOM   1418 N N   . LEU A 1 219 ? -0.836  10.759  16.498  1.00 8.65   ? 219 LEU A N   1 
ATOM   1419 C CA  . LEU A 1 219 ? -2.115  10.098  16.278  1.00 8.65   ? 219 LEU A CA  1 
ATOM   1420 C C   . LEU A 1 219 ? -1.889  8.975   15.274  1.00 11.60  ? 219 LEU A C   1 
ATOM   1421 O O   . LEU A 1 219 ? -1.323  9.198   14.207  1.00 11.21  ? 219 LEU A O   1 
ATOM   1422 C CB  . LEU A 1 219 ? -3.175  11.086  15.790  1.00 8.45   ? 219 LEU A CB  1 
ATOM   1423 C CG  . LEU A 1 219 ? -4.409  10.505  15.092  1.00 13.32  ? 219 LEU A CG  1 
ATOM   1424 C CD1 . LEU A 1 219 ? -5.412  9.922   16.101  1.00 13.91  ? 219 LEU A CD1 1 
ATOM   1425 C CD2 . LEU A 1 219 ? -5.070  11.562  14.248  1.00 15.28  ? 219 LEU A CD2 1 
ATOM   1426 N N   . PHE A 1 220 ? -2.293  7.772   15.649  1.00 7.61   ? 220 PHE A N   1 
ATOM   1427 C CA  . PHE A 1 220 ? -2.157  6.575   14.840  1.00 7.17   ? 220 PHE A CA  1 
ATOM   1428 C C   . PHE A 1 220 ? -3.481  6.083   14.345  1.00 10.79  ? 220 PHE A C   1 
ATOM   1429 O O   . PHE A 1 220 ? -4.472  6.123   15.063  1.00 10.52  ? 220 PHE A O   1 
ATOM   1430 C CB  . PHE A 1 220 ? -1.519  5.443   15.647  1.00 8.39   ? 220 PHE A CB  1 
ATOM   1431 C CG  . PHE A 1 220 ? -0.115  5.734   16.077  1.00 9.56   ? 220 PHE A CG  1 
ATOM   1432 C CD1 . PHE A 1 220 ? 0.948   5.553   15.199  1.00 10.93  ? 220 PHE A CD1 1 
ATOM   1433 C CD2 . PHE A 1 220 ? 0.154   6.181   17.366  1.00 10.54  ? 220 PHE A CD2 1 
ATOM   1434 C CE1 . PHE A 1 220 ? 2.244   5.843   15.589  1.00 11.34  ? 220 PHE A CE1 1 
ATOM   1435 C CE2 . PHE A 1 220 ? 1.457   6.473   17.753  1.00 13.64  ? 220 PHE A CE2 1 
ATOM   1436 C CZ  . PHE A 1 220 ? 2.498   6.278   16.868  1.00 11.28  ? 220 PHE A CZ  1 
ATOM   1437 N N   . GLU A 1 221 ? -3.477  5.570   13.131  1.00 8.66   ? 221 GLU A N   1 
ATOM   1438 C CA  . GLU A 1 221 ? -4.617  4.919   12.517  1.00 9.71   ? 221 GLU A CA  1 
ATOM   1439 C C   . GLU A 1 221 ? -4.092  3.581   12.014  1.00 14.55  ? 221 GLU A C   1 
ATOM   1440 O O   . GLU A 1 221 ? -3.209  3.536   11.153  1.00 16.55  ? 221 GLU A O   1 
ATOM   1441 C CB  . GLU A 1 221 ? -5.216  5.752   11.387  1.00 11.20  ? 221 GLU A CB  1 
ATOM   1442 C CG  . GLU A 1 221 ? -6.380  5.039   10.726  1.00 22.66  ? 221 GLU A CG  1 
ATOM   1443 C CD  . GLU A 1 221 ? -6.782  5.624   9.393   1.00 40.52  ? 221 GLU A CD  1 
ATOM   1444 O OE1 . GLU A 1 221 ? -6.166  5.251   8.369   1.00 37.57  ? 221 GLU A OE1 1 
ATOM   1445 O OE2 . GLU A 1 221 ? -7.698  6.476   9.376   1.00 31.42  ? 221 GLU A OE2 1 
ATOM   1446 N N   . VAL A 1 222 ? -4.605  2.503   12.593  1.00 9.50   ? 222 VAL A N   1 
ATOM   1447 C CA  . VAL A 1 222 ? -4.188  1.150   12.265  1.00 8.87   ? 222 VAL A CA  1 
ATOM   1448 C C   . VAL A 1 222 ? -5.272  0.453   11.433  1.00 12.46  ? 222 VAL A C   1 
ATOM   1449 O O   . VAL A 1 222 ? -6.451  0.450   11.811  1.00 12.10  ? 222 VAL A O   1 
ATOM   1450 C CB  . VAL A 1 222 ? -3.766  0.378   13.551  1.00 12.25  ? 222 VAL A CB  1 
ATOM   1451 C CG1 . VAL A 1 222 ? -3.343  -1.061  13.245  1.00 11.91  ? 222 VAL A CG1 1 
ATOM   1452 C CG2 . VAL A 1 222 ? -2.641  1.121   14.274  1.00 11.88  ? 222 VAL A CG2 1 
ATOM   1453 N N   . SER A 1 223 ? -4.851  -0.121  10.289  1.00 7.90   ? 223 SER A N   1 
ATOM   1454 C CA  A SER A 1 223 ? -5.729  -0.809  9.344   0.50 7.35   ? 223 SER A CA  1 
ATOM   1455 C CA  B SER A 1 223 ? -5.747  -0.829  9.389   0.50 7.61   ? 223 SER A CA  1 
ATOM   1456 C C   . SER A 1 223 ? -5.129  -2.122  8.851   1.00 12.74  ? 223 SER A C   1 
ATOM   1457 O O   . SER A 1 223 ? -3.915  -2.322  8.934   1.00 13.66  ? 223 SER A O   1 
ATOM   1458 C CB  A SER A 1 223 ? -5.987  0.079   8.125   0.50 9.29   ? 223 SER A CB  1 
ATOM   1459 C CB  B SER A 1 223 ? -6.172  0.081   8.236   0.50 10.57  ? 223 SER A CB  1 
ATOM   1460 O OG  A SER A 1 223 ? -6.436  1.375   8.478   0.50 12.01  ? 223 SER A OG  1 
ATOM   1461 O OG  B SER A 1 223 ? -5.109  0.354   7.340   0.50 16.16  ? 223 SER A OG  1 
ATOM   1462 N N   . LEU A 1 224 ? -5.973  -2.984  8.288   1.00 10.22  ? 224 LEU A N   1 
ATOM   1463 C CA  . LEU A 1 224 ? -5.569  -4.227  7.648   1.00 11.14  ? 224 LEU A CA  1 
ATOM   1464 C C   . LEU A 1 224 ? -5.947  -3.973  6.203   1.00 14.58  ? 224 LEU A C   1 
ATOM   1465 O O   . LEU A 1 224 ? -7.110  -3.645  5.928   1.00 14.09  ? 224 LEU A O   1 
ATOM   1466 C CB  . LEU A 1 224 ? -6.314  -5.477  8.186   1.00 11.35  ? 224 LEU A CB  1 
ATOM   1467 C CG  . LEU A 1 224 ? -5.897  -5.992  9.561   1.00 16.79  ? 224 LEU A CG  1 
ATOM   1468 C CD1 . LEU A 1 224 ? -6.802  -7.118  9.999   1.00 17.29  ? 224 LEU A CD1 1 
ATOM   1469 C CD2 . LEU A 1 224 ? -4.430  -6.453  9.582   1.00 17.49  ? 224 LEU A CD2 1 
ATOM   1470 N N   . VAL A 1 225 ? -4.959  -3.992  5.301   1.00 9.95   ? 225 VAL A N   1 
ATOM   1471 C CA  . VAL A 1 225 ? -5.235  -3.758  3.875   1.00 8.65   ? 225 VAL A CA  1 
ATOM   1472 C C   . VAL A 1 225 ? -5.084  -5.086  3.172   1.00 12.33  ? 225 VAL A C   1 
ATOM   1473 O O   . VAL A 1 225 ? -3.977  -5.610  3.065   1.00 10.80  ? 225 VAL A O   1 
ATOM   1474 C CB  . VAL A 1 225 ? -4.395  -2.619  3.223   1.00 11.53  ? 225 VAL A CB  1 
ATOM   1475 C CG1 . VAL A 1 225 ? -4.639  -2.544  1.710   1.00 10.72  ? 225 VAL A CG1 1 
ATOM   1476 C CG2 . VAL A 1 225 ? -4.694  -1.274  3.881   1.00 11.24  ? 225 VAL A CG2 1 
ATOM   1477 N N   . PHE A 1 226 ? -6.204  -5.654  2.744   1.00 10.36  ? 226 PHE A N   1 
ATOM   1478 C CA  . PHE A 1 226 ? -6.195  -6.932  2.038   1.00 10.40  ? 226 PHE A CA  1 
ATOM   1479 C C   . PHE A 1 226 ? -5.973  -6.695  0.546   1.00 13.24  ? 226 PHE A C   1 
ATOM   1480 O O   . PHE A 1 226 ? -6.529  -5.754  -0.021  1.00 12.05  ? 226 PHE A O   1 
ATOM   1481 C CB  . PHE A 1 226 ? -7.541  -7.658  2.242   1.00 12.02  ? 226 PHE A CB  1 
ATOM   1482 C CG  . PHE A 1 226 ? -7.716  -8.388  3.553   1.00 13.35  ? 226 PHE A CG  1 
ATOM   1483 C CD1 . PHE A 1 226 ? -7.741  -9.781  3.595   1.00 16.14  ? 226 PHE A CD1 1 
ATOM   1484 C CD2 . PHE A 1 226 ? -7.903  -7.689  4.741   1.00 14.58  ? 226 PHE A CD2 1 
ATOM   1485 C CE1 . PHE A 1 226 ? -7.916  -10.457 4.808   1.00 16.61  ? 226 PHE A CE1 1 
ATOM   1486 C CE2 . PHE A 1 226 ? -8.041  -8.369  5.958   1.00 16.43  ? 226 PHE A CE2 1 
ATOM   1487 C CZ  . PHE A 1 226 ? -8.076  -9.745  5.980   1.00 14.09  ? 226 PHE A CZ  1 
ATOM   1488 N N   . LYS A 1 227 ? -5.174  -7.560  -0.090  1.00 9.65   ? 227 LYS A N   1 
ATOM   1489 C CA  . LYS A 1 227 ? -4.957  -7.534  -1.534  1.00 9.03   ? 227 LYS A CA  1 
ATOM   1490 C C   . LYS A 1 227 ? -5.784  -8.700  -2.063  1.00 13.67  ? 227 LYS A C   1 
ATOM   1491 O O   . LYS A 1 227 ? -5.503  -9.853  -1.719  1.00 13.34  ? 227 LYS A O   1 
ATOM   1492 C CB  . LYS A 1 227 ? -3.460  -7.686  -1.900  1.00 9.79   ? 227 LYS A CB  1 
ATOM   1493 C CG  . LYS A 1 227 ? -2.630  -6.394  -1.709  1.00 15.26  ? 227 LYS A CG  1 
ATOM   1494 C CD  . LYS A 1 227 ? -3.059  -5.166  -2.581  1.00 14.28  ? 227 LYS A CD  1 
ATOM   1495 C CE  . LYS A 1 227 ? -3.358  -5.464  -4.047  1.00 10.31  ? 227 LYS A CE  1 
ATOM   1496 N NZ  . LYS A 1 227 ? -3.502  -4.234  -4.864  1.00 13.51  ? 227 LYS A NZ  1 
ATOM   1497 N N   . ILE A 1 228 ? -6.840  -8.401  -2.838  1.00 10.90  ? 228 ILE A N   1 
ATOM   1498 C CA  . ILE A 1 228 ? -7.760  -9.433  -3.333  1.00 10.82  ? 228 ILE A CA  1 
ATOM   1499 C C   . ILE A 1 228 ? -7.666  -9.670  -4.842  1.00 15.50  ? 228 ILE A C   1 
ATOM   1500 O O   . ILE A 1 228 ? -7.838  -8.753  -5.647  1.00 14.99  ? 228 ILE A O   1 
ATOM   1501 C CB  . ILE A 1 228 ? -9.227  -9.149  -2.882  1.00 13.76  ? 228 ILE A CB  1 
ATOM   1502 C CG1 . ILE A 1 228 ? -9.347  -8.820  -1.341  1.00 13.63  ? 228 ILE A CG1 1 
ATOM   1503 C CG2 . ILE A 1 228 ? -10.222 -10.251 -3.345  1.00 13.30  ? 228 ILE A CG2 1 
ATOM   1504 C CD1 . ILE A 1 228 ? -9.095  -9.961  -0.347  1.00 12.74  ? 228 ILE A CD1 1 
ATOM   1505 N N   . LYS A 1 229 ? -7.454  -10.925 -5.215  1.00 12.40  ? 229 LYS A N   1 
ATOM   1506 C CA  . LYS A 1 229 ? -7.436  -11.316 -6.613  1.00 12.66  ? 229 LYS A CA  1 
ATOM   1507 C C   . LYS A 1 229 ? -8.817  -11.918 -6.866  1.00 14.57  ? 229 LYS A C   1 
ATOM   1508 O O   . LYS A 1 229 ? -9.105  -13.019 -6.391  1.00 13.28  ? 229 LYS A O   1 
ATOM   1509 C CB  . LYS A 1 229 ? -6.334  -12.351 -6.827  1.00 16.18  ? 229 LYS A CB  1 
ATOM   1510 C CG  . LYS A 1 229 ? -5.934  -12.576 -8.262  1.00 22.12  ? 229 LYS A CG  1 
ATOM   1511 C CD  . LYS A 1 229 ? -4.904  -13.692 -8.328  1.00 26.06  ? 229 LYS A CD  1 
ATOM   1512 C CE  . LYS A 1 229 ? -3.522  -13.328 -7.839  1.00 20.80  ? 229 LYS A CE  1 
ATOM   1513 N NZ  . LYS A 1 229 ? -2.665  -14.536 -7.759  1.00 18.35  ? 229 LYS A NZ  1 
ATOM   1514 N N   . GLU A 1 230 ? -9.690  -11.157 -7.540  1.00 10.62  ? 230 GLU A N   1 
ATOM   1515 C CA  . GLU A 1 230 ? -11.062 -11.572 -7.823  1.00 9.33   ? 230 GLU A CA  1 
ATOM   1516 C C   . GLU A 1 230 ? -11.177 -12.277 -9.169  1.00 13.01  ? 230 GLU A C   1 
ATOM   1517 O O   . GLU A 1 230 ? -10.648 -11.791 -10.168 1.00 13.20  ? 230 GLU A O   1 
ATOM   1518 C CB  . GLU A 1 230 ? -12.031 -10.375 -7.741  1.00 10.14  ? 230 GLU A CB  1 
ATOM   1519 C CG  . GLU A 1 230 ? -13.492 -10.802 -7.623  1.00 12.55  ? 230 GLU A CG  1 
ATOM   1520 C CD  . GLU A 1 230 ? -14.530 -9.724  -7.370  1.00 23.94  ? 230 GLU A CD  1 
ATOM   1521 O OE1 . GLU A 1 230 ? -14.177 -8.522  -7.333  1.00 9.35   ? 230 GLU A OE1 1 
ATOM   1522 O OE2 . GLU A 1 230 ? -15.704 -10.097 -7.162  1.00 17.37  ? 230 GLU A OE2 1 
ATOM   1523 N N   . PHE A 1 231 ? -11.849 -13.439 -9.179  1.00 9.11   ? 231 PHE A N   1 
ATOM   1524 C CA  . PHE A 1 231 ? -12.093 -14.219 -10.385 1.00 8.87   ? 231 PHE A CA  1 
ATOM   1525 C C   . PHE A 1 231 ? -13.597 -14.211 -10.638 1.00 14.26  ? 231 PHE A C   1 
ATOM   1526 O O   . PHE A 1 231 ? -14.300 -15.170 -10.298 1.00 15.40  ? 231 PHE A O   1 
ATOM   1527 C CB  . PHE A 1 231 ? -11.516 -15.652 -10.255 1.00 10.46  ? 231 PHE A CB  1 
ATOM   1528 C CG  . PHE A 1 231 ? -10.010 -15.699 -10.116 1.00 12.30  ? 231 PHE A CG  1 
ATOM   1529 C CD1 . PHE A 1 231 ? -9.193  -15.770 -11.239 1.00 14.94  ? 231 PHE A CD1 1 
ATOM   1530 C CD2 . PHE A 1 231 ? -9.408  -15.667 -8.861  1.00 14.34  ? 231 PHE A CD2 1 
ATOM   1531 C CE1 . PHE A 1 231 ? -7.800  -15.804 -11.112 1.00 15.79  ? 231 PHE A CE1 1 
ATOM   1532 C CE2 . PHE A 1 231 ? -8.015  -15.728 -8.734  1.00 17.01  ? 231 PHE A CE2 1 
ATOM   1533 C CZ  . PHE A 1 231 ? -7.222  -15.793 -9.864  1.00 15.12  ? 231 PHE A CZ  1 
ATOM   1534 N N   . ALA A 1 232 ? -14.096 -13.081 -11.166 1.00 10.73  ? 232 ALA A N   1 
ATOM   1535 C CA  . ALA A 1 232 ? -15.515 -12.881 -11.470 1.00 10.47  ? 232 ALA A CA  1 
ATOM   1536 C C   . ALA A 1 232 ? -15.788 -13.329 -12.885 1.00 14.58  ? 232 ALA A C   1 
ATOM   1537 O O   . ALA A 1 232 ? -15.156 -12.831 -13.815 1.00 12.88  ? 232 ALA A O   1 
ATOM   1538 C CB  . ALA A 1 232 ? -15.916 -11.428 -11.291 1.00 10.72  ? 232 ALA A CB  1 
ATOM   1539 N N   . PRO A 1 233 ? -16.697 -14.302 -13.074 1.00 11.99  ? 233 PRO A N   1 
ATOM   1540 C CA  . PRO A 1 233 ? -16.968 -14.779 -14.434 1.00 11.98  ? 233 PRO A CA  1 
ATOM   1541 C C   . PRO A 1 233 ? -17.639 -13.737 -15.318 1.00 15.72  ? 233 PRO A C   1 
ATOM   1542 O O   . PRO A 1 233 ? -18.322 -12.832 -14.817 1.00 14.87  ? 233 PRO A O   1 
ATOM   1543 C CB  . PRO A 1 233 ? -17.922 -15.956 -14.200 1.00 13.63  ? 233 PRO A CB  1 
ATOM   1544 C CG  . PRO A 1 233 ? -18.590 -15.654 -12.898 1.00 17.58  ? 233 PRO A CG  1 
ATOM   1545 C CD  . PRO A 1 233 ? -17.527 -15.011 -12.075 1.00 13.36  ? 233 PRO A CD  1 
ATOM   1546 N N   . ASP A 1 234 ? -17.498 -13.904 -16.640 1.00 12.37  ? 234 ASP A N   1 
ATOM   1547 C CA  . ASP A 1 234 ? -18.197 -13.052 -17.594 1.00 12.26  ? 234 ASP A CA  1 
ATOM   1548 C C   . ASP A 1 234 ? -19.589 -13.678 -17.729 1.00 15.88  ? 234 ASP A C   1 
ATOM   1549 O O   . ASP A 1 234 ? -19.885 -14.421 -18.668 1.00 14.31  ? 234 ASP A O   1 
ATOM   1550 C CB  . ASP A 1 234 ? -17.447 -12.934 -18.935 1.00 13.59  ? 234 ASP A CB  1 
ATOM   1551 C CG  . ASP A 1 234 ? -18.141 -12.033 -19.946 1.00 22.35  ? 234 ASP A CG  1 
ATOM   1552 O OD1 . ASP A 1 234 ? -18.830 -11.073 -19.521 1.00 22.55  ? 234 ASP A OD1 1 
ATOM   1553 O OD2 . ASP A 1 234 ? -18.023 -12.303 -21.157 1.00 29.03  ? 234 ASP A OD2 1 
ATOM   1554 N N   . ALA A 1 235 ? -20.400 -13.467 -16.687 1.00 13.40  ? 235 ALA A N   1 
ATOM   1555 C CA  . ALA A 1 235 ? -21.758 -14.004 -16.578 1.00 13.11  ? 235 ALA A CA  1 
ATOM   1556 C C   . ALA A 1 235 ? -22.595 -12.954 -15.841 1.00 16.54  ? 235 ALA A C   1 
ATOM   1557 O O   . ALA A 1 235 ? -22.091 -12.328 -14.908 1.00 17.29  ? 235 ALA A O   1 
ATOM   1558 C CB  . ALA A 1 235 ? -21.738 -15.318 -15.799 1.00 13.66  ? 235 ALA A CB  1 
ATOM   1559 N N   . PRO A 1 236 ? -23.847 -12.686 -16.254 1.00 11.84  ? 236 PRO A N   1 
ATOM   1560 C CA  . PRO A 1 236 ? -24.615 -11.636 -15.577 1.00 10.75  ? 236 PRO A CA  1 
ATOM   1561 C C   . PRO A 1 236 ? -25.299 -12.129 -14.308 1.00 13.84  ? 236 PRO A C   1 
ATOM   1562 O O   . PRO A 1 236 ? -25.346 -13.340 -14.045 1.00 12.12  ? 236 PRO A O   1 
ATOM   1563 C CB  . PRO A 1 236 ? -25.662 -11.273 -16.628 1.00 12.26  ? 236 PRO A CB  1 
ATOM   1564 C CG  . PRO A 1 236 ? -25.954 -12.574 -17.277 1.00 16.74  ? 236 PRO A CG  1 
ATOM   1565 C CD  . PRO A 1 236 ? -24.628 -13.288 -17.356 1.00 12.70  ? 236 PRO A CD  1 
ATOM   1566 N N   . LEU A 1 237 ? -25.891 -11.181 -13.557 1.00 10.90  ? 237 LEU A N   1 
ATOM   1567 C CA  . LEU A 1 237 ? -26.714 -11.512 -12.405 1.00 10.71  ? 237 LEU A CA  1 
ATOM   1568 C C   . LEU A 1 237 ? -28.164 -11.459 -12.902 1.00 13.63  ? 237 LEU A C   1 
ATOM   1569 O O   . LEU A 1 237 ? -28.591 -10.439 -13.449 1.00 13.13  ? 237 LEU A O   1 
ATOM   1570 C CB  . LEU A 1 237 ? -26.479 -10.545 -11.224 1.00 10.10  ? 237 LEU A CB  1 
ATOM   1571 C CG  . LEU A 1 237 ? -27.329 -10.746 -9.952  1.00 13.50  ? 237 LEU A CG  1 
ATOM   1572 C CD1 . LEU A 1 237 ? -27.088 -12.113 -9.284  1.00 13.39  ? 237 LEU A CD1 1 
ATOM   1573 C CD2 . LEU A 1 237 ? -27.075 -9.636  -8.944  1.00 13.13  ? 237 LEU A CD2 1 
ATOM   1574 N N   . PHE A 1 238 ? -28.902 -12.569 -12.749 1.00 9.59   ? 238 PHE A N   1 
ATOM   1575 C CA  . PHE A 1 238 ? -30.312 -12.635 -13.147 1.00 9.37   ? 238 PHE A CA  1 
ATOM   1576 C C   . PHE A 1 238 ? -31.200 -12.715 -11.916 1.00 13.58  ? 238 PHE A C   1 
ATOM   1577 O O   . PHE A 1 238 ? -30.805 -13.329 -10.927 1.00 13.44  ? 238 PHE A O   1 
ATOM   1578 C CB  . PHE A 1 238 ? -30.587 -13.882 -14.021 1.00 10.02  ? 238 PHE A CB  1 
ATOM   1579 C CG  . PHE A 1 238 ? -30.008 -13.907 -15.414 1.00 10.49  ? 238 PHE A CG  1 
ATOM   1580 C CD1 . PHE A 1 238 ? -30.036 -12.771 -16.219 1.00 13.18  ? 238 PHE A CD1 1 
ATOM   1581 C CD2 . PHE A 1 238 ? -29.574 -15.100 -15.981 1.00 12.01  ? 238 PHE A CD2 1 
ATOM   1582 C CE1 . PHE A 1 238 ? -29.546 -12.813 -17.526 1.00 13.82  ? 238 PHE A CE1 1 
ATOM   1583 C CE2 . PHE A 1 238 ? -29.078 -15.139 -17.287 1.00 13.96  ? 238 PHE A CE2 1 
ATOM   1584 C CZ  . PHE A 1 238 ? -29.062 -13.994 -18.049 1.00 11.87  ? 238 PHE A CZ  1 
ATOM   1585 N N   . SER A 1 239 ? -32.414 -12.143 -11.992 1.00 10.31  ? 239 SER A N   1 
ATOM   1586 C CA  . SER A 1 239 ? -33.421 -12.283 -10.939 1.00 11.17  ? 239 SER A CA  1 
ATOM   1587 C C   . SER A 1 239 ? -33.976 -13.702 -11.094 1.00 15.97  ? 239 SER A C   1 
ATOM   1588 O O   . SER A 1 239 ? -34.065 -14.205 -12.216 1.00 14.96  ? 239 SER A O   1 
ATOM   1589 C CB  . SER A 1 239 ? -34.572 -11.307 -11.163 1.00 16.40  ? 239 SER A CB  1 
ATOM   1590 O OG  . SER A 1 239 ? -34.217 -9.949  -10.978 1.00 23.76  ? 239 SER A OG  1 
ATOM   1591 N N   . GLY A 1 240 ? -34.329 -14.339 -9.987  1.00 14.24  ? 240 GLY A N   1 
ATOM   1592 C CA  . GLY A 1 240 ? -34.902 -15.677 -10.021 1.00 13.94  ? 240 GLY A CA  1 
ATOM   1593 C C   . GLY A 1 240 ? -36.309 -15.664 -10.606 1.00 17.74  ? 240 GLY A C   1 
ATOM   1594 O O   . GLY A 1 240 ? -37.096 -14.773 -10.270 1.00 16.37  ? 240 GLY A O   1 
ATOM   1595 N N   . PRO A 1 241 ? -36.671 -16.619 -11.504 1.00 14.81  ? 241 PRO A N   1 
ATOM   1596 C CA  . PRO A 1 241 ? -35.851 -17.724 -12.027 1.00 14.34  ? 241 PRO A CA  1 
ATOM   1597 C C   . PRO A 1 241 ? -35.000 -17.246 -13.199 1.00 16.96  ? 241 PRO A C   1 
ATOM   1598 O O   . PRO A 1 241 ? -35.408 -16.318 -13.896 1.00 15.04  ? 241 PRO A O   1 
ATOM   1599 C CB  . PRO A 1 241 ? -36.911 -18.724 -12.503 1.00 16.60  ? 241 PRO A CB  1 
ATOM   1600 C CG  . PRO A 1 241 ? -38.034 -17.836 -13.019 1.00 21.01  ? 241 PRO A CG  1 
ATOM   1601 C CD  . PRO A 1 241 ? -38.030 -16.625 -12.099 1.00 16.62  ? 241 PRO A CD  1 
ATOM   1602 N N   . ALA A 1 242 ? -33.836 -17.867 -13.433 1.00 13.84  ? 242 ALA A N   1 
ATOM   1603 C CA  . ALA A 1 242 ? -33.039 -17.457 -14.583 1.00 13.93  ? 242 ALA A CA  1 
ATOM   1604 C C   . ALA A 1 242 ? -33.599 -18.102 -15.836 1.00 17.34  ? 242 ALA A C   1 
ATOM   1605 O O   . ALA A 1 242 ? -33.882 -19.305 -15.829 1.00 17.03  ? 242 ALA A O   1 
ATOM   1606 C CB  . ALA A 1 242 ? -31.590 -17.839 -14.395 1.00 14.74  ? 242 ALA A CB  1 
ATOM   1607 N N   . TYR A 1 243 ? -33.791 -17.290 -16.899 1.00 13.80  ? 243 TYR A N   1 
ATOM   1608 C CA  . TYR A 1 243 ? -34.377 -17.676 -18.197 1.00 15.37  ? 243 TYR A CA  1 
ATOM   1609 C C   . TYR A 1 243 ? -35.839 -18.166 -18.072 1.00 15.09  ? 243 TYR A C   1 
ATOM   1610 O O   . TYR A 1 243 ? -36.474 -18.417 -19.115 1.00 19.89  ? 243 TYR A O   1 
ATOM   1611 C CB  . TYR A 1 243 ? -33.517 -18.711 -18.957 1.00 16.16  ? 243 TYR A CB  1 
ATOM   1612 C CG  . TYR A 1 243 ? -32.095 -18.280 -19.245 1.00 17.60  ? 243 TYR A CG  1 
ATOM   1613 C CD1 . TYR A 1 243 ? -31.811 -17.372 -20.262 1.00 18.33  ? 243 TYR A CD1 1 
ATOM   1614 C CD2 . TYR A 1 243 ? -31.023 -18.844 -18.557 1.00 18.47  ? 243 TYR A CD2 1 
ATOM   1615 C CE1 . TYR A 1 243 ? -30.500 -16.992 -20.547 1.00 18.52  ? 243 TYR A CE1 1 
ATOM   1616 C CE2 . TYR A 1 243 ? -29.712 -18.467 -18.829 1.00 19.26  ? 243 TYR A CE2 1 
ATOM   1617 C CZ  . TYR A 1 243 ? -29.454 -17.550 -19.834 1.00 23.80  ? 243 TYR A CZ  1 
ATOM   1618 O OH  . TYR A 1 243 ? -28.160 -17.183 -20.099 1.00 24.47  ? 243 TYR A OH  1 
ATOM   1619 O OXT . TYR A 1 243 ? -36.365 -18.268 -16.944 1.00 28.27  ? 243 TYR A OXT 1 
HETATM 1620 S S   . SO4 B 2 .   ? 16.423  24.179  -33.738 0.33 88.94  ? 244 SO4 A S   1 
HETATM 1621 O O1  . SO4 B 2 .   ? 15.655  24.321  -34.979 0.33 93.35  ? 244 SO4 A O1  1 
HETATM 1622 O O2  . SO4 B 2 .   ? 15.517  24.282  -32.592 0.33 93.63  ? 244 SO4 A O2  1 
HETATM 1623 O O3  . SO4 B 2 .   ? 17.086  22.873  -33.723 0.33 94.70  ? 244 SO4 A O3  1 
HETATM 1624 O O4  . SO4 B 2 .   ? 17.430  25.240  -33.663 0.33 94.15  ? 244 SO4 A O4  1 
HETATM 1625 O O   . HOH C 3 .   ? -15.597 -10.801 16.688  1.00 7.71   ? 245 HOH A O   1 
HETATM 1626 O O   . HOH C 3 .   ? -38.893 -19.370 -18.975 1.00 14.77  ? 246 HOH A O   1 
HETATM 1627 O O   . HOH C 3 .   ? -20.090 -8.052  -1.557  1.00 13.80  ? 247 HOH A O   1 
HETATM 1628 O O   . HOH C 3 .   ? -12.428 -11.225 -12.239 1.00 11.75  ? 248 HOH A O   1 
HETATM 1629 O O   . HOH C 3 .   ? -0.289  -5.953  -6.019  1.00 12.20  ? 249 HOH A O   1 
HETATM 1630 O O   . HOH C 3 .   ? -31.024 -12.790 -8.396  1.00 10.08  ? 250 HOH A O   1 
HETATM 1631 O O   . HOH C 3 .   ? -10.640 -0.027  0.721   1.00 9.09   ? 251 HOH A O   1 
HETATM 1632 O O   . HOH C 3 .   ? -17.965 -16.476 14.257  1.00 17.43  ? 252 HOH A O   1 
HETATM 1633 O O   . HOH C 3 .   ? -14.276 -6.145  -8.560  1.00 12.01  ? 253 HOH A O   1 
HETATM 1634 O O   . HOH C 3 .   ? -8.096  -11.389 -11.571 1.00 19.09  ? 254 HOH A O   1 
HETATM 1635 O O   . HOH C 3 .   ? 10.896  8.936   19.585  1.00 21.42  ? 255 HOH A O   1 
HETATM 1636 O O   . HOH C 3 .   ? 14.737  0.139   17.140  1.00 20.55  ? 256 HOH A O   1 
HETATM 1637 O O   . HOH C 3 .   ? -6.325  27.519  -51.696 1.00 28.62  ? 257 HOH A O   1 
HETATM 1638 O O   . HOH C 3 .   ? 8.190   7.029   24.770  1.00 17.23  ? 258 HOH A O   1 
HETATM 1639 O O   . HOH C 3 .   ? 8.639   10.068  8.332   1.00 20.96  ? 259 HOH A O   1 
HETATM 1640 O O   . HOH C 3 .   ? 13.988  10.567  18.862  1.00 8.39   ? 260 HOH A O   1 
HETATM 1641 O O   . HOH C 3 .   ? -13.639 -8.696  -2.257  1.00 23.39  ? 261 HOH A O   1 
HETATM 1642 O O   . HOH C 3 .   ? -4.365  3.048   8.576   1.00 11.32  ? 262 HOH A O   1 
HETATM 1643 O O   . HOH C 3 .   ? 3.509   16.329  18.111  1.00 13.16  ? 263 HOH A O   1 
HETATM 1644 O O   . HOH C 3 .   ? -21.109 -6.194  2.848   1.00 15.97  ? 264 HOH A O   1 
HETATM 1645 O O   . HOH C 3 .   ? -4.033  -1.275  -7.943  1.00 26.22  ? 265 HOH A O   1 
HETATM 1646 O O   . HOH C 3 .   ? 14.008  14.904  10.964  1.00 24.74  ? 266 HOH A O   1 
HETATM 1647 O O   . HOH C 3 .   ? -16.983 -17.500 -8.917  1.00 20.03  ? 267 HOH A O   1 
HETATM 1648 O O   . HOH C 3 .   ? 19.029  4.204   21.699  1.00 19.41  ? 268 HOH A O   1 
HETATM 1649 O O   . HOH C 3 .   ? 11.774  16.245  9.065   1.00 28.37  ? 269 HOH A O   1 
HETATM 1650 O O   . HOH C 3 .   ? -15.558 -4.690  8.866   1.00 16.32  ? 270 HOH A O   1 
HETATM 1651 O O   . HOH C 3 .   ? 3.290   19.322  12.286  1.00 25.99  ? 271 HOH A O   1 
HETATM 1652 O O   . HOH C 3 .   ? 2.361   15.035  10.673  1.00 30.71  ? 272 HOH A O   1 
HETATM 1653 O O   . HOH C 3 .   ? 4.455   16.516  -57.591 1.00 21.98  ? 273 HOH A O   1 
HETATM 1654 O O   . HOH C 3 .   ? -1.063  -17.345 -6.417  1.00 30.61  ? 274 HOH A O   1 
HETATM 1655 O O   . HOH C 3 .   ? 4.590   17.660  -55.168 1.00 24.08  ? 275 HOH A O   1 
HETATM 1656 O O   . HOH C 3 .   ? -4.364  17.731  -59.112 1.00 39.01  ? 276 HOH A O   1 
HETATM 1657 O O   . HOH C 3 .   ? -13.371 -9.680  0.027   1.00 38.92  ? 277 HOH A O   1 
HETATM 1658 O O   . HOH C 3 .   ? -2.810  9.024   11.792  1.00 15.48  ? 278 HOH A O   1 
HETATM 1659 O O   . HOH C 3 .   ? -20.358 -12.225 -12.687 1.00 22.57  ? 279 HOH A O   1 
HETATM 1660 O O   . HOH C 3 .   ? 0.141   16.544  10.985  1.00 42.34  ? 280 HOH A O   1 
HETATM 1661 O O   . HOH C 3 .   ? -6.173  -1.786  -6.777  1.00 30.06  ? 281 HOH A O   1 
HETATM 1662 O O   . HOH C 3 .   ? -6.931  -17.087 -0.559  1.00 32.94  ? 282 HOH A O   1 
HETATM 1663 O O   . HOH C 3 .   ? 2.745   24.920  -59.390 1.00 39.33  ? 283 HOH A O   1 
HETATM 1664 O O   . HOH C 3 .   ? -15.365 -12.580 -4.621  1.00 39.08  ? 284 HOH A O   1 
HETATM 1665 O O   . HOH C 3 .   ? -13.516 0.074   9.705   1.00 21.59  ? 285 HOH A O   1 
HETATM 1666 O O   . HOH C 3 .   ? -12.870 1.111   7.301   1.00 13.00  ? 286 HOH A O   1 
HETATM 1667 O O   . HOH C 3 .   ? -19.055 -6.639  0.461   1.00 27.04  ? 287 HOH A O   1 
HETATM 1668 O O   . HOH C 3 .   ? -20.065 -9.885  -17.424 1.00 45.47  ? 288 HOH A O   1 
HETATM 1669 O O   . HOH C 3 .   ? 15.919  11.571  9.360   1.00 35.95  ? 289 HOH A O   1 
HETATM 1670 O O   . HOH C 3 .   ? 18.666  2.314   10.591  1.00 37.47  ? 290 HOH A O   1 
HETATM 1671 O O   . HOH C 3 .   ? 24.986  -3.511  -14.439 1.00 60.20  ? 291 HOH A O   1 
HETATM 1672 O O   . HOH C 3 .   ? -0.700  17.953  -63.736 1.00 36.07  ? 292 HOH A O   1 
HETATM 1673 O O   . HOH C 3 .   ? -3.596  -16.083 21.688  1.00 48.01  ? 293 HOH A O   1 
HETATM 1674 O O   . HOH C 3 .   ? 17.517  2.127   7.939   1.00 43.56  ? 294 HOH A O   1 
HETATM 1675 O O   . HOH C 3 .   ? -16.847 -21.780 4.566   1.00 41.45  ? 295 HOH A O   1 
HETATM 1676 O O   . HOH C 3 .   ? -15.310 -20.081 3.036   1.00 48.35  ? 296 HOH A O   1 
HETATM 1677 O O   . HOH C 3 .   ? -14.415 -17.156 3.053   1.00 38.83  ? 297 HOH A O   1 
HETATM 1678 O O   . HOH C 3 .   ? -3.169  15.934  13.175  1.00 34.63  ? 298 HOH A O   1 
HETATM 1679 O O   . HOH C 3 .   ? -7.817  -19.576 -2.880  1.00 56.99  ? 299 HOH A O   1 
HETATM 1680 O O   . HOH C 3 .   ? 9.040   17.578  25.185  1.00 32.22  ? 300 HOH A O   1 
HETATM 1681 O O   . HOH C 3 .   ? -17.666 -20.470 -8.104  1.00 53.23  ? 301 HOH A O   1 
HETATM 1682 O O   . HOH C 3 .   ? 7.637   19.587  24.230  1.00 48.28  ? 302 HOH A O   1 
HETATM 1683 O O   . HOH C 3 .   ? 6.675   -16.366 21.107  1.00 47.46  ? 303 HOH A O   1 
HETATM 1684 O O   . HOH C 3 .   ? -0.518  -14.430 22.085  1.00 44.60  ? 304 HOH A O   1 
HETATM 1685 O O   . HOH C 3 .   ? -11.718 -18.410 3.708   1.00 51.82  ? 305 HOH A O   1 
HETATM 1686 O O   . HOH C 3 .   ? 9.594   -6.178  23.549  1.00 21.31  ? 306 HOH A O   1 
HETATM 1687 O O   . HOH C 3 .   ? 19.351  7.995   -28.253 1.00 49.84  ? 307 HOH A O   1 
HETATM 1688 O O   . HOH C 3 .   ? 15.678  7.839   4.272   1.00 48.57  ? 308 HOH A O   1 
HETATM 1689 O O   . HOH C 3 .   ? 3.375   -15.184 9.358   1.00 67.88  ? 309 HOH A O   1 
HETATM 1690 O O   . HOH C 3 .   ? 13.441  -0.854  -22.499 1.00 35.62  ? 310 HOH A O   1 
HETATM 1691 O O   . HOH C 3 .   ? 3.719   16.125  -42.306 1.00 42.28  ? 311 HOH A O   1 
HETATM 1692 O O   . HOH C 3 .   ? 0.655   -15.060 10.659  1.00 44.49  ? 312 HOH A O   1 
HETATM 1693 O O   . HOH C 3 .   ? -0.149  -9.731  24.436  1.00 33.09  ? 313 HOH A O   1 
HETATM 1694 O O   . HOH C 3 .   ? 15.121  2.701   6.856   1.00 23.96  ? 314 HOH A O   1 
HETATM 1695 O O   . HOH C 3 .   ? 1.221   -12.514 11.657  1.00 38.64  ? 315 HOH A O   1 
HETATM 1696 O O   . HOH C 3 .   ? 0.744   -8.901  21.999  1.00 23.42  ? 316 HOH A O   1 
HETATM 1697 O O   . HOH C 3 .   ? 15.595  9.911   25.987  1.00 46.06  ? 317 HOH A O   1 
HETATM 1698 O O   . HOH C 3 .   ? 20.510  9.858   -30.915 1.00 46.74  ? 318 HOH A O   1 
HETATM 1699 O O   . HOH C 3 .   ? 1.436   -16.432 20.003  1.00 59.73  ? 319 HOH A O   1 
HETATM 1700 O O   . HOH C 3 .   ? 4.031   -16.847 21.452  1.00 70.02  ? 320 HOH A O   1 
HETATM 1701 O O   . HOH C 3 .   ? -0.514  4.571   -1.399  1.00 39.92  ? 321 HOH A O   1 
HETATM 1702 O O   . HOH C 3 .   ? 9.090   17.061  8.226   1.00 45.83  ? 322 HOH A O   1 
HETATM 1703 O O   . HOH C 3 .   ? 10.005  11.834  20.206  1.00 10.45  ? 323 HOH A O   1 
HETATM 1704 O O   . HOH C 3 .   ? -22.287 -8.994  7.082   1.00 32.08  ? 324 HOH A O   1 
HETATM 1705 O O   . HOH C 3 .   ? -13.729 -2.898  9.647   1.00 36.03  ? 325 HOH A O   1 
HETATM 1706 O O   . HOH C 3 .   ? -8.606  -8.693  -8.826  1.00 19.18  ? 326 HOH A O   1 
HETATM 1707 O O   . HOH C 3 .   ? 5.881   -11.565 3.234   1.00 35.49  ? 327 HOH A O   1 
HETATM 1708 O O   . HOH C 3 .   ? 5.723   15.943  11.053  1.00 29.53  ? 328 HOH A O   1 
HETATM 1709 O O   . HOH C 3 .   ? 5.896   -5.576  -3.978  1.00 24.12  ? 329 HOH A O   1 
HETATM 1710 O O   . HOH C 3 .   ? 3.456   -16.929 24.109  1.00 45.31  ? 330 HOH A O   1 
# 
